data_3Q9I
# 
_entry.id   3Q9I 
# 
_audit_conform.dict_name       mmcif_pdbx.dic 
_audit_conform.dict_version    5.381 
_audit_conform.dict_location   http://mmcif.pdb.org/dictionaries/ascii/mmcif_pdbx.dic 
# 
loop_
_database_2.database_id 
_database_2.database_code 
_database_2.pdbx_database_accession 
_database_2.pdbx_DOI 
PDB   3Q9I         pdb_00003q9i 10.2210/pdb3q9i/pdb 
RCSB  RCSB063363   ?            ?                   
WWPDB D_1000063363 ?            ?                   
# 
loop_
_pdbx_database_related.db_name 
_pdbx_database_related.db_id 
_pdbx_database_related.details 
_pdbx_database_related.content_type 
PDB 3Q9G 'amyloidogenic segments on 42-membered macrocycle framework' unspecified 
PDB 3Q9H .                                                            unspecified 
PDB 3Q9J .                                                            unspecified 
# 
_pdbx_database_status.entry_id                        3Q9I 
_pdbx_database_status.status_code                     REL 
_pdbx_database_status.deposit_site                    RCSB 
_pdbx_database_status.process_site                    RCSB 
_pdbx_database_status.recvd_initial_deposition_date   2011-01-07 
_pdbx_database_status.status_code_sf                  REL 
_pdbx_database_status.status_code_mr                  ? 
_pdbx_database_status.SG_entry                        ? 
_pdbx_database_status.status_code_cs                  ? 
_pdbx_database_status.pdb_format_compatible           Y 
_pdbx_database_status.status_code_nmr_data            ? 
_pdbx_database_status.methods_development_category    ? 
# 
loop_
_audit_author.name 
_audit_author.pdbx_ordinal 
'Liu, C.'       1 
'Sawaya, M.R.'  2 
'Eisenberg, D.' 3 
'Nowick, J.S.'  4 
'Cheng, P.'     5 
'Zheng, J.'     6 
# 
_citation.id                        primary 
_citation.title                     
'Characteristics of Amyloid-Related Oligomers Revealed by Crystal Structures of Macrocyclic beta-Sheet Mimics.' 
_citation.journal_abbrev            J.Am.Chem.Soc. 
_citation.journal_volume            133 
_citation.page_first                6736 
_citation.page_last                 6744 
_citation.year                      2011 
_citation.journal_id_ASTM           JACSAT 
_citation.country                   US 
_citation.journal_id_ISSN           0002-7863 
_citation.journal_id_CSD            0004 
_citation.book_publisher            ? 
_citation.pdbx_database_id_PubMed   21473620 
_citation.pdbx_database_id_DOI      10.1021/ja200222n 
# 
loop_
_citation_author.citation_id 
_citation_author.name 
_citation_author.ordinal 
_citation_author.identifier_ORCID 
primary 'Liu, C.'       1 ? 
primary 'Sawaya, M.R.'  2 ? 
primary 'Cheng, P.N.'   3 ? 
primary 'Zheng, J.'     4 ? 
primary 'Nowick, J.S.'  5 ? 
primary 'Eisenberg, D.' 6 ? 
# 
_cell.entry_id           3Q9I 
_cell.length_a           58.980 
_cell.length_b           58.980 
_cell.length_c           128.511 
_cell.angle_alpha        90.00 
_cell.angle_beta         90.00 
_cell.angle_gamma        90.00 
_cell.Z_PDB              64 
_cell.pdbx_unique_axis   ? 
_cell.length_a_esd       ? 
_cell.length_b_esd       ? 
_cell.length_c_esd       ? 
_cell.angle_alpha_esd    ? 
_cell.angle_beta_esd     ? 
_cell.angle_gamma_esd    ? 
# 
_symmetry.entry_id                         3Q9I 
_symmetry.space_group_name_H-M             'P 43 21 2' 
_symmetry.pdbx_full_space_group_name_H-M   ? 
_symmetry.cell_setting                     ? 
_symmetry.Int_Tables_number                96 
_symmetry.space_group_name_Hall            ? 
# 
loop_
_entity.id 
_entity.type 
_entity.src_method 
_entity.pdbx_description 
_entity.formula_weight 
_entity.pdbx_number_of_molecules 
_entity.pdbx_ec 
_entity.pdbx_mutation 
_entity.pdbx_fragment 
_entity.details 
1 polymer     syn 'Cyclic pseudo-peptide LV(4BF)FA(ORN)(HAO)LK(ORN)' 1380.450 8  ? ? ? 
;LVFFA segment from Alzheimer's Amyloid-Beta displayed on 42-membered macrocycle scaffold
;
2 non-polymer syn 'CHLORIDE ION'                                     35.453   7  ? ? ? ? 
3 non-polymer syn GLYCEROL                                           92.094   3  ? ? ? ? 
4 non-polymer syn 'ISOPROPYL ALCOHOL'                                60.095   2  ? ? ? ? 
5 water       nat water                                              18.015   43 ? ? ? ? 
# 
_entity_poly.entity_id                      1 
_entity_poly.type                           'polypeptide(L)' 
_entity_poly.nstd_linkage                   no 
_entity_poly.nstd_monomer                   yes 
_entity_poly.pdbx_seq_one_letter_code       'LV(4BF)FA(ORN)(HAO)LK(ORN)' 
_entity_poly.pdbx_seq_one_letter_code_can   LVYFAAXLKA 
_entity_poly.pdbx_strand_id                 A,B,C,D,E,F,G,H 
_entity_poly.pdbx_target_identifier         ? 
# 
loop_
_entity_poly_seq.entity_id 
_entity_poly_seq.num 
_entity_poly_seq.mon_id 
_entity_poly_seq.hetero 
1 1  LEU n 
1 2  VAL n 
1 3  4BF n 
1 4  PHE n 
1 5  ALA n 
1 6  ORN n 
1 7  HAO n 
1 8  LEU n 
1 9  LYS n 
1 10 ORN n 
# 
_struct_ref.id                         1 
_struct_ref.db_name                    PDB 
_struct_ref.db_code                    3Q9I 
_struct_ref.pdbx_db_accession          3Q9I 
_struct_ref.entity_id                  1 
_struct_ref.pdbx_align_begin           ? 
_struct_ref.pdbx_seq_one_letter_code   ? 
_struct_ref.pdbx_db_isoform            ? 
# 
loop_
_struct_ref_seq.align_id 
_struct_ref_seq.ref_id 
_struct_ref_seq.pdbx_PDB_id_code 
_struct_ref_seq.pdbx_strand_id 
_struct_ref_seq.seq_align_beg 
_struct_ref_seq.pdbx_seq_align_beg_ins_code 
_struct_ref_seq.seq_align_end 
_struct_ref_seq.pdbx_seq_align_end_ins_code 
_struct_ref_seq.pdbx_db_accession 
_struct_ref_seq.db_align_beg 
_struct_ref_seq.pdbx_db_align_beg_ins_code 
_struct_ref_seq.db_align_end 
_struct_ref_seq.pdbx_db_align_end_ins_code 
_struct_ref_seq.pdbx_auth_seq_align_beg 
_struct_ref_seq.pdbx_auth_seq_align_end 
1 1 3Q9I A 1 ? 10 ? 3Q9I 1 ? 10 ? 1 10 
2 1 3Q9I B 1 ? 10 ? 3Q9I 1 ? 10 ? 1 10 
3 1 3Q9I C 1 ? 10 ? 3Q9I 1 ? 10 ? 1 10 
4 1 3Q9I D 1 ? 10 ? 3Q9I 1 ? 10 ? 1 10 
5 1 3Q9I E 1 ? 10 ? 3Q9I 1 ? 10 ? 1 10 
6 1 3Q9I F 1 ? 10 ? 3Q9I 1 ? 10 ? 1 10 
7 1 3Q9I G 1 ? 10 ? 3Q9I 1 ? 10 ? 1 10 
8 1 3Q9I H 1 ? 10 ? 3Q9I 1 ? 10 ? 1 10 
# 
loop_
_chem_comp.id 
_chem_comp.type 
_chem_comp.mon_nstd_flag 
_chem_comp.name 
_chem_comp.pdbx_synonyms 
_chem_comp.formula 
_chem_comp.formula_weight 
4BF 'L-peptide linking' n 4-BROMO-L-PHENYLALANINE                                          P-BROMO-L-PHENYLALANINE         
'C9 H10 Br N O2' 244.085 
ALA 'L-peptide linking' y ALANINE                                                          ?                               
'C3 H7 N O2'     89.093  
CL  non-polymer         . 'CHLORIDE ION'                                                   ?                               'Cl -1' 
35.453  
GOL non-polymer         . GLYCEROL                                                         'GLYCERIN; PROPANE-1,2,3-TRIOL' 
'C3 H8 O3'       92.094  
HAO peptide-like        . '{[3-(hydrazinocarbonyl)-4-methoxyphenyl]amino}(oxo)acetic acid' ?                               
'C10 H11 N3 O5'  253.211 
HOH non-polymer         . WATER                                                            ?                               'H2 O' 
18.015  
IPA non-polymer         . 'ISOPROPYL ALCOHOL'                                              2-PROPANOL                      
'C3 H8 O'        60.095  
LEU 'L-peptide linking' y LEUCINE                                                          ?                               
'C6 H13 N O2'    131.173 
LYS 'L-peptide linking' y LYSINE                                                           ?                               
'C6 H15 N2 O2 1' 147.195 
ORN 'L-peptide linking' n L-ornithine                                                      ?                               
'C5 H12 N2 O2'   132.161 
PHE 'L-peptide linking' y PHENYLALANINE                                                    ?                               
'C9 H11 N O2'    165.189 
VAL 'L-peptide linking' y VALINE                                                           ?                               
'C5 H11 N O2'    117.146 
# 
_exptl.entry_id          3Q9I 
_exptl.method            'X-RAY DIFFRACTION' 
_exptl.crystals_number   1 
# 
_exptl_crystal.id                    1 
_exptl_crystal.density_meas          ? 
_exptl_crystal.density_Matthews      5.06 
_exptl_crystal.density_percent_sol   75.69 
_exptl_crystal.description           ? 
_exptl_crystal.F_000                 ? 
_exptl_crystal.preparation           ? 
# 
_exptl_crystal_grow.crystal_id      1 
_exptl_crystal_grow.method          'VAPOR DIFFUSION, SITTING DROP' 
_exptl_crystal_grow.temp            291 
_exptl_crystal_grow.temp_details    ? 
_exptl_crystal_grow.pH              4.6 
_exptl_crystal_grow.pdbx_pH_range   ? 
_exptl_crystal_grow.pdbx_details    
;0.1 M sodium acetate pH 4.6, 0.17 mM calcium chloride dehydrate, 20% (v/v) 2-propanol, VAPOR DIFFUSION, SITTING DROP, temperature 291K
;
# 
_diffrn.id                     1 
_diffrn.ambient_temp           100 
_diffrn.ambient_temp_details   ? 
_diffrn.crystal_id             1 
# 
_diffrn_detector.diffrn_id              1 
_diffrn_detector.detector               CCD 
_diffrn_detector.type                   'ADSC QUANTUM 315' 
_diffrn_detector.pdbx_collection_date   2010-04-25 
_diffrn_detector.details                ? 
# 
_diffrn_radiation.diffrn_id                        1 
_diffrn_radiation.wavelength_id                    1 
_diffrn_radiation.pdbx_monochromatic_or_laue_m_l   M 
_diffrn_radiation.monochromator                    ? 
_diffrn_radiation.pdbx_diffrn_protocol             'SINGLE WAVELENGTH' 
_diffrn_radiation.pdbx_scattering_type             x-ray 
# 
_diffrn_radiation_wavelength.id           1 
_diffrn_radiation_wavelength.wavelength   0.9794 
_diffrn_radiation_wavelength.wt           1.0 
# 
_diffrn_source.diffrn_id                   1 
_diffrn_source.source                      SYNCHROTRON 
_diffrn_source.type                        'APS BEAMLINE 24-ID-C' 
_diffrn_source.pdbx_synchrotron_site       APS 
_diffrn_source.pdbx_synchrotron_beamline   24-ID-C 
_diffrn_source.pdbx_wavelength             ? 
_diffrn_source.pdbx_wavelength_list        0.9794 
# 
_reflns.entry_id                     3Q9I 
_reflns.observed_criterion_sigma_I   ? 
_reflns.observed_criterion_sigma_F   ? 
_reflns.d_resolution_low             80.000 
_reflns.d_resolution_high            2.000 
_reflns.number_obs                   16219 
_reflns.number_all                   ? 
_reflns.percent_possible_obs         100.000 
_reflns.pdbx_Rmerge_I_obs            0.065 
_reflns.pdbx_Rsym_value              ? 
_reflns.pdbx_netI_over_sigmaI        14.200 
_reflns.B_iso_Wilson_estimate        ? 
_reflns.pdbx_redundancy              13.600 
_reflns.R_free_details               ? 
_reflns.limit_h_max                  ? 
_reflns.limit_h_min                  ? 
_reflns.limit_k_max                  ? 
_reflns.limit_k_min                  ? 
_reflns.limit_l_max                  ? 
_reflns.limit_l_min                  ? 
_reflns.observed_criterion_F_max     ? 
_reflns.observed_criterion_F_min     ? 
_reflns.pdbx_chi_squared             ? 
_reflns.pdbx_scaling_rejects         ? 
_reflns.pdbx_ordinal                 1 
_reflns.pdbx_diffrn_id               1 
# 
loop_
_reflns_shell.d_res_high 
_reflns_shell.d_res_low 
_reflns_shell.percent_possible_all 
_reflns_shell.Rmerge_I_obs 
_reflns_shell.pdbx_Rsym_value 
_reflns_shell.meanI_over_sigI_obs 
_reflns_shell.pdbx_redundancy 
_reflns_shell.percent_possible_obs 
_reflns_shell.number_unique_all 
_reflns_shell.number_measured_all 
_reflns_shell.number_measured_obs 
_reflns_shell.number_unique_obs 
_reflns_shell.pdbx_chi_squared 
_reflns_shell.pdbx_ordinal 
_reflns_shell.pdbx_diffrn_id 
2.000 2.070  100.000 0.478 ? ? 14.000 ? ? ? ? ? ? 1  1 
2.070 2.150  100.000 0.345 ? ? 14.000 ? ? ? ? ? ? 2  1 
2.150 2.250  100.000 0.283 ? ? 13.900 ? ? ? ? ? ? 3  1 
2.250 2.370  100.000 0.232 ? ? 13.900 ? ? ? ? ? ? 4  1 
2.370 2.520  100.000 0.162 ? ? 13.800 ? ? ? ? ? ? 5  1 
2.520 2.710  100.000 0.122 ? ? 13.800 ? ? ? ? ? ? 6  1 
2.710 2.990  100.000 0.100 ? ? 13.700 ? ? ? ? ? ? 7  1 
2.990 3.420  100.000 0.068 ? ? 13.400 ? ? ? ? ? ? 8  1 
3.420 4.310  99.900  0.044 ? ? 13.000 ? ? ? ? ? ? 9  1 
4.310 80.000 99.800  0.037 ? ? 12.400 ? ? ? ? ? ? 10 1 
# 
_refine.pdbx_refine_id                           'X-RAY DIFFRACTION' 
_refine.entry_id                                 3Q9I 
_refine.ls_number_reflns_obs                     15269 
_refine.ls_number_reflns_all                     ? 
_refine.pdbx_ls_sigma_I                          ? 
_refine.pdbx_ls_sigma_F                          . 
_refine.pdbx_data_cutoff_high_absF               ? 
_refine.pdbx_data_cutoff_low_absF                ? 
_refine.pdbx_data_cutoff_high_rms_absF           ? 
_refine.ls_d_res_low                             53.60 
_refine.ls_d_res_high                            1.99 
_refine.ls_percent_reflns_obs                    99.08 
_refine.ls_R_factor_obs                          0.19682 
_refine.ls_R_factor_all                          ? 
_refine.ls_R_factor_R_work                       0.19581 
_refine.ls_R_factor_R_free                       0.21827 
_refine.ls_R_factor_R_free_error                 ? 
_refine.ls_R_factor_R_free_error_details         ? 
_refine.ls_percent_reflns_R_free                 5.0 
_refine.ls_number_reflns_R_free                  808 
_refine.ls_number_parameters                     ? 
_refine.ls_number_restraints                     ? 
_refine.occupancy_min                            0.500 
_refine.occupancy_max                            1.000 
_refine.correlation_coeff_Fo_to_Fc               0.957 
_refine.correlation_coeff_Fo_to_Fc_free          0.948 
_refine.B_iso_mean                               26.798 
_refine.aniso_B[1][1]                            0.30 
_refine.aniso_B[2][2]                            0.30 
_refine.aniso_B[3][3]                            -0.61 
_refine.aniso_B[1][2]                            0.00 
_refine.aniso_B[1][3]                            0.00 
_refine.aniso_B[2][3]                            0.00 
_refine.solvent_model_details                    MASK 
_refine.solvent_model_param_ksol                 ? 
_refine.solvent_model_param_bsol                 ? 
_refine.pdbx_solvent_vdw_probe_radii             1.40 
_refine.pdbx_solvent_ion_probe_radii             0.80 
_refine.pdbx_solvent_shrinkage_radii             0.80 
_refine.pdbx_ls_cross_valid_method               THROUGHOUT 
_refine.details                                  'HYDROGENS HAVE BEEN ADDED IN THE RIDING POSITIONS' 
_refine.pdbx_starting_model                      ? 
_refine.pdbx_method_to_determine_struct          SAD 
_refine.pdbx_isotropic_thermal_model             ? 
_refine.pdbx_stereochemistry_target_values       'MAXIMUM LIKELIHOOD' 
_refine.pdbx_stereochem_target_val_spec_case     ? 
_refine.pdbx_R_Free_selection_details            RANDOM 
_refine.pdbx_overall_ESU_R                       0.105 
_refine.pdbx_overall_ESU_R_Free                  0.103 
_refine.overall_SU_ML                            0.060 
_refine.pdbx_overall_phase_error                 ? 
_refine.overall_SU_B                             4.470 
_refine.overall_SU_R_Cruickshank_DPI             ? 
_refine.pdbx_overall_SU_R_free_Cruickshank_DPI   ? 
_refine.pdbx_overall_SU_R_Blow_DPI               ? 
_refine.pdbx_overall_SU_R_free_Blow_DPI          ? 
_refine.ls_redundancy_reflns_obs                 ? 
_refine.B_iso_min                                ? 
_refine.B_iso_max                                ? 
_refine.overall_SU_R_free                        ? 
_refine.ls_wR_factor_R_free                      ? 
_refine.ls_wR_factor_R_work                      ? 
_refine.overall_FOM_free_R_set                   ? 
_refine.overall_FOM_work_R_set                   ? 
_refine.pdbx_diffrn_id                           1 
_refine.pdbx_TLS_residual_ADP_flag               ? 
# 
_refine_hist.pdbx_refine_id                   'X-RAY DIFFRACTION' 
_refine_hist.cycle_id                         LAST 
_refine_hist.pdbx_number_atoms_protein        744 
_refine_hist.pdbx_number_atoms_nucleic_acid   0 
_refine_hist.pdbx_number_atoms_ligand         33 
_refine_hist.number_atoms_solvent             43 
_refine_hist.number_atoms_total               820 
_refine_hist.d_res_high                       1.99 
_refine_hist.d_res_low                        53.60 
# 
loop_
_refine_ls_restr.type 
_refine_ls_restr.dev_ideal 
_refine_ls_restr.dev_ideal_target 
_refine_ls_restr.weight 
_refine_ls_restr.number 
_refine_ls_restr.pdbx_refine_id 
_refine_ls_restr.pdbx_restraint_function 
r_bond_refined_d             0.016  0.022  ? 789  'X-RAY DIFFRACTION' ? 
r_bond_other_d               0.007  0.020  ? 598  'X-RAY DIFFRACTION' ? 
r_angle_refined_deg          1.160  2.515  ? 933  'X-RAY DIFFRACTION' ? 
r_angle_other_deg            0.623  3.000  ? 1378 'X-RAY DIFFRACTION' ? 
r_dihedral_angle_1_deg       8.740  5.000  ? 24   'X-RAY DIFFRACTION' ? 
r_dihedral_angle_2_deg       11.177 20.000 ? 8    'X-RAY DIFFRACTION' ? 
r_dihedral_angle_3_deg       13.045 15.000 ? 80   'X-RAY DIFFRACTION' ? 
r_dihedral_angle_4_deg       ?      ?      ? ?    'X-RAY DIFFRACTION' ? 
r_chiral_restr               0.083  0.200  ? 96   'X-RAY DIFFRACTION' ? 
r_gen_planes_refined         0.012  0.020  ? 648  'X-RAY DIFFRACTION' ? 
r_gen_planes_other           0.004  0.020  ? 224  'X-RAY DIFFRACTION' ? 
r_nbd_refined                ?      ?      ? ?    'X-RAY DIFFRACTION' ? 
r_nbd_other                  ?      ?      ? ?    'X-RAY DIFFRACTION' ? 
r_nbtor_refined              ?      ?      ? ?    'X-RAY DIFFRACTION' ? 
r_nbtor_other                ?      ?      ? ?    'X-RAY DIFFRACTION' ? 
r_xyhbond_nbd_refined        ?      ?      ? ?    'X-RAY DIFFRACTION' ? 
r_xyhbond_nbd_other          ?      ?      ? ?    'X-RAY DIFFRACTION' ? 
r_metal_ion_refined          ?      ?      ? ?    'X-RAY DIFFRACTION' ? 
r_metal_ion_other            ?      ?      ? ?    'X-RAY DIFFRACTION' ? 
r_symmetry_vdw_refined       ?      ?      ? ?    'X-RAY DIFFRACTION' ? 
r_symmetry_vdw_other         ?      ?      ? ?    'X-RAY DIFFRACTION' ? 
r_symmetry_hbond_refined     ?      ?      ? ?    'X-RAY DIFFRACTION' ? 
r_symmetry_hbond_other       ?      ?      ? ?    'X-RAY DIFFRACTION' ? 
r_symmetry_metal_ion_refined ?      ?      ? ?    'X-RAY DIFFRACTION' ? 
r_symmetry_metal_ion_other   ?      ?      ? ?    'X-RAY DIFFRACTION' ? 
r_mcbond_it                  1.785  1.500  ? 296  'X-RAY DIFFRACTION' ? 
r_mcbond_other               0.669  1.500  ? 176  'X-RAY DIFFRACTION' ? 
r_mcangle_it                 2.458  2.000  ? 376  'X-RAY DIFFRACTION' ? 
r_scbond_it                  3.744  3.000  ? 493  'X-RAY DIFFRACTION' ? 
r_scangle_it                 4.750  4.500  ? 557  'X-RAY DIFFRACTION' ? 
r_rigid_bond_restr           ?      ?      ? ?    'X-RAY DIFFRACTION' ? 
r_sphericity_free            ?      ?      ? ?    'X-RAY DIFFRACTION' ? 
r_sphericity_bonded          ?      ?      ? ?    'X-RAY DIFFRACTION' ? 
# 
_refine_ls_shell.pdbx_refine_id                   'X-RAY DIFFRACTION' 
_refine_ls_shell.pdbx_total_number_of_bins_used   20 
_refine_ls_shell.d_res_high                       1.992 
_refine_ls_shell.d_res_low                        2.044 
_refine_ls_shell.number_reflns_R_work             1033 
_refine_ls_shell.R_factor_R_work                  0.228 
_refine_ls_shell.percent_reflns_obs               94.04 
_refine_ls_shell.R_factor_R_free                  0.267 
_refine_ls_shell.R_factor_R_free_error            ? 
_refine_ls_shell.percent_reflns_R_free            ? 
_refine_ls_shell.number_reflns_R_free             71 
_refine_ls_shell.number_reflns_all                ? 
_refine_ls_shell.R_factor_all                     ? 
_refine_ls_shell.redundancy_reflns_obs            ? 
_refine_ls_shell.number_reflns_obs                ? 
# 
_struct.entry_id                  3Q9I 
_struct.title                     
;LVFFA segment from Alzheimer's Amyloid-Beta displayed on 42-membered macrocycle scaffold, bromide derivative
;
_struct.pdbx_model_details        ? 
_struct.pdbx_CASP_flag            ? 
_struct.pdbx_model_type_details   ? 
# 
_struct_keywords.entry_id        3Q9I 
_struct_keywords.text            'beta sheet tetramer, beta strand, PROTEIN FIBRIL' 
_struct_keywords.pdbx_keywords   'PROTEIN FIBRIL' 
# 
loop_
_struct_asym.id 
_struct_asym.pdbx_blank_PDB_chainid_flag 
_struct_asym.pdbx_modified 
_struct_asym.entity_id 
_struct_asym.details 
A  N N 1 ? 
B  N N 1 ? 
C  N N 1 ? 
D  N N 1 ? 
E  N N 1 ? 
F  N N 1 ? 
G  N N 1 ? 
H  N N 1 ? 
I  N N 2 ? 
J  N N 2 ? 
K  N N 3 ? 
L  N N 3 ? 
M  N N 3 ? 
N  N N 2 ? 
O  N N 2 ? 
P  N N 2 ? 
Q  N N 2 ? 
R  N N 4 ? 
S  N N 4 ? 
T  N N 2 ? 
U  N N 5 ? 
V  N N 5 ? 
W  N N 5 ? 
X  N N 5 ? 
Y  N N 5 ? 
Z  N N 5 ? 
AA N N 5 ? 
BA N N 5 ? 
# 
_struct_biol.id        1 
_struct_biol.details   ? 
# 
loop_
_struct_conn.id 
_struct_conn.conn_type_id 
_struct_conn.pdbx_leaving_atom_flag 
_struct_conn.pdbx_PDB_id 
_struct_conn.ptnr1_label_asym_id 
_struct_conn.ptnr1_label_comp_id 
_struct_conn.ptnr1_label_seq_id 
_struct_conn.ptnr1_label_atom_id 
_struct_conn.pdbx_ptnr1_label_alt_id 
_struct_conn.pdbx_ptnr1_PDB_ins_code 
_struct_conn.pdbx_ptnr1_standard_comp_id 
_struct_conn.ptnr1_symmetry 
_struct_conn.ptnr2_label_asym_id 
_struct_conn.ptnr2_label_comp_id 
_struct_conn.ptnr2_label_seq_id 
_struct_conn.ptnr2_label_atom_id 
_struct_conn.pdbx_ptnr2_label_alt_id 
_struct_conn.pdbx_ptnr2_PDB_ins_code 
_struct_conn.ptnr1_auth_asym_id 
_struct_conn.ptnr1_auth_comp_id 
_struct_conn.ptnr1_auth_seq_id 
_struct_conn.ptnr2_auth_asym_id 
_struct_conn.ptnr2_auth_comp_id 
_struct_conn.ptnr2_auth_seq_id 
_struct_conn.ptnr2_symmetry 
_struct_conn.pdbx_ptnr3_label_atom_id 
_struct_conn.pdbx_ptnr3_label_seq_id 
_struct_conn.pdbx_ptnr3_label_comp_id 
_struct_conn.pdbx_ptnr3_label_asym_id 
_struct_conn.pdbx_ptnr3_label_alt_id 
_struct_conn.pdbx_ptnr3_PDB_ins_code 
_struct_conn.details 
_struct_conn.pdbx_dist_value 
_struct_conn.pdbx_value_order 
_struct_conn.pdbx_role 
covale1  covale both ? A LEU 1 N ? ? ? 1_555 A ORN 10 C  ? ? A LEU 1 A ORN 10 1_555 ? ? ? ? ? ? ? 1.348 ? ? 
covale2  covale both ? A VAL 2 C ? ? ? 1_555 A 4BF 3  N  ? ? A VAL 2 A 4BF 3  1_555 ? ? ? ? ? ? ? 1.349 ? ? 
covale3  covale both ? A 4BF 3 C ? ? ? 1_555 A PHE 4  N  ? ? A 4BF 3 A PHE 4  1_555 ? ? ? ? ? ? ? 1.357 ? ? 
covale4  covale both ? A ALA 5 C ? ? ? 1_555 A ORN 6  NE ? ? A ALA 5 A ORN 6  1_555 ? ? ? ? ? ? ? 1.286 ? ? 
covale5  covale both ? A ORN 6 C ? ? ? 1_555 A HAO 7  N  ? ? A ORN 6 A HAO 7  1_555 ? ? ? ? ? ? ? 1.325 ? ? 
covale6  covale both ? A HAO 7 C ? ? ? 1_555 A LEU 8  N  ? ? A HAO 7 A LEU 8  1_555 ? ? ? ? ? ? ? 1.283 ? ? 
covale7  covale both ? A LYS 9 C ? ? ? 1_555 A ORN 10 NE ? ? A LYS 9 A ORN 10 1_555 ? ? ? ? ? ? ? 1.281 ? ? 
covale8  covale both ? B LEU 1 N ? ? ? 1_555 B ORN 10 C  ? ? B LEU 1 B ORN 10 1_555 ? ? ? ? ? ? ? 1.345 ? ? 
covale9  covale both ? B VAL 2 C ? ? ? 1_555 B 4BF 3  N  ? ? B VAL 2 B 4BF 3  1_555 ? ? ? ? ? ? ? 1.350 ? ? 
covale10 covale both ? B 4BF 3 C ? ? ? 1_555 B PHE 4  N  ? ? B 4BF 3 B PHE 4  1_555 ? ? ? ? ? ? ? 1.349 ? ? 
covale11 covale both ? B ALA 5 C ? ? ? 1_555 B ORN 6  NE ? ? B ALA 5 B ORN 6  1_555 ? ? ? ? ? ? ? 1.289 ? ? 
covale12 covale both ? B ORN 6 C ? ? ? 1_555 B HAO 7  N  ? ? B ORN 6 B HAO 7  1_555 ? ? ? ? ? ? ? 1.339 ? ? 
covale13 covale both ? B HAO 7 C ? ? ? 1_555 B LEU 8  N  ? ? B HAO 7 B LEU 8  1_555 ? ? ? ? ? ? ? 1.281 ? ? 
covale14 covale both ? B LYS 9 C ? ? ? 1_555 B ORN 10 NE ? ? B LYS 9 B ORN 10 1_555 ? ? ? ? ? ? ? 1.299 ? ? 
covale15 covale both ? C LEU 1 N ? ? ? 1_555 C ORN 10 C  ? ? C LEU 1 C ORN 10 1_555 ? ? ? ? ? ? ? 1.342 ? ? 
covale16 covale both ? C VAL 2 C ? ? ? 1_555 C 4BF 3  N  ? ? C VAL 2 C 4BF 3  1_555 ? ? ? ? ? ? ? 1.351 ? ? 
covale17 covale both ? C 4BF 3 C ? ? ? 1_555 C PHE 4  N  ? ? C 4BF 3 C PHE 4  1_555 ? ? ? ? ? ? ? 1.345 ? ? 
covale18 covale both ? C ALA 5 C ? ? ? 1_555 C ORN 6  NE ? ? C ALA 5 C ORN 6  1_555 ? ? ? ? ? ? ? 1.297 ? ? 
covale19 covale both ? C ORN 6 C ? ? ? 1_555 C HAO 7  N  ? ? C ORN 6 C HAO 7  1_555 ? ? ? ? ? ? ? 1.327 ? ? 
covale20 covale both ? C HAO 7 C ? ? ? 1_555 C LEU 8  N  ? ? C HAO 7 C LEU 8  1_555 ? ? ? ? ? ? ? 1.279 ? ? 
covale21 covale both ? C LYS 9 C ? ? ? 1_555 C ORN 10 NE ? ? C LYS 9 C ORN 10 1_555 ? ? ? ? ? ? ? 1.288 ? ? 
covale22 covale both ? D LEU 1 N ? ? ? 1_555 D ORN 10 C  ? ? D LEU 1 D ORN 10 1_555 ? ? ? ? ? ? ? 1.341 ? ? 
covale23 covale both ? D VAL 2 C ? ? ? 1_555 D 4BF 3  N  ? ? D VAL 2 D 4BF 3  1_555 ? ? ? ? ? ? ? 1.349 ? ? 
covale24 covale both ? D 4BF 3 C ? ? ? 1_555 D PHE 4  N  ? ? D 4BF 3 D PHE 4  1_555 ? ? ? ? ? ? ? 1.330 ? ? 
covale25 covale both ? D ALA 5 C ? ? ? 1_555 D ORN 6  NE ? ? D ALA 5 D ORN 6  1_555 ? ? ? ? ? ? ? 1.285 ? ? 
covale26 covale both ? D ORN 6 C ? ? ? 1_555 D HAO 7  N  ? ? D ORN 6 D HAO 7  1_555 ? ? ? ? ? ? ? 1.338 ? ? 
covale27 covale both ? D HAO 7 C ? ? ? 1_555 D LEU 8  N  ? ? D HAO 7 D LEU 8  1_555 ? ? ? ? ? ? ? 1.294 ? ? 
covale28 covale both ? D LYS 9 C ? ? ? 1_555 D ORN 10 NE ? ? D LYS 9 D ORN 10 1_555 ? ? ? ? ? ? ? 1.300 ? ? 
covale29 covale both ? E LEU 1 N ? ? ? 1_555 E ORN 10 C  ? ? E LEU 1 E ORN 10 1_555 ? ? ? ? ? ? ? 1.351 ? ? 
covale30 covale both ? E VAL 2 C ? ? ? 1_555 E 4BF 3  N  ? ? E VAL 2 E 4BF 3  1_555 ? ? ? ? ? ? ? 1.355 ? ? 
covale31 covale both ? E 4BF 3 C ? ? ? 1_555 E PHE 4  N  ? ? E 4BF 3 E PHE 4  1_555 ? ? ? ? ? ? ? 1.362 ? ? 
covale32 covale both ? E ALA 5 C ? ? ? 1_555 E ORN 6  NE ? ? E ALA 5 E ORN 6  1_555 ? ? ? ? ? ? ? 1.296 ? ? 
covale33 covale both ? E ORN 6 C ? ? ? 1_555 E HAO 7  N  ? ? E ORN 6 E HAO 7  1_555 ? ? ? ? ? ? ? 1.341 ? ? 
covale34 covale both ? E HAO 7 C ? ? ? 1_555 E LEU 8  N  ? ? E HAO 7 E LEU 8  1_555 ? ? ? ? ? ? ? 1.293 ? ? 
covale35 covale both ? E LYS 9 C ? ? ? 1_555 E ORN 10 NE ? ? E LYS 9 E ORN 10 1_555 ? ? ? ? ? ? ? 1.290 ? ? 
covale36 covale both ? F LEU 1 N ? ? ? 1_555 F ORN 10 C  ? ? F LEU 1 F ORN 10 1_555 ? ? ? ? ? ? ? 1.343 ? ? 
covale37 covale both ? F VAL 2 C ? ? ? 1_555 F 4BF 3  N  ? ? F VAL 2 F 4BF 3  1_555 ? ? ? ? ? ? ? 1.348 ? ? 
covale38 covale both ? F 4BF 3 C ? ? ? 1_555 F PHE 4  N  ? ? F 4BF 3 F PHE 4  1_555 ? ? ? ? ? ? ? 1.369 ? ? 
covale39 covale both ? F ALA 5 C ? ? ? 1_555 F ORN 6  NE ? ? F ALA 5 F ORN 6  1_555 ? ? ? ? ? ? ? 1.284 ? ? 
covale40 covale both ? F ORN 6 C ? ? ? 1_555 F HAO 7  N  ? ? F ORN 6 F HAO 7  1_555 ? ? ? ? ? ? ? 1.328 ? ? 
covale41 covale both ? F HAO 7 C ? ? ? 1_555 F LEU 8  N  ? ? F HAO 7 F LEU 8  1_555 ? ? ? ? ? ? ? 1.276 ? ? 
covale42 covale both ? F LYS 9 C ? ? ? 1_555 F ORN 10 NE ? ? F LYS 9 F ORN 10 1_555 ? ? ? ? ? ? ? 1.297 ? ? 
covale43 covale both ? G LEU 1 N ? ? ? 1_555 G ORN 10 C  ? ? G LEU 1 G ORN 10 1_555 ? ? ? ? ? ? ? 1.344 ? ? 
covale44 covale both ? G VAL 2 C ? ? ? 1_555 G 4BF 3  N  ? ? G VAL 2 G 4BF 3  1_555 ? ? ? ? ? ? ? 1.357 ? ? 
covale45 covale both ? G 4BF 3 C ? ? ? 1_555 G PHE 4  N  ? ? G 4BF 3 G PHE 4  1_555 ? ? ? ? ? ? ? 1.350 ? ? 
covale46 covale both ? G ALA 5 C ? ? ? 1_555 G ORN 6  NE ? ? G ALA 5 G ORN 6  1_555 ? ? ? ? ? ? ? 1.296 ? ? 
covale47 covale both ? G ORN 6 C ? ? ? 1_555 G HAO 7  N  ? ? G ORN 6 G HAO 7  1_555 ? ? ? ? ? ? ? 1.320 ? ? 
covale48 covale both ? G HAO 7 C ? ? ? 1_555 G LEU 8  N  ? ? G HAO 7 G LEU 8  1_555 ? ? ? ? ? ? ? 1.292 ? ? 
covale49 covale both ? G LYS 9 C ? ? ? 1_555 G ORN 10 NE ? ? G LYS 9 G ORN 10 1_555 ? ? ? ? ? ? ? 1.302 ? ? 
covale50 covale both ? H LEU 1 N ? ? ? 1_555 H ORN 10 C  ? ? H LEU 1 H ORN 10 1_555 ? ? ? ? ? ? ? 1.348 ? ? 
covale51 covale both ? H VAL 2 C ? ? ? 1_555 H 4BF 3  N  ? ? H VAL 2 H 4BF 3  1_555 ? ? ? ? ? ? ? 1.334 ? ? 
covale52 covale both ? H 4BF 3 C ? ? ? 1_555 H PHE 4  N  ? ? H 4BF 3 H PHE 4  1_555 ? ? ? ? ? ? ? 1.354 ? ? 
covale53 covale both ? H ALA 5 C ? ? ? 1_555 H ORN 6  NE ? ? H ALA 5 H ORN 6  1_555 ? ? ? ? ? ? ? 1.286 ? ? 
covale54 covale both ? H ORN 6 C ? ? ? 1_555 H HAO 7  N  ? ? H ORN 6 H HAO 7  1_555 ? ? ? ? ? ? ? 1.332 ? ? 
covale55 covale both ? H HAO 7 C ? ? ? 1_555 H LEU 8  N  ? ? H HAO 7 H LEU 8  1_555 ? ? ? ? ? ? ? 1.286 ? ? 
covale56 covale both ? H LYS 9 C ? ? ? 1_555 H ORN 10 NE ? ? H LYS 9 H ORN 10 1_555 ? ? ? ? ? ? ? 1.296 ? ? 
# 
_struct_conn_type.id          covale 
_struct_conn_type.criteria    ? 
_struct_conn_type.reference   ? 
# 
loop_
_struct_sheet.id 
_struct_sheet.type 
_struct_sheet.number_strands 
_struct_sheet.details 
A ? 2 ? 
B ? 2 ? 
C ? 2 ? 
D ? 2 ? 
# 
loop_
_struct_sheet_order.sheet_id 
_struct_sheet_order.range_id_1 
_struct_sheet_order.range_id_2 
_struct_sheet_order.offset 
_struct_sheet_order.sense 
A 1 2 ? anti-parallel 
B 1 2 ? anti-parallel 
C 1 2 ? parallel      
D 1 2 ? parallel      
# 
loop_
_struct_sheet_range.sheet_id 
_struct_sheet_range.id 
_struct_sheet_range.beg_label_comp_id 
_struct_sheet_range.beg_label_asym_id 
_struct_sheet_range.beg_label_seq_id 
_struct_sheet_range.pdbx_beg_PDB_ins_code 
_struct_sheet_range.end_label_comp_id 
_struct_sheet_range.end_label_asym_id 
_struct_sheet_range.end_label_seq_id 
_struct_sheet_range.pdbx_end_PDB_ins_code 
_struct_sheet_range.beg_auth_comp_id 
_struct_sheet_range.beg_auth_asym_id 
_struct_sheet_range.beg_auth_seq_id 
_struct_sheet_range.end_auth_comp_id 
_struct_sheet_range.end_auth_asym_id 
_struct_sheet_range.end_auth_seq_id 
A 1 VAL A 2 ? PHE A 4 ? VAL A 2 PHE A 4 
A 2 VAL B 2 ? PHE B 4 ? VAL B 2 PHE B 4 
B 1 VAL C 2 ? PHE C 4 ? VAL C 2 PHE C 4 
B 2 VAL D 2 ? PHE D 4 ? VAL D 2 PHE D 4 
C 1 VAL E 2 ? 4BF E 3 ? VAL E 2 4BF E 3 
C 2 4BF F 3 ? PHE F 4 ? 4BF F 3 PHE F 4 
D 1 4BF G 3 ? PHE G 4 ? 4BF G 3 PHE G 4 
D 2 VAL H 2 ? 4BF H 3 ? VAL H 2 4BF H 3 
# 
loop_
_pdbx_struct_sheet_hbond.sheet_id 
_pdbx_struct_sheet_hbond.range_id_1 
_pdbx_struct_sheet_hbond.range_id_2 
_pdbx_struct_sheet_hbond.range_1_label_atom_id 
_pdbx_struct_sheet_hbond.range_1_label_comp_id 
_pdbx_struct_sheet_hbond.range_1_label_asym_id 
_pdbx_struct_sheet_hbond.range_1_label_seq_id 
_pdbx_struct_sheet_hbond.range_1_PDB_ins_code 
_pdbx_struct_sheet_hbond.range_1_auth_atom_id 
_pdbx_struct_sheet_hbond.range_1_auth_comp_id 
_pdbx_struct_sheet_hbond.range_1_auth_asym_id 
_pdbx_struct_sheet_hbond.range_1_auth_seq_id 
_pdbx_struct_sheet_hbond.range_2_label_atom_id 
_pdbx_struct_sheet_hbond.range_2_label_comp_id 
_pdbx_struct_sheet_hbond.range_2_label_asym_id 
_pdbx_struct_sheet_hbond.range_2_label_seq_id 
_pdbx_struct_sheet_hbond.range_2_PDB_ins_code 
_pdbx_struct_sheet_hbond.range_2_auth_atom_id 
_pdbx_struct_sheet_hbond.range_2_auth_comp_id 
_pdbx_struct_sheet_hbond.range_2_auth_asym_id 
_pdbx_struct_sheet_hbond.range_2_auth_seq_id 
A 1 2 N PHE A 4 ? N PHE A 4 O VAL B 2 ? O VAL B 2 
B 1 2 N VAL C 2 ? N VAL C 2 O PHE D 4 ? O PHE D 4 
C 1 2 N VAL E 2 ? N VAL E 2 O PHE F 4 ? O PHE F 4 
D 1 2 N PHE G 4 ? N PHE G 4 O VAL H 2 ? O VAL H 2 
# 
loop_
_struct_site.id 
_struct_site.pdbx_evidence_code 
_struct_site.pdbx_auth_asym_id 
_struct_site.pdbx_auth_comp_id 
_struct_site.pdbx_auth_seq_id 
_struct_site.pdbx_auth_ins_code 
_struct_site.pdbx_num_residues 
_struct_site.details 
AC1 Software D GOL 11 ? 5 'BINDING SITE FOR RESIDUE GOL D 11' 
AC2 Software B GOL 11 ? 5 'BINDING SITE FOR RESIDUE GOL B 11' 
AC3 Software C GOL 11 ? 7 'BINDING SITE FOR RESIDUE GOL C 11' 
AC4 Software D CL  12 ? 3 'BINDING SITE FOR RESIDUE CL D 12'  
AC5 Software D CL  13 ? 3 'BINDING SITE FOR RESIDUE CL D 13'  
AC6 Software E CL  11 ? 3 'BINDING SITE FOR RESIDUE CL E 11'  
AC7 Software E CL  12 ? 3 'BINDING SITE FOR RESIDUE CL E 12'  
AC8 Software E IPA 13 ? 5 'BINDING SITE FOR RESIDUE IPA E 13' 
AC9 Software H IPA 11 ? 4 'BINDING SITE FOR RESIDUE IPA H 11' 
BC1 Software H CL  12 ? 1 'BINDING SITE FOR RESIDUE CL H 12'  
BC2 Software A CL  11 ? 4 'BINDING SITE FOR RESIDUE CL A 11'  
BC3 Software A CL  12 ? 3 'BINDING SITE FOR RESIDUE CL A 12'  
# 
loop_
_struct_site_gen.id 
_struct_site_gen.site_id 
_struct_site_gen.pdbx_num_res 
_struct_site_gen.label_comp_id 
_struct_site_gen.label_asym_id 
_struct_site_gen.label_seq_id 
_struct_site_gen.pdbx_auth_ins_code 
_struct_site_gen.auth_comp_id 
_struct_site_gen.auth_asym_id 
_struct_site_gen.auth_seq_id 
_struct_site_gen.label_atom_id 
_struct_site_gen.label_alt_id 
_struct_site_gen.symmetry 
_struct_site_gen.details 
1  AC1 5 CL  J  .  ? CL  A 12 . ? 1_555 ? 
2  AC1 5 ALA C  5  ? ALA C 5  . ? 1_555 ? 
3  AC1 5 ORN C  6  ? ORN C 6  . ? 1_555 ? 
4  AC1 5 ORN D  10 ? ORN D 10 . ? 1_555 ? 
5  AC1 5 LEU H  8  ? LEU H 8  . ? 1_555 ? 
6  AC2 5 ALA A  5  ? ALA A 5  . ? 1_555 ? 
7  AC2 5 ORN A  6  ? ORN A 6  . ? 1_555 ? 
8  AC2 5 ORN B  10 ? ORN B 10 . ? 1_555 ? 
9  AC2 5 GOL L  .  ? GOL C 11 . ? 1_555 ? 
10 AC2 5 LEU E  8  ? LEU E 8  . ? 1_555 ? 
11 AC3 7 ORN A  6  ? ORN A 6  . ? 1_555 ? 
12 AC3 7 ORN B  10 ? ORN B 10 . ? 1_555 ? 
13 AC3 7 GOL K  .  ? GOL B 11 . ? 1_555 ? 
14 AC3 7 4BF C  3  ? 4BF C 3  . ? 1_555 ? 
15 AC3 7 ALA C  5  ? ALA C 5  . ? 1_555 ? 
16 AC3 7 HAO C  7  ? HAO C 7  . ? 1_555 ? 
17 AC3 7 HOH W  .  ? HOH C 37 . ? 1_555 ? 
18 AC4 3 LEU D  8  ? LEU D 8  . ? 1_555 ? 
19 AC4 3 ORN D  10 ? ORN D 10 . ? 1_555 ? 
20 AC4 3 LYS G  9  ? LYS G 9  . ? 1_555 ? 
21 AC5 3 HAO D  7  ? HAO D 7  . ? 1_555 ? 
22 AC5 3 LEU D  8  ? LEU D 8  . ? 1_555 ? 
23 AC5 3 LYS G  9  ? LYS G 9  . ? 1_555 ? 
24 AC6 3 LYS E  9  ? LYS E 9  . ? 1_555 ? 
25 AC6 3 ORN G  6  ? ORN G 6  . ? 6_455 ? 
26 AC6 3 ORN H  6  ? ORN H 6  . ? 6_455 ? 
27 AC7 3 ORN E  6  ? ORN E 6  . ? 1_555 ? 
28 AC7 3 ORN F  6  ? ORN F 6  . ? 1_555 ? 
29 AC7 3 LYS H  9  ? LYS H 9  . ? 6_455 ? 
30 AC8 5 LEU E  1  ? LEU E 1  . ? 1_555 ? 
31 AC8 5 ORN E  10 ? ORN E 10 . ? 1_555 ? 
32 AC8 5 HOH Y  .  ? HOH E 18 . ? 1_555 ? 
33 AC8 5 VAL F  2  ? VAL F 2  . ? 1_555 ? 
34 AC8 5 ORN F  10 ? ORN F 10 . ? 1_555 ? 
35 AC9 4 LEU F  8  ? LEU F 8  . ? 3_554 ? 
36 AC9 4 ORN G  10 ? ORN G 10 . ? 1_555 ? 
37 AC9 4 ORN H  10 ? ORN H 10 . ? 1_555 ? 
38 AC9 4 HOH BA .  ? HOH H 16 . ? 1_555 ? 
39 BC1 1 ORN H  10 ? ORN H 10 . ? 1_555 ? 
40 BC2 4 ORN A  6  ? ORN A 6  . ? 1_555 ? 
41 BC2 4 HAO E  7  ? HAO E 7  . ? 1_555 ? 
42 BC2 4 LEU E  8  ? LEU E 8  . ? 1_555 ? 
43 BC2 4 ORN H  6  ? ORN H 6  . ? 6_455 ? 
44 BC3 3 ORN A  6  ? ORN A 6  . ? 1_555 ? 
45 BC3 3 ORN D  10 ? ORN D 10 . ? 1_555 ? 
46 BC3 3 GOL M  .  ? GOL D 11 . ? 1_555 ? 
# 
_atom_sites.entry_id                    3Q9I 
_atom_sites.fract_transf_matrix[1][1]   -0.01513554 
_atom_sites.fract_transf_matrix[1][2]   0.00148516 
_atom_sites.fract_transf_matrix[1][3]   0.00749546 
_atom_sites.fract_transf_matrix[2][1]   -0.00698928 
_atom_sites.fract_transf_matrix[2][2]   -0.00941271 
_atom_sites.fract_transf_matrix[2][3]   -0.01224838 
_atom_sites.fract_transf_matrix[3][1]   0.00141728 
_atom_sites.fract_transf_matrix[3][2]   -0.00643582 
_atom_sites.fract_transf_matrix[3][3]   0.00413710 
_atom_sites.fract_transf_vector[1]      0.098274 
_atom_sites.fract_transf_vector[2]      0.182486 
_atom_sites.fract_transf_vector[3]      0.130058 
# 
loop_
_atom_type.symbol 
BR 
C  
CL 
N  
O  
# 
loop_
_atom_site.group_PDB 
_atom_site.id 
_atom_site.type_symbol 
_atom_site.label_atom_id 
_atom_site.label_alt_id 
_atom_site.label_comp_id 
_atom_site.label_asym_id 
_atom_site.label_entity_id 
_atom_site.label_seq_id 
_atom_site.pdbx_PDB_ins_code 
_atom_site.Cartn_x 
_atom_site.Cartn_y 
_atom_site.Cartn_z 
_atom_site.occupancy 
_atom_site.B_iso_or_equiv 
_atom_site.pdbx_formal_charge 
_atom_site.auth_seq_id 
_atom_site.auth_comp_id 
_atom_site.auth_asym_id 
_atom_site.auth_atom_id 
_atom_site.pdbx_PDB_model_num 
ATOM   1   N  N   . LEU A  1 1  ? 7.465   7.080   6.557   1.00 42.66 ? 1  LEU A N   1 
ATOM   2   C  CA  . LEU A  1 1  ? 7.033   5.645   6.373   1.00 39.80 ? 1  LEU A CA  1 
ATOM   3   C  C   . LEU A  1 1  ? 7.256   5.241   4.916   1.00 36.46 ? 1  LEU A C   1 
ATOM   4   O  O   . LEU A  1 1  ? 6.805   5.925   3.993   1.00 35.18 ? 1  LEU A O   1 
ATOM   5   C  CB  . LEU A  1 1  ? 5.557   5.470   6.742   1.00 40.24 ? 1  LEU A CB  1 
ATOM   6   C  CG  . LEU A  1 1  ? 4.981   4.056   6.629   1.00 39.29 ? 1  LEU A CG  1 
ATOM   7   C  CD1 . LEU A  1 1  ? 5.423   3.187   7.812   1.00 37.97 ? 1  LEU A CD1 1 
ATOM   8   C  CD2 . LEU A  1 1  ? 3.451   4.115   6.544   1.00 39.86 ? 1  LEU A CD2 1 
ATOM   9   N  N   . VAL A  1 2  ? 8.006   4.167   4.718   1.00 34.82 ? 2  VAL A N   1 
ATOM   10  C  CA  . VAL A  1 2  ? 8.157   3.572   3.408   1.00 33.00 ? 2  VAL A CA  1 
ATOM   11  C  C   . VAL A  1 2  ? 7.159   2.451   3.305   1.00 30.50 ? 2  VAL A C   1 
ATOM   12  O  O   . VAL A  1 2  ? 6.972   1.702   4.265   1.00 32.47 ? 2  VAL A O   1 
ATOM   13  C  CB  . VAL A  1 2  ? 9.605   3.012   3.198   1.00 33.78 ? 2  VAL A CB  1 
ATOM   14  C  CG1 . VAL A  1 2  ? 9.752   2.381   1.801   1.00 29.79 ? 2  VAL A CG1 1 
ATOM   15  C  CG2 . VAL A  1 2  ? 10.620  4.116   3.388   1.00 36.18 ? 2  VAL A CG2 1 
HETATM 16  C  CD1 . 4BF A  1 3  ? 3.991   4.401   2.589   1.00 31.19 ? 3  4BF A CD1 1 
HETATM 17  C  CE1 . 4BF A  1 3  ? 3.654   5.568   1.930   1.00 35.57 ? 3  4BF A CE1 1 
HETATM 18  C  CZ  . 4BF A  1 3  ? 2.924   5.512   0.757   1.00 37.81 ? 3  4BF A CZ  1 
HETATM 19  BR BR  . 4BF A  1 3  ? 2.453   7.093   -0.115  0.60 42.16 ? 3  4BF A BR  1 
HETATM 20  C  CE2 . 4BF A  1 3  ? 2.548   4.297   0.227   1.00 35.02 ? 3  4BF A CE2 1 
HETATM 21  C  CD2 . 4BF A  1 3  ? 2.875   3.127   0.889   1.00 34.57 ? 3  4BF A CD2 1 
HETATM 22  C  CG  . 4BF A  1 3  ? 3.619   3.177   2.061   1.00 30.75 ? 3  4BF A CG  1 
HETATM 23  C  CB  . 4BF A  1 3  ? 3.966   1.907   2.810   1.00 29.59 ? 3  4BF A CB  1 
HETATM 24  C  CA  . 4BF A  1 3  ? 5.199   1.262   2.226   1.00 28.81 ? 3  4BF A CA  1 
HETATM 25  N  N   . 4BF A  1 3  ? 6.303   2.213   2.290   1.00 30.02 ? 3  4BF A N   1 
HETATM 26  C  C   . 4BF A  1 3  ? 4.879   0.872   0.794   1.00 29.63 ? 3  4BF A C   1 
HETATM 27  O  O   . 4BF A  1 3  ? 5.516   1.365   -0.124  1.00 28.87 ? 3  4BF A O   1 
ATOM   28  N  N   . PHE A  1 4  ? 4.640   -0.464  0.834   1.00 28.43 ? 4  PHE A N   1 
ATOM   29  C  CA  . PHE A  1 4  ? 4.306   -1.202  -0.398  1.00 26.99 ? 4  PHE A CA  1 
ATOM   30  C  C   . PHE A  1 4  ? 3.220   -2.238  -0.131  1.00 25.87 ? 4  PHE A C   1 
ATOM   31  O  O   . PHE A  1 4  ? 3.278   -2.983  0.867   1.00 27.62 ? 4  PHE A O   1 
ATOM   32  C  CB  . PHE A  1 4  ? 5.574   -1.890  -0.947  1.00 26.06 ? 4  PHE A CB  1 
ATOM   33  C  CG  . PHE A  1 4  ? 5.442   -2.356  -2.324  1.00 25.77 ? 4  PHE A CG  1 
ATOM   34  C  CD1 . PHE A  1 4  ? 5.737   -1.523  -3.378  1.00 26.45 ? 4  PHE A CD1 1 
ATOM   35  C  CD2 . PHE A  1 4  ? 5.023   -3.648  -2.595  1.00 25.37 ? 4  PHE A CD2 1 
ATOM   36  C  CE1 . PHE A  1 4  ? 5.607   -1.961  -4.662  1.00 25.08 ? 4  PHE A CE1 1 
ATOM   37  C  CE2 . PHE A  1 4  ? 4.878   -4.070  -3.881  1.00 24.78 ? 4  PHE A CE2 1 
ATOM   38  C  CZ  . PHE A  1 4  ? 5.170   -3.225  -4.911  1.00 27.78 ? 4  PHE A CZ  1 
ATOM   39  N  N   . ALA A  1 5  ? 2.225   -2.297  -1.020  1.00 24.92 ? 5  ALA A N   1 
ATOM   40  C  CA  . ALA A  1 5  ? 1.205   -3.353  -0.964  1.00 23.91 ? 5  ALA A CA  1 
ATOM   41  C  C   . ALA A  1 5  ? 0.616   -3.602  -2.322  1.00 25.87 ? 5  ALA A C   1 
ATOM   42  O  O   . ALA A  1 5  ? 0.384   -2.645  -3.093  1.00 23.11 ? 5  ALA A O   1 
ATOM   43  C  CB  . ALA A  1 5  ? 0.072   -2.979  0.056   1.00 26.24 ? 5  ALA A CB  1 
HETATM 44  N  N   . ORN A  1 6  ? 0.753   -4.252  -7.606  1.00 26.62 ? 6  ORN A N   1 
HETATM 45  C  CA  . ORN A  1 6  ? 0.955   -3.654  -6.288  1.00 28.00 ? 6  ORN A CA  1 
HETATM 46  C  CB  . ORN A  1 6  ? 1.613   -4.689  -5.355  1.00 27.72 ? 6  ORN A CB  1 
HETATM 47  C  CG  . ORN A  1 6  ? 0.537   -5.671  -4.900  1.00 30.91 ? 6  ORN A CG  1 
HETATM 48  C  CD  . ORN A  1 6  ? -0.037  -5.641  -3.674  1.00 35.63 ? 6  ORN A CD  1 
HETATM 49  N  NE  . ORN A  1 6  ? 0.362   -4.812  -2.676  1.00 29.10 ? 6  ORN A NE  1 
HETATM 50  C  C   . ORN A  1 6  ? 1.775   -2.408  -6.396  1.00 26.77 ? 6  ORN A C   1 
HETATM 51  O  O   . ORN A  1 6  ? 2.343   -2.112  -7.432  0.50 15.53 ? 6  ORN A O   1 
HETATM 52  N  N   . HAO A  1 7  ? 1.828   -1.647  -5.312  1.00 24.28 ? 7  HAO A N   1 
HETATM 53  N  N9  . HAO A  1 7  ? 2.592   -0.489  -5.344  1.00 24.40 ? 7  HAO A N9  1 
HETATM 54  C  C10 . HAO A  1 7  ? 2.955   0.121   -4.234  1.00 22.30 ? 7  HAO A C10 1 
HETATM 55  O  O11 . HAO A  1 7  ? 2.601   -0.274  -3.126  1.00 25.31 ? 7  HAO A O11 1 
HETATM 56  C  CA  . HAO A  1 7  ? 3.839   1.325   -4.328  1.00 23.96 ? 7  HAO A CA  1 
HETATM 57  C  C13 . HAO A  1 7  ? 4.220   1.957   -3.167  1.00 25.08 ? 7  HAO A C13 1 
HETATM 58  C  C14 . HAO A  1 7  ? 4.339   1.763   -5.554  1.00 27.22 ? 7  HAO A C14 1 
HETATM 59  C  C15 . HAO A  1 7  ? 4.341   1.623   -8.024  1.00 31.59 ? 7  HAO A C15 1 
HETATM 60  O  O15 . HAO A  1 7  ? 3.945   1.137   -6.717  1.00 26.43 ? 7  HAO A O15 1 
HETATM 61  C  C17 . HAO A  1 7  ? 5.185   2.870   -5.599  1.00 28.98 ? 7  HAO A C17 1 
HETATM 62  C  C18 . HAO A  1 7  ? 5.538   3.520   -4.429  1.00 30.29 ? 7  HAO A C18 1 
HETATM 63  C  C19 . HAO A  1 7  ? 5.034   3.076   -3.207  1.00 24.93 ? 7  HAO A C19 1 
HETATM 64  N  N20 . HAO A  1 7  ? 5.465   3.648   -2.002  1.00 26.51 ? 7  HAO A N20 1 
HETATM 65  C  C21 . HAO A  1 7  ? 5.729   4.941   -1.885  1.00 34.66 ? 7  HAO A C21 1 
HETATM 66  O  O22 . HAO A  1 7  ? 5.513   5.763   -2.761  1.00 34.44 ? 7  HAO A O22 1 
HETATM 67  C  C   . HAO A  1 7  ? 6.282   5.391   -0.563  1.00 35.33 ? 7  HAO A C   1 
HETATM 68  O  O   . HAO A  1 7  ? 6.712   4.275   0.202   1.00 31.31 ? 7  HAO A O   1 
ATOM   69  N  N   . LEU A  1 8  ? 6.530   6.615   -0.269  1.00 40.29 ? 8  LEU A N   1 
ATOM   70  C  CA  . LEU A  1 8  ? 7.193   7.238   0.909   1.00 42.31 ? 8  LEU A CA  1 
ATOM   71  C  C   . LEU A  1 8  ? 6.365   8.422   1.377   1.00 42.93 ? 8  LEU A C   1 
ATOM   72  O  O   . LEU A  1 8  ? 5.952   9.246   0.575   1.00 42.69 ? 8  LEU A O   1 
ATOM   73  C  CB  . LEU A  1 8  ? 8.613   7.697   0.534   1.00 44.52 ? 8  LEU A CB  1 
ATOM   74  C  CG  . LEU A  1 8  ? 9.384   8.493   1.587   1.00 46.34 ? 8  LEU A CG  1 
ATOM   75  C  CD1 . LEU A  1 8  ? 9.673   7.632   2.793   1.00 46.41 ? 8  LEU A CD1 1 
ATOM   76  C  CD2 . LEU A  1 8  ? 10.671  9.043   0.987   1.00 48.97 ? 8  LEU A CD2 1 
ATOM   77  N  N   . LYS A  1 9  ? 6.068   8.464   2.663   1.00 43.04 ? 9  LYS A N   1 
ATOM   78  C  CA  . LYS A  1 9  ? 5.408   9.629   3.251   1.00 45.16 ? 9  LYS A CA  1 
ATOM   79  C  C   . LYS A  1 9  ? 6.082   9.997   4.565   1.00 45.25 ? 9  LYS A C   1 
ATOM   80  O  O   . LYS A  1 9  ? 5.892   9.311   5.569   1.00 43.53 ? 9  LYS A O   1 
ATOM   81  C  CB  . LYS A  1 9  ? 3.926   9.341   3.491   1.00 45.58 ? 9  LYS A CB  1 
ATOM   82  C  CG  . LYS A  1 9  ? 3.123   10.569  3.977   1.00 50.04 ? 9  LYS A CG  1 
ATOM   83  C  CD  . LYS A  1 9  ? 2.643   11.420  2.807   1.00 49.16 ? 9  LYS A CD  1 
ATOM   84  C  CE  . LYS A  1 9  ? 2.267   12.837  3.256   1.00 52.75 ? 9  LYS A CE  1 
ATOM   85  N  NZ  . LYS A  1 9  ? 0.888   13.177  2.908   1.00 45.37 ? 9  LYS A NZ  1 
HETATM 86  N  N   . ORN A  1 10 ? 10.106  9.068   8.143   1.00 54.11 ? 10 ORN A N   1 
HETATM 87  C  CA  . ORN A  1 10 ? 8.959   8.899   7.274   1.00 49.95 ? 10 ORN A CA  1 
HETATM 88  C  CB  . ORN A  1 10 ? 9.300   9.438   5.879   1.00 49.32 ? 10 ORN A CB  1 
HETATM 89  C  CG  . ORN A  1 10 ? 9.154   10.959  5.780   1.00 51.69 ? 10 ORN A CG  1 
HETATM 90  C  CD  . ORN A  1 10 ? 7.688   11.422  5.823   1.00 50.94 ? 10 ORN A CD  1 
HETATM 91  N  NE  . ORN A  1 10 ? 6.948   10.937  4.655   1.00 48.24 ? 10 ORN A NE  1 
HETATM 92  C  C   . ORN A  1 10 ? 8.607   7.410   7.193   1.00 46.80 ? 10 ORN A C   1 
HETATM 93  O  O   . ORN A  1 10 ? 9.361   6.584   7.690   1.00 45.81 ? 10 ORN A O   1 
ATOM   94  N  N   . LEU B  1 1  ? 0.321   -5.028  3.996   1.00 31.95 ? 1  LEU B N   1 
ATOM   95  C  CA  . LEU B  1 1  ? 1.230   -3.850  3.776   1.00 29.61 ? 1  LEU B CA  1 
ATOM   96  C  C   . LEU B  1 1  ? 2.630   -4.216  4.259   1.00 28.62 ? 1  LEU B C   1 
ATOM   97  O  O   . LEU B  1 1  ? 2.814   -4.598  5.414   1.00 29.26 ? 1  LEU B O   1 
ATOM   98  C  CB  . LEU B  1 1  ? 0.746   -2.646  4.563   1.00 31.86 ? 1  LEU B CB  1 
ATOM   99  C  CG  . LEU B  1 1  ? 1.566   -1.358  4.422   1.00 33.48 ? 1  LEU B CG  1 
ATOM   100 C  CD1 . LEU B  1 1  ? 1.290   -0.704  3.082   1.00 31.27 ? 1  LEU B CD1 1 
ATOM   101 C  CD2 . LEU B  1 1  ? 1.240   -0.375  5.586   1.00 34.98 ? 1  LEU B CD2 1 
ATOM   102 N  N   . VAL B  1 2  ? 3.601   -4.070  3.382   1.00 26.94 ? 2  VAL B N   1 
ATOM   103 C  CA  . VAL B  1 2  ? 5.009   -4.164  3.757   1.00 27.77 ? 2  VAL B CA  1 
ATOM   104 C  C   . VAL B  1 2  ? 5.507   -2.757  4.109   1.00 30.34 ? 2  VAL B C   1 
ATOM   105 O  O   . VAL B  1 2  ? 5.150   -1.775  3.417   1.00 28.34 ? 2  VAL B O   1 
ATOM   106 C  CB  . VAL B  1 2  ? 5.849   -4.722  2.607   1.00 28.19 ? 2  VAL B CB  1 
ATOM   107 C  CG1 . VAL B  1 2  ? 7.364   -4.588  2.919   1.00 27.44 ? 2  VAL B CG1 1 
ATOM   108 C  CG2 . VAL B  1 2  ? 5.467   -6.215  2.328   1.00 29.05 ? 2  VAL B CG2 1 
HETATM 109 C  CD1 . 4BF B  1 3  ? 4.229   -2.234  7.860   1.00 36.89 ? 3  4BF B CD1 1 
HETATM 110 C  CE1 . 4BF B  1 3  ? 4.094   -2.975  9.030   1.00 39.31 ? 3  4BF B CE1 1 
HETATM 111 C  CZ  . 4BF B  1 3  ? 4.891   -2.692  10.135  1.00 41.79 ? 3  4BF B CZ  1 
HETATM 112 BR BR  . 4BF B  1 3  ? 4.685   -3.715  11.716  0.55 46.71 ? 3  4BF B BR  1 
HETATM 113 C  CE2 . 4BF B  1 3  ? 5.832   -1.667  10.077  1.00 37.14 ? 3  4BF B CE2 1 
HETATM 114 C  CD2 . 4BF B  1 3  ? 5.980   -0.927  8.907   1.00 36.97 ? 3  4BF B CD2 1 
HETATM 115 C  CG  . 4BF B  1 3  ? 5.170   -1.212  7.793   1.00 33.71 ? 3  4BF B CG  1 
HETATM 116 C  CB  . 4BF B  1 3  ? 5.347   -0.453  6.523   1.00 32.37 ? 3  4BF B CB  1 
HETATM 117 C  CA  . 4BF B  1 3  ? 6.465   -1.117  5.679   1.00 32.79 ? 3  4BF B CA  1 
HETATM 118 N  N   . 4BF B  1 3  ? 6.082   -2.483  5.299   1.00 28.83 ? 3  4BF B N   1 
HETATM 119 C  C   . 4BF B  1 3  ? 7.754   -1.130  6.509   1.00 34.70 ? 3  4BF B C   1 
HETATM 120 O  O   . 4BF B  1 3  ? 8.287   -2.207  6.809   1.00 34.90 ? 3  4BF B O   1 
ATOM   121 N  N   . PHE B  1 4  ? 8.410   0.038   6.357   1.00 36.83 ? 4  PHE B N   1 
ATOM   122 C  CA  . PHE B  1 4  ? 9.621   0.408   7.170   1.00 37.40 ? 4  PHE B CA  1 
ATOM   123 C  C   . PHE B  1 4  ? 9.531   1.881   7.620   1.00 36.56 ? 4  PHE B C   1 
ATOM   124 O  O   . PHE B  1 4  ? 9.238   2.761   6.819   1.00 34.02 ? 4  PHE B O   1 
ATOM   125 C  CB  . PHE B  1 4  ? 10.901  0.169   6.342   1.00 37.54 ? 4  PHE B CB  1 
ATOM   126 C  CG  . PHE B  1 4  ? 12.169  0.222   7.151   1.00 36.66 ? 4  PHE B CG  1 
ATOM   127 C  CD1 . PHE B  1 4  ? 12.622  -0.905  7.838   1.00 38.26 ? 4  PHE B CD1 1 
ATOM   128 C  CD2 . PHE B  1 4  ? 12.917  1.391   7.215   1.00 42.87 ? 4  PHE B CD2 1 
ATOM   129 C  CE1 . PHE B  1 4  ? 13.802  -0.855  8.609   1.00 38.31 ? 4  PHE B CE1 1 
ATOM   130 C  CE2 . PHE B  1 4  ? 14.098  1.449   7.985   1.00 44.17 ? 4  PHE B CE2 1 
ATOM   131 C  CZ  . PHE B  1 4  ? 14.538  0.316   8.668   1.00 41.34 ? 4  PHE B CZ  1 
ATOM   132 N  N   . ALA B  1 5  ? 9.783   2.120   8.904   1.00 41.04 ? 5  ALA B N   1 
ATOM   133 C  CA  . ALA B  1 5  ? 9.689   3.470   9.488   1.00 46.78 ? 5  ALA B CA  1 
ATOM   134 C  C   . ALA B  1 5  ? 10.893  3.733   10.402  1.00 51.54 ? 5  ALA B C   1 
ATOM   135 O  O   . ALA B  1 5  ? 11.146  2.951   11.333  1.00 54.63 ? 5  ALA B O   1 
ATOM   136 C  CB  . ALA B  1 5  ? 8.391   3.613   10.277  1.00 46.21 ? 5  ALA B CB  1 
HETATM 137 N  N   . ORN B  1 6  ? 15.171  2.449   13.603  1.00 60.21 ? 6  ORN B N   1 
HETATM 138 C  CA  . ORN B  1 6  ? 13.994  2.275   12.765  1.00 57.68 ? 6  ORN B CA  1 
HETATM 139 C  CB  . ORN B  1 6  ? 14.163  3.082   11.470  1.00 56.79 ? 6  ORN B CB  1 
HETATM 140 C  CG  . ORN B  1 6  ? 13.803  4.537   11.728  1.00 59.57 ? 6  ORN B CG  1 
HETATM 141 C  CD  . ORN B  1 6  ? 12.741  5.148   11.152  1.00 63.67 ? 6  ORN B CD  1 
HETATM 142 N  NE  . ORN B  1 6  ? 11.910  4.516   10.290  1.00 58.09 ? 6  ORN B NE  1 
HETATM 143 C  C   . ORN B  1 6  ? 13.798  0.811   12.441  1.00 53.81 ? 6  ORN B C   1 
HETATM 144 O  O   . ORN B  1 6  ? 14.742  0.037   12.442  0.50 37.22 ? 6  ORN B O   1 
HETATM 145 N  N   . HAO B  1 7  ? 12.545  0.435   12.154  1.00 52.80 ? 7  HAO B N   1 
HETATM 146 N  N9  . HAO B  1 7  ? 12.250  -0.902  11.791  1.00 49.90 ? 7  HAO B N9  1 
HETATM 147 C  C10 . HAO B  1 7  ? 11.190  -1.161  11.006  1.00 49.73 ? 7  HAO B C10 1 
HETATM 148 O  O11 . HAO B  1 7  ? 10.453  -0.257  10.590  1.00 41.73 ? 7  HAO B O11 1 
HETATM 149 C  CA  . HAO B  1 7  ? 10.909  -2.588  10.588  1.00 45.45 ? 7  HAO B CA  1 
HETATM 150 C  C13 . HAO B  1 7  ? 9.760   -2.870  9.834   1.00 42.98 ? 7  HAO B C13 1 
HETATM 151 C  C14 . HAO B  1 7  ? 11.813  -3.623  10.897  1.00 48.75 ? 7  HAO B C14 1 
HETATM 152 C  C15 . HAO B  1 7  ? 13.623  -4.397  12.358  1.00 52.93 ? 7  HAO B C15 1 
HETATM 153 O  O15 . HAO B  1 7  ? 12.960  -3.358  11.629  1.00 52.33 ? 7  HAO B O15 1 
HETATM 154 C  C17 . HAO B  1 7  ? 11.541  -4.932  10.469  1.00 46.58 ? 7  HAO B C17 1 
HETATM 155 C  C18 . HAO B  1 7  ? 10.390  -5.208  9.726   1.00 45.86 ? 7  HAO B C18 1 
HETATM 156 C  C19 . HAO B  1 7  ? 9.492   -4.174  9.415   1.00 41.64 ? 7  HAO B C19 1 
HETATM 157 N  N20 . HAO B  1 7  ? 8.355   -4.443  8.634   1.00 35.62 ? 7  HAO B N20 1 
HETATM 158 C  C21 . HAO B  1 7  ? 7.392   -5.262  9.052   1.00 39.20 ? 7  HAO B C21 1 
HETATM 159 O  O22 . HAO B  1 7  ? 7.405   -5.826  10.122  1.00 43.17 ? 7  HAO B O22 1 
HETATM 160 C  C   . HAO B  1 7  ? 6.214   -5.493  8.116   1.00 38.13 ? 7  HAO B C   1 
HETATM 161 O  O   . HAO B  1 7  ? 6.371   -4.789  6.911   1.00 34.63 ? 7  HAO B O   1 
ATOM   162 N  N   . LEU B  1 8  ? 5.289   -6.319  8.439   1.00 38.47 ? 8  LEU B N   1 
ATOM   163 C  CA  . LEU B  1 8  ? 4.163   -6.766  7.609   1.00 37.02 ? 8  LEU B CA  1 
ATOM   164 C  C   . LEU B  1 8  ? 2.886   -6.607  8.415   1.00 38.94 ? 8  LEU B C   1 
ATOM   165 O  O   . LEU B  1 8  ? 2.823   -7.015  9.591   1.00 38.50 ? 8  LEU B O   1 
ATOM   166 C  CB  . LEU B  1 8  ? 4.360   -8.222  7.201   1.00 35.74 ? 8  LEU B CB  1 
ATOM   167 C  CG  . LEU B  1 8  ? 3.479   -8.764  6.101   1.00 34.72 ? 8  LEU B CG  1 
ATOM   168 C  CD1 . LEU B  1 8  ? 3.796   -8.106  4.745   1.00 31.06 ? 8  LEU B CD1 1 
ATOM   169 C  CD2 . LEU B  1 8  ? 3.644   -10.270 6.019   1.00 35.64 ? 8  LEU B CD2 1 
ATOM   170 N  N   . LYS B  1 9  ? 1.891   -5.972  7.815   1.00 38.31 ? 9  LYS B N   1 
ATOM   171 C  CA  . LYS B  1 9  ? 0.553   -5.947  8.386   1.00 37.98 ? 9  LYS B CA  1 
ATOM   172 C  C   . LYS B  1 9  ? -0.463  -6.439  7.351   1.00 39.37 ? 9  LYS B C   1 
ATOM   173 O  O   . LYS B  1 9  ? -0.907  -5.654  6.473   1.00 38.22 ? 9  LYS B O   1 
ATOM   174 C  CB  . LYS B  1 9  ? 0.202   -4.524  8.859   1.00 40.58 ? 9  LYS B CB  1 
ATOM   175 C  CG  . LYS B  1 9  ? -1.192  -4.396  9.471   1.00 42.94 ? 9  LYS B CG  1 
ATOM   176 C  CD  . LYS B  1 9  ? -1.410  -3.026  10.114  1.00 43.07 ? 9  LYS B CD  1 
ATOM   177 C  CE  . LYS B  1 9  ? -2.822  -2.924  10.725  1.00 47.08 ? 9  LYS B CE  1 
ATOM   178 N  NZ  . LYS B  1 9  ? -3.027  -1.651  11.464  1.00 39.80 ? 9  LYS B NZ  1 
HETATM 179 N  N   . ORN B  1 10 ? -1.104  -7.911  2.279   1.00 29.05 ? 10 ORN B N   1 
HETATM 180 C  CA  . ORN B  1 10 ? -0.696  -7.198  3.482   1.00 31.79 ? 10 ORN B CA  1 
HETATM 181 C  CB  . ORN B  1 10 ? 0.103   -8.142  4.389   1.00 33.92 ? 10 ORN B CB  1 
HETATM 182 C  CG  . ORN B  1 10 ? -0.808  -9.105  5.180   1.00 39.49 ? 10 ORN B CG  1 
HETATM 183 C  CD  . ORN B  1 10 ? -1.613  -8.397  6.274   1.00 38.22 ? 10 ORN B CD  1 
HETATM 184 N  NE  . ORN B  1 10 ? -0.736  -7.704  7.230   1.00 38.25 ? 10 ORN B NE  1 
HETATM 185 C  C   . ORN B  1 10 ? 0.188   -6.016  3.093   1.00 32.03 ? 10 ORN B C   1 
HETATM 186 O  O   . ORN B  1 10 ? 0.760   -6.018  2.014   1.00 30.59 ? 10 ORN B O   1 
ATOM   187 N  N   . LEU C  1 1  ? -1.464  6.084   7.405   1.00 36.50 ? 1  LEU C N   1 
ATOM   188 C  CA  . LEU C  1 1  ? -1.683  5.755   5.965   1.00 32.28 ? 1  LEU C CA  1 
ATOM   189 C  C   . LEU C  1 1  ? -2.952  4.914   5.827   1.00 30.55 ? 1  LEU C C   1 
ATOM   190 O  O   . LEU C  1 1  ? -3.119  3.916   6.513   1.00 30.08 ? 1  LEU C O   1 
ATOM   191 C  CB  . LEU C  1 1  ? -0.471  4.986   5.410   1.00 32.49 ? 1  LEU C CB  1 
ATOM   192 C  CG  . LEU C  1 1  ? -0.573  4.469   3.981   1.00 30.89 ? 1  LEU C CG  1 
ATOM   193 C  CD1 . LEU C  1 1  ? -0.362  5.594   2.980   1.00 30.56 ? 1  LEU C CD1 1 
ATOM   194 C  CD2 . LEU C  1 1  ? 0.450   3.340   3.764   1.00 29.83 ? 1  LEU C CD2 1 
ATOM   195 N  N   . VAL C  1 2  ? -3.860  5.336   4.961   1.00 28.95 ? 2  VAL C N   1 
ATOM   196 C  CA  . VAL C  1 2  ? -4.973  4.483   4.576   1.00 26.84 ? 2  VAL C CA  1 
ATOM   197 C  C   . VAL C  1 2  ? -4.627  3.834   3.257   1.00 26.74 ? 2  VAL C C   1 
ATOM   198 O  O   . VAL C  1 2  ? -4.164  4.515   2.341   1.00 27.47 ? 2  VAL C O   1 
ATOM   199 C  CB  . VAL C  1 2  ? -6.307  5.276   4.435   1.00 28.03 ? 2  VAL C CB  1 
ATOM   200 C  CG1 . VAL C  1 2  ? -7.466  4.324   4.179   1.00 26.33 ? 2  VAL C CG1 1 
ATOM   201 C  CG2 . VAL C  1 2  ? -6.577  6.132   5.692   1.00 31.72 ? 2  VAL C CG2 1 
HETATM 202 C  CD1 . 4BF C  1 3  ? -2.593  0.809   4.363   1.00 30.23 ? 3  4BF C CD1 1 
HETATM 203 C  CE1 . 4BF C  1 3  ? -2.520  -0.079  5.412   1.00 33.10 ? 3  4BF C CE1 1 
HETATM 204 C  CZ  . 4BF C  1 3  ? -2.731  -1.424  5.194   1.00 37.41 ? 3  4BF C CZ  1 
HETATM 205 BR BR  . 4BF C  1 3  ? -2.598  -2.595  6.639   0.60 41.26 ? 3  4BF C BR  1 
HETATM 206 C  CE2 . 4BF C  1 3  ? -3.035  -1.899  3.920   1.00 29.02 ? 3  4BF C CE2 1 
HETATM 207 C  CD2 . 4BF C  1 3  ? -3.117  -1.007  2.870   1.00 32.22 ? 3  4BF C CD2 1 
HETATM 208 C  CG  . 4BF C  1 3  ? -2.889  0.357   3.095   1.00 28.22 ? 3  4BF C CG  1 
HETATM 209 C  CB  . 4BF C  1 3  ? -2.993  1.344   1.976   1.00 28.30 ? 3  4BF C CB  1 
HETATM 210 C  CA  . 4BF C  1 3  ? -4.440  1.818   1.826   1.00 28.50 ? 3  4BF C CA  1 
HETATM 211 N  N   . 4BF C  1 3  ? -4.861  2.520   3.045   1.00 28.99 ? 3  4BF C N   1 
HETATM 212 C  C   . 4BF C  1 3  ? -5.307  0.602   1.551   1.00 28.88 ? 3  4BF C C   1 
HETATM 213 O  O   . 4BF C  1 3  ? -6.114  0.193   2.399   1.00 28.05 ? 3  4BF C O   1 
ATOM   214 N  N   . PHE C  1 4  ? -5.484  0.485   0.223   1.00 25.00 ? 4  PHE C N   1 
ATOM   215 C  CA  . PHE C  1 4  ? -6.242  -0.647  -0.383  1.00 23.99 ? 4  PHE C CA  1 
ATOM   216 C  C   . PHE C  1 4  ? -5.567  -1.065  -1.682  1.00 24.27 ? 4  PHE C C   1 
ATOM   217 O  O   . PHE C  1 4  ? -5.239  -0.225  -2.512  1.00 24.20 ? 4  PHE C O   1 
ATOM   218 C  CB  . PHE C  1 4  ? -7.705  -0.217  -0.647  1.00 27.05 ? 4  PHE C CB  1 
ATOM   219 C  CG  . PHE C  1 4  ? -8.629  -1.352  -0.909  1.00 25.04 ? 4  PHE C CG  1 
ATOM   220 C  CD1 . PHE C  1 4  ? -9.380  -1.907  0.116   1.00 30.01 ? 4  PHE C CD1 1 
ATOM   221 C  CD2 . PHE C  1 4  ? -8.798  -1.835  -2.184  1.00 26.24 ? 4  PHE C CD2 1 
ATOM   222 C  CE1 . PHE C  1 4  ? -10.244 -2.945  -0.136  1.00 29.69 ? 4  PHE C CE1 1 
ATOM   223 C  CE2 . PHE C  1 4  ? -9.658  -2.872  -2.431  1.00 28.40 ? 4  PHE C CE2 1 
ATOM   224 C  CZ  . PHE C  1 4  ? -10.364 -3.439  -1.404  1.00 27.68 ? 4  PHE C CZ  1 
ATOM   225 N  N   . ALA C  1 5  ? -5.353  -2.371  -1.854  1.00 24.40 ? 5  ALA C N   1 
ATOM   226 C  CA  . ALA C  1 5  ? -4.722  -2.875  -3.074  1.00 26.83 ? 5  ALA C CA  1 
ATOM   227 C  C   . ALA C  1 5  ? -5.153  -4.304  -3.371  1.00 28.84 ? 5  ALA C C   1 
ATOM   228 O  O   . ALA C  1 5  ? -5.371  -5.110  -2.439  1.00 26.65 ? 5  ALA C O   1 
ATOM   229 C  CB  . ALA C  1 5  ? -3.190  -2.779  -2.954  1.00 26.39 ? 5  ALA C CB  1 
HETATM 230 N  N   . ORN C  1 6  ? -8.497  -8.306  -3.265  1.00 34.47 ? 6  ORN C N   1 
HETATM 231 C  CA  . ORN C  1 6  ? -7.838  -7.071  -2.894  1.00 34.74 ? 6  ORN C CA  1 
HETATM 232 C  CB  . ORN C  1 6  ? -8.123  -6.000  -3.960  1.00 36.69 ? 6  ORN C CB  1 
HETATM 233 C  CG  . ORN C  1 6  ? -7.204  -6.277  -5.153  1.00 38.71 ? 6  ORN C CG  1 
HETATM 234 C  CD  . ORN C  1 6  ? -6.042  -5.614  -5.335  1.00 39.79 ? 6  ORN C CD  1 
HETATM 235 N  NE  . ORN C  1 6  ? -5.652  -4.599  -4.532  1.00 33.22 ? 6  ORN C NE  1 
HETATM 236 C  C   . ORN C  1 6  ? -8.312  -6.627  -1.550  1.00 31.17 ? 6  ORN C C   1 
HETATM 237 O  O   . ORN C  1 6  ? -9.385  -6.988  -1.123  0.50 22.04 ? 6  ORN C O   1 
HETATM 238 N  N   . HAO C  1 7  ? -7.500  -5.827  -0.871  1.00 30.09 ? 7  HAO C N   1 
HETATM 239 N  N9  . HAO C  1 7  ? -7.884  -5.388  0.407   1.00 31.49 ? 7  HAO C N9  1 
HETATM 240 C  C10 . HAO C  1 7  ? -7.200  -4.430  1.014   1.00 29.98 ? 7  HAO C C10 1 
HETATM 241 O  O11 . HAO C  1 7  ? -6.237  -3.896  0.492   1.00 28.33 ? 7  HAO C O11 1 
HETATM 242 C  CA  . HAO C  1 7  ? -7.612  -3.985  2.386   1.00 24.89 ? 7  HAO C CA  1 
HETATM 243 C  C13 . HAO C  1 7  ? -6.954  -2.916  2.962   1.00 24.01 ? 7  HAO C C13 1 
HETATM 244 C  C14 . HAO C  1 7  ? -8.651  -4.622  3.066   1.00 28.80 ? 7  HAO C C14 1 
HETATM 245 C  C15 . HAO C  1 7  ? -10.528 -6.198  3.063   1.00 38.24 ? 7  HAO C C15 1 
HETATM 246 O  O15 . HAO C  1 7  ? -9.312  -5.678  2.481   1.00 31.27 ? 7  HAO C O15 1 
HETATM 247 C  C17 . HAO C  1 7  ? -9.004  -4.190  4.339   1.00 32.88 ? 7  HAO C C17 1 
HETATM 248 C  C18 . HAO C  1 7  ? -8.328  -3.117  4.928   1.00 35.00 ? 7  HAO C C18 1 
HETATM 249 C  C19 . HAO C  1 7  ? -7.279  -2.486  4.235   1.00 28.61 ? 7  HAO C C19 1 
HETATM 250 N  N20 . HAO C  1 7  ? -6.633  -1.363  4.775   1.00 29.80 ? 7  HAO C N20 1 
HETATM 251 C  C21 . HAO C  1 7  ? -6.327  -1.261  6.072   1.00 37.10 ? 7  HAO C C21 1 
HETATM 252 O  O22 . HAO C  1 7  ? -6.483  -2.145  6.886   1.00 37.76 ? 7  HAO C O22 1 
HETATM 253 C  C   . HAO C  1 7  ? -5.695  0.017   6.514   1.00 34.78 ? 7  HAO C C   1 
HETATM 254 O  O   . HAO C  1 7  ? -5.792  0.995   5.499   1.00 25.38 ? 7  HAO C O   1 
ATOM   255 N  N   . LEU C  1 8  ? -5.135  0.301   7.629   1.00 36.41 ? 8  LEU C N   1 
ATOM   256 C  CA  . LEU C  1 8  ? -4.669  1.556   8.236   1.00 37.78 ? 8  LEU C CA  1 
ATOM   257 C  C   . LEU C  1 8  ? -3.331  1.289   8.922   1.00 37.84 ? 8  LEU C C   1 
ATOM   258 O  O   . LEU C  1 8  ? -3.179  0.285   9.621   1.00 35.96 ? 8  LEU C O   1 
ATOM   259 C  CB  . LEU C  1 8  ? -5.715  2.070   9.263   1.00 41.95 ? 8  LEU C CB  1 
ATOM   260 C  CG  . LEU C  1 8  ? -5.512  3.476   9.831   1.00 46.33 ? 8  LEU C CG  1 
ATOM   261 C  CD1 . LEU C  1 8  ? -5.809  4.531   8.769   1.00 47.52 ? 8  LEU C CD1 1 
ATOM   262 C  CD2 . LEU C  1 8  ? -6.401  3.694   11.074  1.00 50.97 ? 8  LEU C CD2 1 
ATOM   263 N  N   . LYS C  1 9  ? -2.355  2.151   8.677   1.00 35.40 ? 9  LYS C N   1 
ATOM   264 C  CA  . LYS C  1 9  ? -1.078  2.072   9.381   1.00 36.90 ? 9  LYS C CA  1 
ATOM   265 C  C   . LYS C  1 9  ? -0.685  3.450   9.883   1.00 37.37 ? 9  LYS C C   1 
ATOM   266 O  O   . LYS C  1 9  ? -0.244  4.296   9.095   1.00 36.19 ? 9  LYS C O   1 
ATOM   267 C  CB  . LYS C  1 9  ? 0.018   1.506   8.447   1.00 36.66 ? 9  LYS C CB  1 
ATOM   268 C  CG  . LYS C  1 9  ? 1.426   1.413   9.083   1.00 41.62 ? 9  LYS C CG  1 
ATOM   269 C  CD  . LYS C  1 9  ? 1.455   0.482   10.272  1.00 45.19 ? 9  LYS C CD  1 
ATOM   270 C  CE  . LYS C  1 9  ? 2.825   0.512   10.977  1.00 47.53 ? 9  LYS C CE  1 
ATOM   271 N  NZ  . LYS C  1 9  ? 2.831   -0.377  12.140  1.00 46.80 ? 9  LYS C NZ  1 
HETATM 272 N  N   . ORN C  1 10 ? -2.245  8.644   9.870   1.00 42.40 ? 10 ORN C N   1 
HETATM 273 C  CA  . ORN C  1 10 ? -1.883  7.280   9.510   1.00 41.37 ? 10 ORN C CA  1 
HETATM 274 C  CB  . ORN C  1 10 ? -2.725  6.278   10.328  1.00 42.38 ? 10 ORN C CB  1 
HETATM 275 C  CG  . ORN C  1 10 ? -2.140  5.996   11.721  1.00 46.62 ? 10 ORN C CG  1 
HETATM 276 C  CD  . ORN C  1 10 ? -0.854  5.143   11.679  1.00 46.29 ? 10 ORN C CD  1 
HETATM 277 N  NE  . ORN C  1 10 ? -1.079  3.842   11.045  1.00 42.01 ? 10 ORN C NE  1 
HETATM 278 C  C   . ORN C  1 10 ? -2.152  7.064   8.012   1.00 40.88 ? 10 ORN C C   1 
HETATM 279 O  O   . ORN C  1 10 ? -3.002  7.750   7.425   1.00 37.13 ? 10 ORN C O   1 
ATOM   280 N  N   . LEU D  1 1  ? -1.656  0.283   -5.740  1.00 26.45 ? 1  LEU D N   1 
ATOM   281 C  CA  . LEU D  1 1  ? -2.019  0.686   -4.370  1.00 25.58 ? 1  LEU D CA  1 
ATOM   282 C  C   . LEU D  1 1  ? -2.854  1.970   -4.432  1.00 23.70 ? 1  LEU D C   1 
ATOM   283 O  O   . LEU D  1 1  ? -2.411  2.986   -5.005  1.00 25.74 ? 1  LEU D O   1 
ATOM   284 C  CB  . LEU D  1 1  ? -0.743  0.950   -3.554  1.00 23.24 ? 1  LEU D CB  1 
ATOM   285 C  CG  . LEU D  1 1  ? -0.928  1.594   -2.183  1.00 25.82 ? 1  LEU D CG  1 
ATOM   286 C  CD1 . LEU D  1 1  ? -1.580  0.614   -1.256  1.00 29.74 ? 1  LEU D CD1 1 
ATOM   287 C  CD2 . LEU D  1 1  ? 0.430   2.071   -1.632  1.00 27.21 ? 1  LEU D CD2 1 
ATOM   288 N  N   . VAL D  1 2  ? -4.040  1.920   -3.861  1.00 24.85 ? 2  VAL D N   1 
ATOM   289 C  CA  . VAL D  1 2  ? -4.814  3.146   -3.572  1.00 23.14 ? 2  VAL D CA  1 
ATOM   290 C  C   . VAL D  1 2  ? -4.450  3.602   -2.181  1.00 24.09 ? 2  VAL D C   1 
ATOM   291 O  O   . VAL D  1 2  ? -4.374  2.784   -1.259  1.00 24.83 ? 2  VAL D O   1 
ATOM   292 C  CB  . VAL D  1 2  ? -6.310  2.902   -3.654  1.00 23.86 ? 2  VAL D CB  1 
ATOM   293 C  CG1 . VAL D  1 2  ? -7.093  4.171   -3.184  1.00 21.30 ? 2  VAL D CG1 1 
ATOM   294 C  CG2 . VAL D  1 2  ? -6.720  2.494   -5.124  1.00 23.76 ? 2  VAL D CG2 1 
HETATM 295 C  CD1 . 4BF D  1 3  ? -1.306  6.231   -2.622  1.00 30.37 ? 3  4BF D CD1 1 
HETATM 296 C  CE1 . 4BF D  1 3  ? -0.805  7.307   -3.351  1.00 30.42 ? 3  4BF D CE1 1 
HETATM 297 C  CZ  . 4BF D  1 3  ? -0.525  8.510   -2.715  1.00 35.85 ? 3  4BF D CZ  1 
HETATM 298 BR BR  . 4BF D  1 3  ? 0.162   9.967   -3.721  0.80 47.45 ? 3  4BF D BR  1 
HETATM 299 C  CE2 . 4BF D  1 3  ? -0.752  8.646   -1.351  1.00 36.16 ? 3  4BF D CE2 1 
HETATM 300 C  CD2 . 4BF D  1 3  ? -1.264  7.575   -0.619  1.00 33.18 ? 3  4BF D CD2 1 
HETATM 301 C  CG  . 4BF D  1 3  ? -1.553  6.370   -1.260  1.00 26.14 ? 3  4BF D CG  1 
HETATM 302 C  CB  . 4BF D  1 3  ? -2.155  5.237   -0.488  1.00 24.33 ? 3  4BF D CB  1 
HETATM 303 C  CA  . 4BF D  1 3  ? -3.695  5.291   -0.648  1.00 24.68 ? 3  4BF D CA  1 
HETATM 304 N  N   . 4BF D  1 3  ? -4.068  4.882   -1.987  1.00 23.16 ? 3  4BF D N   1 
HETATM 305 C  C   . 4BF D  1 3  ? -4.155  6.732   -0.410  1.00 27.22 ? 3  4BF D C   1 
HETATM 306 O  O   . 4BF D  1 3  ? -4.607  7.415   -1.338  1.00 26.76 ? 3  4BF D O   1 
ATOM   307 N  N   . PHE D  1 4  ? -4.280  7.010   0.884   1.00 27.91 ? 4  PHE D N   1 
ATOM   308 C  CA  . PHE D  1 4  ? -4.504  8.405   1.360   1.00 26.74 ? 4  PHE D CA  1 
ATOM   309 C  C   . PHE D  1 4  ? -3.780  8.593   2.682   1.00 29.14 ? 4  PHE D C   1 
ATOM   310 O  O   . PHE D  1 4  ? -3.837  7.728   3.545   1.00 26.37 ? 4  PHE D O   1 
ATOM   311 C  CB  . PHE D  1 4  ? -6.004  8.663   1.541   1.00 29.37 ? 4  PHE D CB  1 
ATOM   312 C  CG  . PHE D  1 4  ? -6.339  10.101  1.858   1.00 26.29 ? 4  PHE D CG  1 
ATOM   313 C  CD1 . PHE D  1 4  ? -6.551  11.020  0.837   1.00 30.00 ? 4  PHE D CD1 1 
ATOM   314 C  CD2 . PHE D  1 4  ? -6.470  10.527  3.184   1.00 33.11 ? 4  PHE D CD2 1 
ATOM   315 C  CE1 . PHE D  1 4  ? -6.866  12.369  1.130   1.00 31.07 ? 4  PHE D CE1 1 
ATOM   316 C  CE2 . PHE D  1 4  ? -6.787  11.861  3.479   1.00 35.97 ? 4  PHE D CE2 1 
ATOM   317 C  CZ  . PHE D  1 4  ? -6.981  12.780  2.439   1.00 30.76 ? 4  PHE D CZ  1 
ATOM   318 N  N   . ALA D  1 5  ? -3.086  9.717   2.825   1.00 30.76 ? 5  ALA D N   1 
ATOM   319 C  CA  . ALA D  1 5  ? -2.316  10.002  4.043   1.00 36.01 ? 5  ALA D CA  1 
ATOM   320 C  C   . ALA D  1 5  ? -2.210  11.515  4.245   1.00 37.55 ? 5  ALA D C   1 
ATOM   321 O  O   . ALA D  1 5  ? -2.001  12.261  3.269   1.00 36.76 ? 5  ALA D O   1 
ATOM   322 C  CB  . ALA D  1 5  ? -0.918  9.386   3.947   1.00 34.41 ? 5  ALA D CB  1 
HETATM 323 N  N   . ORN D  1 6  ? -3.486  16.633  3.755   1.00 41.93 ? 6  ORN D N   1 
HETATM 324 C  CA  . ORN D  1 6  ? -3.331  15.227  3.426   1.00 41.42 ? 6  ORN D CA  1 
HETATM 325 C  CB  . ORN D  1 6  ? -4.110  14.392  4.437   1.00 41.87 ? 6  ORN D CB  1 
HETATM 326 C  CG  . ORN D  1 6  ? -3.296  14.297  5.707   1.00 47.68 ? 6  ORN D CG  1 
HETATM 327 C  CD  . ORN D  1 6  ? -2.626  13.185  6.060   1.00 49.39 ? 6  ORN D CD  1 
HETATM 328 N  NE  . ORN D  1 6  ? -2.651  12.051  5.326   1.00 44.32 ? 6  ORN D NE  1 
HETATM 329 C  C   . ORN D  1 6  ? -3.835  14.965  2.028   1.00 38.73 ? 6  ORN D C   1 
HETATM 330 O  O   . ORN D  1 6  ? -4.599  15.743  1.475   0.50 21.86 ? 6  ORN D O   1 
HETATM 331 N  N   . HAO D  1 7  ? -3.358  13.866  1.431   1.00 37.62 ? 7  HAO D N   1 
HETATM 332 N  N9  . HAO D  1 7  ? -3.796  13.512  0.132   1.00 30.74 ? 7  HAO D N9  1 
HETATM 333 C  C10 . HAO D  1 7  ? -3.595  12.259  -0.318  1.00 33.75 ? 7  HAO D C10 1 
HETATM 334 O  O11 . HAO D  1 7  ? -2.975  11.424  0.339   1.00 31.38 ? 7  HAO D O11 1 
HETATM 335 C  CA  . HAO D  1 7  ? -4.118  11.876  -1.668  1.00 30.72 ? 7  HAO D CA  1 
HETATM 336 C  C13 . HAO D  1 7  ? -3.927  10.571  -2.130  1.00 27.63 ? 7  HAO D C13 1 
HETATM 337 C  C14 . HAO D  1 7  ? -4.840  12.796  -2.444  1.00 35.15 ? 7  HAO D C14 1 
HETATM 338 C  C15 . HAO D  1 7  ? -5.420  15.153  -2.882  1.00 40.55 ? 7  HAO D C15 1 
HETATM 339 O  O15 . HAO D  1 7  ? -5.055  14.090  -1.981  1.00 39.19 ? 7  HAO D O15 1 
HETATM 340 C  C17 . HAO D  1 7  ? -5.329  12.398  -3.696  1.00 35.24 ? 7  HAO D C17 1 
HETATM 341 C  C18 . HAO D  1 7  ? -5.092  11.092  -4.172  1.00 31.91 ? 7  HAO D C18 1 
HETATM 342 C  C19 . HAO D  1 7  ? -4.416  10.178  -3.373  1.00 28.67 ? 7  HAO D C19 1 
HETATM 343 N  N20 . HAO D  1 7  ? -4.203  8.860   -3.829  1.00 28.73 ? 7  HAO D N20 1 
HETATM 344 C  C21 . HAO D  1 7  ? -3.583  8.620   -4.988  1.00 31.31 ? 7  HAO D C21 1 
HETATM 345 O  O22 . HAO D  1 7  ? -3.188  9.496   -5.745  1.00 30.95 ? 7  HAO D O22 1 
HETATM 346 C  C   . HAO D  1 7  ? -3.401  7.167   -5.406  1.00 29.72 ? 7  HAO D C   1 
HETATM 347 O  O   . HAO D  1 7  ? -3.954  6.293   -4.476  1.00 25.92 ? 7  HAO D O   1 
ATOM   348 N  N   . LEU D  1 8  ? -2.878  6.914   -6.563  1.00 28.54 ? 8  LEU D N   1 
ATOM   349 C  CA  . LEU D  1 8  ? -2.793  5.548   -7.090  1.00 24.96 ? 8  LEU D CA  1 
ATOM   350 C  C   . LEU D  1 8  ? -1.335  5.305   -7.450  1.00 29.25 ? 8  LEU D C   1 
ATOM   351 O  O   . LEU D  1 8  ? -0.712  6.117   -8.168  1.00 28.48 ? 8  LEU D O   1 
ATOM   352 C  CB  . LEU D  1 8  ? -3.683  5.401   -8.322  1.00 27.12 ? 8  LEU D CB  1 
ATOM   353 C  CG  . LEU D  1 8  ? -3.882  4.008   -8.891  1.00 26.81 ? 8  LEU D CG  1 
ATOM   354 C  CD1 . LEU D  1 8  ? -4.674  3.113   -7.900  1.00 25.44 ? 8  LEU D CD1 1 
ATOM   355 C  CD2 . LEU D  1 8  ? -4.600  4.088   -10.258 1.00 29.78 ? 8  LEU D CD2 1 
ATOM   356 N  N   . LYS D  1 9  ? -0.766  4.249   -6.898  1.00 27.39 ? 9  LYS D N   1 
ATOM   357 C  CA  . LYS D  1 9  ? 0.617   3.887   -7.213  1.00 30.88 ? 9  LYS D CA  1 
ATOM   358 C  C   . LYS D  1 9  ? 0.669   2.462   -7.717  1.00 31.60 ? 9  LYS D C   1 
ATOM   359 O  O   . LYS D  1 9  ? 0.675   1.523   -6.917  1.00 29.67 ? 9  LYS D O   1 
ATOM   360 C  CB  . LYS D  1 9  ? 1.492   4.053   -5.986  1.00 32.81 ? 9  LYS D CB  1 
ATOM   361 C  CG  . LYS D  1 9  ? 1.918   5.520   -5.722  1.00 38.33 ? 9  LYS D CG  1 
ATOM   362 C  CD  . LYS D  1 9  ? 2.410   5.706   -4.287  1.00 41.39 ? 9  LYS D CD  1 
ATOM   363 C  CE  . LYS D  1 9  ? 2.872   7.134   -4.036  1.00 45.12 ? 9  LYS D CE  1 
ATOM   364 N  NZ  . LYS D  1 9  ? 4.172   7.426   -4.680  1.00 43.83 ? 9  LYS D NZ  1 
HETATM 365 N  N   . ORN D  1 10 ? -2.690  -1.765  -8.539  1.00 26.32 ? 10 ORN D N   1 
HETATM 366 C  CA  . ORN D  1 10 ? -1.958  -0.653  -7.959  1.00 26.56 ? 10 ORN D CA  1 
HETATM 367 C  CB  . ORN D  1 10 ? -2.114  0.624   -8.822  1.00 30.72 ? 10 ORN D CB  1 
HETATM 368 C  CG  . ORN D  1 10 ? -1.138  0.674   -10.017 1.00 31.74 ? 10 ORN D CG  1 
HETATM 369 C  CD  . ORN D  1 10 ? 0.299   0.990   -9.604  1.00 35.52 ? 10 ORN D CD  1 
HETATM 370 N  NE  . ORN D  1 10 ? 0.414   2.307   -8.982  1.00 31.79 ? 10 ORN D NE  1 
HETATM 371 C  C   . ORN D  1 10 ? -2.497  -0.353  -6.569  1.00 28.41 ? 10 ORN D C   1 
HETATM 372 O  O   . ORN D  1 10 ? -3.634  -0.682  -6.260  1.00 29.20 ? 10 ORN D O   1 
ATOM   373 N  N   . LEU E  1 1  ? 8.290   -12.824 -2.935  1.00 29.32 ? 1  LEU E N   1 
ATOM   374 C  CA  . LEU E  1 1  ? 9.206   -11.747 -2.507  1.00 24.87 ? 1  LEU E CA  1 
ATOM   375 C  C   . LEU E  1 1  ? 8.474   -10.438 -2.683  1.00 25.45 ? 1  LEU E C   1 
ATOM   376 O  O   . LEU E  1 1  ? 7.693   -10.285 -3.622  1.00 24.80 ? 1  LEU E O   1 
ATOM   377 C  CB  . LEU E  1 1  ? 10.477  -11.742 -3.391  1.00 26.16 ? 1  LEU E CB  1 
ATOM   378 C  CG  . LEU E  1 1  ? 11.292  -13.038 -3.411  1.00 27.54 ? 1  LEU E CG  1 
ATOM   379 C  CD1 . LEU E  1 1  ? 12.404  -12.977 -4.493  1.00 31.01 ? 1  LEU E CD1 1 
ATOM   380 C  CD2 . LEU E  1 1  ? 11.897  -13.307 -2.036  1.00 29.53 ? 1  LEU E CD2 1 
ATOM   381 N  N   . VAL E  1 2  ? 8.715   -9.502  -1.773  1.00 24.83 ? 2  VAL E N   1 
ATOM   382 C  CA  . VAL E  1 2  ? 8.366   -8.090  -1.982  1.00 26.23 ? 2  VAL E CA  1 
ATOM   383 C  C   . VAL E  1 2  ? 9.572   -7.245  -1.680  1.00 25.90 ? 2  VAL E C   1 
ATOM   384 O  O   . VAL E  1 2  ? 10.232  -7.451  -0.646  1.00 25.85 ? 2  VAL E O   1 
ATOM   385 C  CB  . VAL E  1 2  ? 7.218   -7.647  -1.049  1.00 27.11 ? 2  VAL E CB  1 
ATOM   386 C  CG1 . VAL E  1 2  ? 6.994   -6.096  -1.140  1.00 30.48 ? 2  VAL E CG1 1 
ATOM   387 C  CG2 . VAL E  1 2  ? 5.988   -8.387  -1.366  1.00 33.42 ? 2  VAL E CG2 1 
HETATM 388 C  CD1 . 4BF E  1 3  ? 14.516  -5.534  -2.617  1.00 25.59 ? 3  4BF E CD1 1 
HETATM 389 C  CE1 . 4BF E  1 3  ? 15.671  -4.785  -2.669  1.00 26.53 ? 3  4BF E CE1 1 
HETATM 390 C  CZ  . 4BF E  1 3  ? 15.730  -3.657  -3.456  1.00 24.88 ? 3  4BF E CZ  1 
HETATM 391 BR BR  . 4BF E  1 3  ? 17.319  -2.719  -3.544  0.65 24.74 ? 3  4BF E BR  1 
HETATM 392 C  CE2 . 4BF E  1 3  ? 14.618  -3.258  -4.202  1.00 23.60 ? 3  4BF E CE2 1 
HETATM 393 C  CD2 . 4BF E  1 3  ? 13.448  -4.015  -4.137  1.00 23.49 ? 3  4BF E CD2 1 
HETATM 394 C  CG  . 4BF E  1 3  ? 13.388  -5.134  -3.303  1.00 24.35 ? 3  4BF E CG  1 
HETATM 395 C  CB  . 4BF E  1 3  ? 12.155  -6.002  -3.246  1.00 22.20 ? 3  4BF E CB  1 
HETATM 396 C  CA  . 4BF E  1 3  ? 11.023  -5.413  -2.422  1.00 23.48 ? 3  4BF E CA  1 
HETATM 397 N  N   . 4BF E  1 3  ? 9.871   -6.274  -2.575  1.00 24.57 ? 3  4BF E N   1 
HETATM 398 C  C   . 4BF E  1 3  ? 10.699  -4.015  -2.954  1.00 25.61 ? 3  4BF E C   1 
HETATM 399 O  O   . 4BF E  1 3  ? 9.892   -3.892  -3.873  1.00 23.94 ? 3  4BF E O   1 
ATOM   400 N  N   . PHE E  1 4  ? 10.877  -3.105  -1.957  1.00 23.36 ? 4  PHE E N   1 
ATOM   401 C  CA  . PHE E  1 4  ? 10.724  -1.681  -2.414  1.00 21.09 ? 4  PHE E CA  1 
ATOM   402 C  C   . PHE E  1 4  ? 11.825  -0.828  -1.776  1.00 24.50 ? 4  PHE E C   1 
ATOM   403 O  O   . PHE E  1 4  ? 11.732  -0.449  -0.620  1.00 24.65 ? 4  PHE E O   1 
ATOM   404 C  CB  . PHE E  1 4  ? 9.343   -1.150  -2.040  1.00 22.35 ? 4  PHE E CB  1 
ATOM   405 C  CG  . PHE E  1 4  ? 9.069   0.234   -2.563  1.00 22.57 ? 4  PHE E CG  1 
ATOM   406 C  CD1 . PHE E  1 4  ? 8.842   0.444   -3.892  1.00 23.95 ? 4  PHE E CD1 1 
ATOM   407 C  CD2 . PHE E  1 4  ? 9.114   1.318   -1.723  1.00 29.52 ? 4  PHE E CD2 1 
ATOM   408 C  CE1 . PHE E  1 4  ? 8.632   1.719   -4.378  1.00 30.94 ? 4  PHE E CE1 1 
ATOM   409 C  CE2 . PHE E  1 4  ? 8.893   2.596   -2.208  1.00 29.73 ? 4  PHE E CE2 1 
ATOM   410 C  CZ  . PHE E  1 4  ? 8.665   2.787   -3.532  1.00 31.05 ? 4  PHE E CZ  1 
ATOM   411 N  N   . ALA E  1 5  ? 12.887  -0.560  -2.541  1.00 24.96 ? 5  ALA E N   1 
ATOM   412 C  CA  . ALA E  1 5  ? 14.066  0.083   -1.987  1.00 25.46 ? 5  ALA E CA  1 
ATOM   413 C  C   . ALA E  1 5  ? 14.968  0.633   -3.091  1.00 27.32 ? 5  ALA E C   1 
ATOM   414 O  O   . ALA E  1 5  ? 14.906  0.173   -4.234  1.00 25.69 ? 5  ALA E O   1 
ATOM   415 C  CB  . ALA E  1 5  ? 14.854  -0.920  -1.103  1.00 23.62 ? 5  ALA E CB  1 
HETATM 416 N  N   . ORN E  1 6  ? 16.138  3.166   -7.380  1.00 29.60 ? 6  ORN E N   1 
HETATM 417 C  CA  . ORN E  1 6  ? 15.332  2.452   -6.386  1.00 34.34 ? 6  ORN E CA  1 
HETATM 418 C  CB  . ORN E  1 6  ? 15.197  3.295   -5.121  1.00 36.10 ? 6  ORN E CB  1 
HETATM 419 C  CG  . ORN E  1 6  ? 16.521  3.206   -4.386  1.00 35.98 ? 6  ORN E CG  1 
HETATM 420 C  CD  . ORN E  1 6  ? 16.749  2.351   -3.349  1.00 33.60 ? 6  ORN E CD  1 
HETATM 421 N  NE  . ORN E  1 6  ? 15.783  1.594   -2.790  1.00 29.03 ? 6  ORN E NE  1 
HETATM 422 C  C   . ORN E  1 6  ? 13.987  2.064   -6.942  1.00 31.76 ? 6  ORN E C   1 
HETATM 423 O  O   . ORN E  1 6  ? 13.458  2.693   -7.850  0.50 17.91 ? 6  ORN E O   1 
HETATM 424 N  N   . HAO E  1 7  ? 13.436  0.965   -6.408  1.00 24.78 ? 7  HAO E N   1 
HETATM 425 N  N9  . HAO E  1 7  ? 12.174  0.523   -6.866  1.00 26.80 ? 7  HAO E N9  1 
HETATM 426 C  C10 . HAO E  1 7  ? 11.676  -0.605  -6.381  1.00 26.81 ? 7  HAO E C10 1 
HETATM 427 O  O11 . HAO E  1 7  ? 12.287  -1.239  -5.511  1.00 22.70 ? 7  HAO E O11 1 
HETATM 428 C  CA  . HAO E  1 7  ? 10.330  -1.105  -6.835  1.00 23.04 ? 7  HAO E CA  1 
HETATM 429 C  C13 . HAO E  1 7  ? 9.898   -2.340  -6.354  1.00 24.59 ? 7  HAO E C13 1 
HETATM 430 C  C14 . HAO E  1 7  ? 9.470   -0.345  -7.661  1.00 26.58 ? 7  HAO E C14 1 
HETATM 431 C  C15 . HAO E  1 7  ? 8.929   1.718   -8.896  1.00 33.77 ? 7  HAO E C15 1 
HETATM 432 O  O15 . HAO E  1 7  ? 9.852   0.897   -8.127  1.00 29.11 ? 7  HAO E O15 1 
HETATM 433 C  C17 . HAO E  1 7  ? 8.221   -0.871  -8.002  1.00 23.65 ? 7  HAO E C17 1 
HETATM 434 C  C18 . HAO E  1 7  ? 7.816   -2.119  -7.513  1.00 25.99 ? 7  HAO E C18 1 
HETATM 435 C  C19 . HAO E  1 7  ? 8.689   -2.876  -6.715  1.00 24.31 ? 7  HAO E C19 1 
HETATM 436 N  N20 . HAO E  1 7  ? 8.330   -4.134  -6.149  1.00 23.03 ? 7  HAO E N20 1 
HETATM 437 C  C21 . HAO E  1 7  ? 7.382   -4.947  -6.600  1.00 23.65 ? 7  HAO E C21 1 
HETATM 438 O  O22 . HAO E  1 7  ? 6.695   -4.743  -7.584  1.00 25.88 ? 7  HAO E O22 1 
HETATM 439 C  C   . HAO E  1 7  ? 7.154   -6.256  -5.814  1.00 23.88 ? 7  HAO E C   1 
HETATM 440 O  O   . HAO E  1 7  ? 7.986   -6.344  -4.685  1.00 23.14 ? 7  HAO E O   1 
ATOM   441 N  N   . LEU E  1 8  ? 6.229   -6.981  -6.352  1.00 27.09 ? 8  LEU E N   1 
ATOM   442 C  CA  . LEU E  1 8  ? 5.819   -8.283  -5.783  1.00 26.27 ? 8  LEU E CA  1 
ATOM   443 C  C   . LEU E  1 8  ? 6.088   -9.382  -6.793  1.00 26.69 ? 8  LEU E C   1 
ATOM   444 O  O   . LEU E  1 8  ? 5.772   -9.238  -7.963  1.00 25.54 ? 8  LEU E O   1 
ATOM   445 C  CB  . LEU E  1 8  ? 4.328   -8.247  -5.434  1.00 26.47 ? 8  LEU E CB  1 
ATOM   446 C  CG  . LEU E  1 8  ? 3.657   -9.563  -5.088  1.00 27.77 ? 8  LEU E CG  1 
ATOM   447 C  CD1 . LEU E  1 8  ? 4.195   -10.096 -3.763  1.00 29.25 ? 8  LEU E CD1 1 
ATOM   448 C  CD2 . LEU E  1 8  ? 2.106   -9.393  -5.040  1.00 31.53 ? 8  LEU E CD2 1 
ATOM   449 N  N   . LYS E  1 9  ? 6.648   -10.488 -6.337  1.00 27.03 ? 9  LYS E N   1 
ATOM   450 C  CA  . LYS E  1 9  ? 6.747   -11.684 -7.180  1.00 29.51 ? 9  LYS E CA  1 
ATOM   451 C  C   . LYS E  1 9  ? 6.701   -12.949 -6.326  1.00 29.91 ? 9  LYS E C   1 
ATOM   452 O  O   . LYS E  1 9  ? 7.655   -13.244 -5.601  1.00 25.60 ? 9  LYS E O   1 
ATOM   453 C  CB  . LYS E  1 9  ? 8.037   -11.657 -8.015  1.00 31.99 ? 9  LYS E CB  1 
ATOM   454 C  CG  . LYS E  1 9  ? 8.074   -12.713 -9.144  1.00 36.56 ? 9  LYS E CG  1 
ATOM   455 C  CD  . LYS E  1 9  ? 7.198   -12.304 -10.310 1.00 38.09 ? 9  LYS E CD  1 
ATOM   456 C  CE  . LYS E  1 9  ? 7.236   -13.334 -11.425 1.00 45.29 ? 9  LYS E CE  1 
ATOM   457 N  NZ  . LYS E  1 9  ? 6.611   -12.815 -12.648 1.00 45.66 ? 9  LYS E NZ  1 
HETATM 458 N  N   . ORN E  1 10 ? 6.384   -15.696 -1.736  1.00 28.25 ? 10 ORN E N   1 
HETATM 459 C  CA  . ORN E  1 10 ? 6.728   -14.676 -2.689  1.00 32.00 ? 10 ORN E CA  1 
HETATM 460 C  CB  . ORN E  1 10 ? 5.466   -13.870 -3.147  1.00 32.90 ? 10 ORN E CB  1 
HETATM 461 C  CG  . ORN E  1 10 ? 4.606   -14.599 -4.197  1.00 37.86 ? 10 ORN E CG  1 
HETATM 462 C  CD  . ORN E  1 10 ? 5.325   -14.833 -5.531  1.00 37.36 ? 10 ORN E CD  1 
HETATM 463 N  NE  . ORN E  1 10 ? 5.572   -13.564 -6.229  1.00 34.48 ? 10 ORN E NE  1 
HETATM 464 C  C   . ORN E  1 10 ? 7.708   -13.686 -2.073  1.00 31.44 ? 10 ORN E C   1 
HETATM 465 O  O   . ORN E  1 10 ? 7.905   -13.672 -0.852  1.00 29.18 ? 10 ORN E O   1 
ATOM   466 N  N   . LEU F  1 1  ? 6.213   -15.089 2.908   1.00 36.05 ? 1  LEU F N   1 
ATOM   467 C  CA  . LEU F  1 1  ? 6.577   -13.802 2.219   1.00 32.36 ? 1  LEU F CA  1 
ATOM   468 C  C   . LEU F  1 1  ? 7.904   -13.310 2.793   1.00 29.66 ? 1  LEU F C   1 
ATOM   469 O  O   . LEU F  1 1  ? 8.073   -13.223 4.019   1.00 28.53 ? 1  LEU F O   1 
ATOM   470 C  CB  . LEU F  1 1  ? 5.488   -12.751 2.460   1.00 32.46 ? 1  LEU F CB  1 
ATOM   471 C  CG  . LEU F  1 1  ? 5.547   -11.505 1.600   1.00 34.54 ? 1  LEU F CG  1 
ATOM   472 C  CD1 . LEU F  1 1  ? 5.191   -11.849 0.167   1.00 33.25 ? 1  LEU F CD1 1 
ATOM   473 C  CD2 . LEU F  1 1  ? 4.595   -10.419 2.164   1.00 38.33 ? 1  LEU F CD2 1 
ATOM   474 N  N   . VAL F  1 2  ? 8.860   -13.043 1.915   1.00 28.31 ? 2  VAL F N   1 
ATOM   475 C  CA  . VAL F  1 2  ? 10.106  -12.454 2.320   1.00 26.45 ? 2  VAL F CA  1 
ATOM   476 C  C   . VAL F  1 2  ? 10.123  -11.012 1.841   1.00 25.07 ? 2  VAL F C   1 
ATOM   477 O  O   . VAL F  1 2  ? 9.738   -10.751 0.711   1.00 27.06 ? 2  VAL F O   1 
ATOM   478 C  CB  . VAL F  1 2  ? 11.307  -13.204 1.707   1.00 25.90 ? 2  VAL F CB  1 
ATOM   479 C  CG1 . VAL F  1 2  ? 12.620  -12.523 2.116   1.00 30.70 ? 2  VAL F CG1 1 
ATOM   480 C  CG2 . VAL F  1 2  ? 11.300  -14.693 2.150   1.00 29.06 ? 2  VAL F CG2 1 
HETATM 481 C  CD1 . 4BF F  1 3  ? 7.965   -9.641  4.749   1.00 28.16 ? 3  4BF F CD1 1 
HETATM 482 C  CE1 . 4BF F  1 3  ? 7.836   -9.868  6.107   1.00 32.01 ? 3  4BF F CE1 1 
HETATM 483 C  CZ  . 4BF F  1 3  ? 8.282   -8.921  7.023   1.00 35.78 ? 3  4BF F CZ  1 
HETATM 484 BR BR  . 4BF F  1 3  ? 8.100   -9.270  8.879   0.65 35.32 ? 3  4BF F BR  1 
HETATM 485 C  CE2 . 4BF F  1 3  ? 8.841   -7.724  6.566   1.00 33.06 ? 3  4BF F CE2 1 
HETATM 486 C  CD2 . 4BF F  1 3  ? 8.959   -7.491  5.185   1.00 27.19 ? 3  4BF F CD2 1 
HETATM 487 C  CG  . 4BF F  1 3  ? 8.519   -8.456  4.283   1.00 27.01 ? 3  4BF F CG  1 
HETATM 488 C  CB  . 4BF F  1 3  ? 8.651   -8.239  2.787   1.00 25.00 ? 3  4BF F CB  1 
HETATM 489 C  CA  . 4BF F  1 3  ? 10.067  -8.618  2.307   1.00 26.13 ? 3  4BF F CA  1 
HETATM 490 N  N   . 4BF F  1 3  ? 10.365  -9.993  2.689   1.00 25.47 ? 3  4BF F N   1 
HETATM 491 C  C   . 4BF F  1 3  ? 11.059  -7.638  2.914   1.00 29.33 ? 3  4BF F C   1 
HETATM 492 O  O   . 4BF F  1 3  ? 11.882  -8.015  3.757   1.00 26.11 ? 3  4BF F O   1 
ATOM   493 N  N   . PHE F  1 4  ? 11.414  -6.708  1.975   1.00 26.37 ? 4  PHE F N   1 
ATOM   494 C  CA  . PHE F  1 4  ? 12.412  -5.658  2.288   1.00 25.83 ? 4  PHE F CA  1 
ATOM   495 C  C   . PHE F  1 4  ? 11.941  -4.333  1.714   1.00 25.94 ? 4  PHE F C   1 
ATOM   496 O  O   . PHE F  1 4  ? 11.551  -4.267  0.562   1.00 25.11 ? 4  PHE F O   1 
ATOM   497 C  CB  . PHE F  1 4  ? 13.765  -6.039  1.687   1.00 24.82 ? 4  PHE F CB  1 
ATOM   498 C  CG  . PHE F  1 4  ? 14.875  -5.072  2.012   1.00 28.19 ? 4  PHE F CG  1 
ATOM   499 C  CD1 . PHE F  1 4  ? 15.506  -5.111  3.247   1.00 27.66 ? 4  PHE F CD1 1 
ATOM   500 C  CD2 . PHE F  1 4  ? 15.319  -4.166  1.068   1.00 27.10 ? 4  PHE F CD2 1 
ATOM   501 C  CE1 . PHE F  1 4  ? 16.541  -4.244  3.542   1.00 32.57 ? 4  PHE F CE1 1 
ATOM   502 C  CE2 . PHE F  1 4  ? 16.350  -3.262  1.366   1.00 32.53 ? 4  PHE F CE2 1 
ATOM   503 C  CZ  . PHE F  1 4  ? 16.970  -3.313  2.587   1.00 30.94 ? 4  PHE F CZ  1 
ATOM   504 N  N   . ALA F  1 5  ? 11.919  -3.303  2.543   1.00 23.93 ? 5  ALA F N   1 
ATOM   505 C  CA  . ALA F  1 5  ? 11.510  -1.981  2.103   1.00 25.36 ? 5  ALA F CA  1 
ATOM   506 C  C   . ALA F  1 5  ? 12.345  -0.922  2.786   1.00 24.77 ? 5  ALA F C   1 
ATOM   507 O  O   . ALA F  1 5  ? 12.586  -0.999  4.008   1.00 24.77 ? 5  ALA F O   1 
ATOM   508 C  CB  . ALA F  1 5  ? 10.015  -1.756  2.388   1.00 23.35 ? 5  ALA F CB  1 
HETATM 509 N  N   . ORN F  1 6  ? 16.535  1.007   5.206   1.00 30.97 ? 6  ORN F N   1 
HETATM 510 C  CA  . ORN F  1 6  ? 15.492  0.083   4.817   1.00 31.14 ? 6  ORN F CA  1 
HETATM 511 C  CB  . ORN F  1 6  ? 15.530  -0.153  3.285   1.00 31.43 ? 6  ORN F CB  1 
HETATM 512 C  CG  . ORN F  1 6  ? 14.926  1.079   2.601   1.00 31.85 ? 6  ORN F CG  1 
HETATM 513 C  CD  . ORN F  1 6  ? 13.642  1.136   2.140   1.00 31.88 ? 6  ORN F CD  1 
HETATM 514 N  NE  . ORN F  1 6  ? 12.812  0.066   2.111   1.00 25.95 ? 6  ORN F NE  1 
HETATM 515 C  C   . ORN F  1 6  ? 15.655  -1.189  5.597   1.00 31.68 ? 6  ORN F C   1 
HETATM 516 O  O   . ORN F  1 6  ? 16.653  -1.380  6.294   0.50 17.70 ? 6  ORN F O   1 
HETATM 517 N  N   . HAO F  1 7  ? 14.638  -2.038  5.520   1.00 30.78 ? 7  HAO F N   1 
HETATM 518 N  N9  . HAO F  1 7  ? 14.679  -3.245  6.217   1.00 29.82 ? 7  HAO F N9  1 
HETATM 519 C  C10 . HAO F  1 7  ? 13.709  -4.137  6.068   1.00 28.77 ? 7  HAO F C10 1 
HETATM 520 O  O11 . HAO F  1 7  ? 12.748  -3.967  5.291   1.00 29.86 ? 7  HAO F O11 1 
HETATM 521 C  CA  . HAO F  1 7  ? 13.816  -5.408  6.820   1.00 31.36 ? 7  HAO F CA  1 
HETATM 522 C  C13 . HAO F  1 7  ? 13.020  -6.476  6.429   1.00 27.21 ? 7  HAO F C13 1 
HETATM 523 C  C14 . HAO F  1 7  ? 14.733  -5.548  7.888   1.00 29.96 ? 7  HAO F C14 1 
HETATM 524 C  C15 . HAO F  1 7  ? 16.466  -4.569  9.383   1.00 33.78 ? 7  HAO F C15 1 
HETATM 525 O  O15 . HAO F  1 7  ? 15.539  -4.471  8.276   1.00 34.69 ? 7  HAO F O15 1 
HETATM 526 C  C17 . HAO F  1 7  ? 14.806  -6.781  8.552   1.00 32.92 ? 7  HAO F C17 1 
HETATM 527 C  C18 . HAO F  1 7  ? 13.989  -7.842  8.147   1.00 30.76 ? 7  HAO F C18 1 
HETATM 528 C  C19 . HAO F  1 7  ? 13.073  -7.680  7.097   1.00 30.28 ? 7  HAO F C19 1 
HETATM 529 N  N20 . HAO F  1 7  ? 12.300  -8.759  6.599   1.00 27.81 ? 7  HAO F N20 1 
HETATM 530 C  C21 . HAO F  1 7  ? 11.747  -9.723  7.337   1.00 35.84 ? 7  HAO F C21 1 
HETATM 531 O  O22 . HAO F  1 7  ? 11.789  -9.798  8.565   1.00 29.94 ? 7  HAO F O22 1 
HETATM 532 C  C   . HAO F  1 7  ? 11.015  -10.799 6.571   1.00 31.24 ? 7  HAO F C   1 
HETATM 533 O  O   . HAO F  1 7  ? 11.360  -10.795 5.197   1.00 27.06 ? 7  HAO F O   1 
ATOM   534 N  N   . LEU F  1 8  ? 10.632  -11.782 7.288   1.00 32.64 ? 8  LEU F N   1 
ATOM   535 C  CA  . LEU F  1 8  ? 9.846   -12.787 6.555   1.00 32.01 ? 8  LEU F CA  1 
ATOM   536 C  C   . LEU F  1 8  ? 8.702   -13.245 7.422   1.00 32.60 ? 8  LEU F C   1 
ATOM   537 O  O   . LEU F  1 8  ? 8.743   -13.083 8.657   1.00 32.37 ? 8  LEU F O   1 
ATOM   538 C  CB  . LEU F  1 8  ? 10.729  -13.973 6.149   1.00 34.00 ? 8  LEU F CB  1 
ATOM   539 C  CG  . LEU F  1 8  ? 11.109  -14.989 7.233   1.00 39.00 ? 8  LEU F CG  1 
ATOM   540 C  CD1 . LEU F  1 8  ? 11.614  -16.270 6.582   1.00 43.33 ? 8  LEU F CD1 1 
ATOM   541 C  CD2 . LEU F  1 8  ? 12.160  -14.409 8.179   1.00 44.02 ? 8  LEU F CD2 1 
ATOM   542 N  N   . LYS F  1 9  ? 7.660   -13.776 6.782   1.00 32.95 ? 9  LYS F N   1 
ATOM   543 C  CA  . LYS F  1 9  ? 6.542   -14.384 7.495   1.00 35.28 ? 9  LYS F CA  1 
ATOM   544 C  C   . LYS F  1 9  ? 5.953   -15.528 6.669   1.00 36.57 ? 9  LYS F C   1 
ATOM   545 O  O   . LYS F  1 9  ? 5.520   -15.316 5.526   1.00 30.75 ? 9  LYS F O   1 
ATOM   546 C  CB  . LYS F  1 9  ? 5.456   -13.342 7.794   1.00 37.41 ? 9  LYS F CB  1 
ATOM   547 C  CG  . LYS F  1 9  ? 4.400   -13.817 8.831   1.00 41.33 ? 9  LYS F CG  1 
ATOM   548 C  CD  . LYS F  1 9  ? 3.551   -12.648 9.376   1.00 51.48 ? 9  LYS F CD  1 
ATOM   549 C  CE  . LYS F  1 9  ? 4.390   -11.661 10.232  1.00 55.22 ? 9  LYS F CE  1 
ATOM   550 N  NZ  . LYS F  1 9  ? 3.579   -10.495 10.731  1.00 59.70 ? 9  LYS F NZ  1 
HETATM 551 N  N   . ORN F  1 10 ? 5.823   -18.666 2.319   1.00 38.68 ? 10 ORN F N   1 
HETATM 552 C  CA  . ORN F  1 10 ? 5.956   -17.507 3.180   1.00 40.87 ? 10 ORN F CA  1 
HETATM 553 C  CB  . ORN F  1 10 ? 7.058   -17.742 4.213   1.00 40.66 ? 10 ORN F CB  1 
HETATM 554 C  CG  . ORN F  1 10 ? 6.595   -18.629 5.387   1.00 45.70 ? 10 ORN F CG  1 
HETATM 555 C  CD  . ORN F  1 10 ? 5.599   -17.916 6.311   1.00 44.22 ? 10 ORN F CD  1 
HETATM 556 N  NE  . ORN F  1 10 ? 6.216   -16.760 6.974   1.00 39.16 ? 10 ORN F NE  1 
HETATM 557 C  C   . ORN F  1 10 ? 6.328   -16.292 2.323   1.00 37.10 ? 10 ORN F C   1 
HETATM 558 O  O   . ORN F  1 10 ? 6.681   -16.452 1.166   1.00 37.80 ? 10 ORN F O   1 
ATOM   559 N  N   . LEU G  1 1  ? -9.833  3.850   -13.366 1.00 32.89 ? 1  LEU G N   1 
ATOM   560 C  CA  . LEU G  1 1  ? -10.137 3.521   -11.942 1.00 29.43 ? 1  LEU G CA  1 
ATOM   561 C  C   . LEU G  1 1  ? -10.550 4.805   -11.264 1.00 27.41 ? 1  LEU G C   1 
ATOM   562 O  O   . LEU G  1 1  ? -9.866  5.816   -11.395 1.00 25.80 ? 1  LEU G O   1 
ATOM   563 C  CB  . LEU G  1 1  ? -8.877  2.974   -11.252 1.00 31.75 ? 1  LEU G CB  1 
ATOM   564 C  CG  . LEU G  1 1  ? -9.085  2.248   -9.935  1.00 33.14 ? 1  LEU G CG  1 
ATOM   565 C  CD1 . LEU G  1 1  ? -9.701  0.874   -10.185 1.00 33.98 ? 1  LEU G CD1 1 
ATOM   566 C  CD2 . LEU G  1 1  ? -7.758  2.120   -9.179  1.00 36.99 ? 1  LEU G CD2 1 
ATOM   567 N  N   . VAL G  1 2  ? -11.673 4.770   -10.553 1.00 25.02 ? 2  VAL G N   1 
ATOM   568 C  CA  . VAL G  1 2  ? -12.075 5.871   -9.701  1.00 24.22 ? 2  VAL G CA  1 
ATOM   569 C  C   . VAL G  1 2  ? -11.961 5.418   -8.228  1.00 23.63 ? 2  VAL G C   1 
ATOM   570 O  O   . VAL G  1 2  ? -12.304 4.271   -7.896  1.00 25.32 ? 2  VAL G O   1 
ATOM   571 C  CB  . VAL G  1 2  ? -13.530 6.314   -10.011 1.00 25.44 ? 2  VAL G CB  1 
ATOM   572 C  CG1 . VAL G  1 2  ? -13.969 7.462   -9.072  1.00 27.79 ? 2  VAL G CG1 1 
ATOM   573 C  CG2 . VAL G  1 2  ? -13.662 6.741   -11.521 1.00 29.63 ? 2  VAL G CG2 1 
HETATM 574 C  CD1 . 4BF G  1 3  ? -8.169  6.084   -8.065  1.00 27.58 ? 3  4BF G CD1 1 
HETATM 575 C  CE1 . 4BF G  1 3  ? -7.304  7.005   -8.624  1.00 30.56 ? 3  4BF G CE1 1 
HETATM 576 C  CZ  . 4BF G  1 3  ? -6.665  7.957   -7.821  1.00 30.30 ? 3  4BF G CZ  1 
HETATM 577 BR BR  . 4BF G  1 3  ? -5.453  9.208   -8.596  0.70 29.57 ? 3  4BF G BR  1 
HETATM 578 C  CE2 . 4BF G  1 3  ? -6.887  7.963   -6.455  1.00 27.36 ? 3  4BF G CE2 1 
HETATM 579 C  CD2 . 4BF G  1 3  ? -7.776  7.038   -5.890  1.00 24.14 ? 3  4BF G CD2 1 
HETATM 580 C  CG  . 4BF G  1 3  ? -8.416  6.105   -6.692  1.00 23.90 ? 3  4BF G CG  1 
HETATM 581 C  CB  . 4BF G  1 3  ? -9.395  5.123   -6.075  1.00 23.88 ? 3  4BF G CB  1 
HETATM 582 C  CA  . 4BF G  1 3  ? -10.849 5.673   -6.093  1.00 22.95 ? 3  4BF G CA  1 
HETATM 583 N  N   . 4BF G  1 3  ? -11.193 6.183   -7.412  1.00 23.66 ? 3  4BF G N   1 
HETATM 584 C  C   . 4BF G  1 3  ? -11.084 6.754   -5.036  1.00 24.53 ? 3  4BF G C   1 
HETATM 585 O  O   . 4BF G  1 3  ? -10.829 7.935   -5.260  1.00 25.26 ? 3  4BF G O   1 
ATOM   586 N  N   . PHE G  1 4  ? -11.236 6.207   -3.811  1.00 24.92 ? 4  PHE G N   1 
ATOM   587 C  CA  . PHE G  1 4  ? -11.461 7.019   -2.615  1.00 23.31 ? 4  PHE G CA  1 
ATOM   588 C  C   . PHE G  1 4  ? -11.129 6.220   -1.399  1.00 23.67 ? 4  PHE G C   1 
ATOM   589 O  O   . PHE G  1 4  ? -11.639 5.111   -1.214  1.00 24.38 ? 4  PHE G O   1 
ATOM   590 C  CB  . PHE G  1 4  ? -12.936 7.501   -2.555  1.00 24.93 ? 4  PHE G CB  1 
ATOM   591 C  CG  . PHE G  1 4  ? -13.227 8.432   -1.403  1.00 26.60 ? 4  PHE G CG  1 
ATOM   592 C  CD1 . PHE G  1 4  ? -12.908 9.795   -1.489  1.00 30.72 ? 4  PHE G CD1 1 
ATOM   593 C  CD2 . PHE G  1 4  ? -13.833 7.963   -0.252  1.00 27.89 ? 4  PHE G CD2 1 
ATOM   594 C  CE1 . PHE G  1 4  ? -13.179 10.665  -0.429  1.00 27.80 ? 4  PHE G CE1 1 
ATOM   595 C  CE2 . PHE G  1 4  ? -14.108 8.826   0.820   1.00 28.21 ? 4  PHE G CE2 1 
ATOM   596 C  CZ  . PHE G  1 4  ? -13.777 10.186  0.725   1.00 30.40 ? 4  PHE G CZ  1 
ATOM   597 N  N   . ALA G  1 5  ? -10.268 6.774   -0.555  1.00 23.53 ? 5  ALA G N   1 
ATOM   598 C  CA  . ALA G  1 5  ? -9.806  6.067   0.630   1.00 22.67 ? 5  ALA G CA  1 
ATOM   599 C  C   . ALA G  1 5  ? -9.626  7.039   1.764   1.00 22.88 ? 5  ALA G C   1 
ATOM   600 O  O   . ALA G  1 5  ? -9.086  8.144   1.562   1.00 22.87 ? 5  ALA G O   1 
ATOM   601 C  CB  . ALA G  1 5  ? -8.467  5.334   0.333   1.00 23.25 ? 5  ALA G CB  1 
HETATM 602 N  N   . ORN G  1 6  ? -10.315 11.504  4.319   1.00 27.88 ? 6  ORN G N   1 
HETATM 603 C  CA  . ORN G  1 6  ? -10.190 10.589  3.198   1.00 26.95 ? 6  ORN G CA  1 
HETATM 604 C  CB  . ORN G  1 6  ? -11.308 9.529   3.251   1.00 24.45 ? 6  ORN G CB  1 
HETATM 605 C  CG  . ORN G  1 6  ? -10.984 8.588   4.396   1.00 27.94 ? 6  ORN G CG  1 
HETATM 606 C  CD  . ORN G  1 6  ? -10.310 7.409   4.207   1.00 28.38 ? 6  ORN G CD  1 
HETATM 607 N  NE  . ORN G  1 6  ? -10.068 6.893   2.974   1.00 24.34 ? 6  ORN G NE  1 
HETATM 608 C  C   . ORN G  1 6  ? -10.199 11.358  1.904   1.00 29.78 ? 6  ORN G C   1 
HETATM 609 O  O   . ORN G  1 6  ? -10.557 12.541  1.846   0.50 14.04 ? 6  ORN G O   1 
HETATM 610 N  N   . HAO G  1 7  ? -9.764  10.682  0.857   1.00 25.11 ? 7  HAO G N   1 
HETATM 611 N  N9  . HAO G  1 7  ? -9.715  11.293  -0.389  1.00 24.15 ? 7  HAO G N9  1 
HETATM 612 C  C10 . HAO G  1 7  ? -9.453  10.583  -1.470  1.00 26.38 ? 7  HAO G C10 1 
HETATM 613 O  O11 . HAO G  1 7  ? -9.292  9.365   -1.434  1.00 24.48 ? 7  HAO G O11 1 
HETATM 614 C  CA  . HAO G  1 7  ? -9.429  11.285  -2.792  1.00 25.44 ? 7  HAO G CA  1 
HETATM 615 C  C13 . HAO G  1 7  ? -9.504  10.524  -3.948  1.00 22.24 ? 7  HAO G C13 1 
HETATM 616 C  C14 . HAO G  1 7  ? -9.396  12.684  -2.860  1.00 27.28 ? 7  HAO G C14 1 
HETATM 617 C  C15 . HAO G  1 7  ? -9.369  14.882  -1.755  1.00 32.62 ? 7  HAO G C15 1 
HETATM 618 O  O15 . HAO G  1 7  ? -9.330  13.436  -1.697  1.00 31.82 ? 7  HAO G O15 1 
HETATM 619 C  C17 . HAO G  1 7  ? -9.396  13.300  -4.122  1.00 26.90 ? 7  HAO G C17 1 
HETATM 620 C  C18 . HAO G  1 7  ? -9.470  12.511  -5.292  1.00 30.54 ? 7  HAO G C18 1 
HETATM 621 C  C19 . HAO G  1 7  ? -9.478  11.113  -5.203  1.00 28.12 ? 7  HAO G C19 1 
HETATM 622 N  N20 . HAO G  1 7  ? -9.644  10.295  -6.361  1.00 25.35 ? 7  HAO G N20 1 
HETATM 623 C  C21 . HAO G  1 7  ? -9.142  10.606  -7.552  1.00 30.55 ? 7  HAO G C21 1 
HETATM 624 O  O22 . HAO G  1 7  ? -8.423  11.577  -7.774  1.00 26.51 ? 7  HAO G O22 1 
HETATM 625 C  C   . HAO G  1 7  ? -9.510  9.700   -8.704  1.00 29.58 ? 7  HAO G C   1 
HETATM 626 O  O   . HAO G  1 7  ? -10.482 8.756   -8.331  1.00 24.96 ? 7  HAO G O   1 
ATOM   627 N  N   . LEU G  1 8  ? -8.954  9.948   -9.844  1.00 30.39 ? 8  LEU G N   1 
ATOM   628 C  CA  . LEU G  1 8  ? -9.210  8.945   -10.904 1.00 29.32 ? 8  LEU G CA  1 
ATOM   629 C  C   . LEU G  1 8  ? -8.045  8.898   -11.832 1.00 29.60 ? 8  LEU G C   1 
ATOM   630 O  O   . LEU G  1 8  ? -7.264  9.860   -11.915 1.00 29.68 ? 8  LEU G O   1 
ATOM   631 C  CB  . LEU G  1 8  ? -10.494 9.276   -11.673 1.00 30.52 ? 8  LEU G CB  1 
ATOM   632 C  CG  . LEU G  1 8  ? -10.466 10.447  -12.653 1.00 35.73 ? 8  LEU G CG  1 
ATOM   633 C  CD1 . LEU G  1 8  ? -11.719 10.385  -13.554 1.00 41.07 ? 8  LEU G CD1 1 
ATOM   634 C  CD2 . LEU G  1 8  ? -10.398 11.790  -11.910 1.00 40.30 ? 8  LEU G CD2 1 
ATOM   635 N  N   . LYS G  1 9  ? -7.887  7.761   -12.502 1.00 29.24 ? 9  LYS G N   1 
ATOM   636 C  CA  . LYS G  1 9  ? -6.807  7.581   -13.474 1.00 30.05 ? 9  LYS G CA  1 
ATOM   637 C  C   . LYS G  1 9  ? -7.241  6.578   -14.528 1.00 29.70 ? 9  LYS G C   1 
ATOM   638 O  O   . LYS G  1 9  ? -7.605  5.436   -14.195 1.00 27.81 ? 9  LYS G O   1 
ATOM   639 C  CB  . LYS G  1 9  ? -5.519  7.100   -12.778 1.00 30.98 ? 9  LYS G CB  1 
ATOM   640 C  CG  . LYS G  1 9  ? -4.252  7.129   -13.690 1.00 36.62 ? 9  LYS G CG  1 
ATOM   641 C  CD  . LYS G  1 9  ? -2.978  6.743   -12.896 1.00 43.11 ? 9  LYS G CD  1 
ATOM   642 C  CE  . LYS G  1 9  ? -2.612  7.818   -11.837 1.00 42.51 ? 9  LYS G CE  1 
ATOM   643 N  NZ  . LYS G  1 9  ? -1.344  7.493   -11.111 1.00 45.76 ? 9  LYS G NZ  1 
HETATM 644 N  N   . ORN G  1 10 ? -10.950 3.337   -16.792 1.00 35.49 ? 10 ORN G N   1 
HETATM 645 C  CA  . ORN G  1 10 ? -10.206 4.051   -15.768 1.00 35.23 ? 10 ORN G CA  1 
HETATM 646 C  CB  . ORN G  1 10 ? -10.443 5.570   -15.856 1.00 37.40 ? 10 ORN G CB  1 
HETATM 647 C  CG  . ORN G  1 10 ? -9.658  6.271   -16.979 1.00 41.60 ? 10 ORN G CG  1 
HETATM 648 C  CD  . ORN G  1 10 ? -8.132  6.214   -16.786 1.00 39.80 ? 10 ORN G CD  1 
HETATM 649 N  NE  . ORN G  1 10 ? -7.716  7.044   -15.647 1.00 32.39 ? 10 ORN G NE  1 
HETATM 650 C  C   . ORN G  1 10 ? -10.668 3.585   -14.385 1.00 34.42 ? 10 ORN G C   1 
HETATM 651 O  O   . ORN G  1 10 ? -11.754 3.013   -14.249 1.00 37.39 ? 10 ORN G O   1 
ATOM   652 N  N   . LEU H  1 1  ? -14.285 0.765   -9.689  1.00 31.70 ? 1  LEU H N   1 
ATOM   653 C  CA  . LEU H  1 1  ? -14.312 1.651   -8.484  1.00 28.26 ? 1  LEU H CA  1 
ATOM   654 C  C   . LEU H  1 1  ? -13.526 0.944   -7.397  1.00 27.20 ? 1  LEU H C   1 
ATOM   655 O  O   . LEU H  1 1  ? -13.623 -0.272  -7.254  1.00 27.28 ? 1  LEU H O   1 
ATOM   656 C  CB  . LEU H  1 1  ? -15.762 1.876   -8.003  1.00 28.58 ? 1  LEU H CB  1 
ATOM   657 C  CG  . LEU H  1 1  ? -16.742 2.449   -9.033  1.00 30.88 ? 1  LEU H CG  1 
ATOM   658 C  CD1 . LEU H  1 1  ? -18.179 2.469   -8.457  1.00 33.06 ? 1  LEU H CD1 1 
ATOM   659 C  CD2 . LEU H  1 1  ? -16.315 3.843   -9.448  1.00 34.65 ? 1  LEU H CD2 1 
ATOM   660 N  N   . VAL H  1 2  ? -12.752 1.702   -6.639  1.00 26.45 ? 2  VAL H N   1 
ATOM   661 C  CA  . VAL H  1 2  ? -12.172 1.222   -5.384  1.00 26.41 ? 2  VAL H CA  1 
ATOM   662 C  C   . VAL H  1 2  ? -12.535 2.206   -4.275  1.00 27.61 ? 2  VAL H C   1 
ATOM   663 O  O   . VAL H  1 2  ? -12.468 3.434   -4.463  1.00 24.71 ? 2  VAL H O   1 
ATOM   664 C  CB  . VAL H  1 2  ? -10.623 1.105   -5.469  1.00 27.41 ? 2  VAL H CB  1 
ATOM   665 C  CG1 . VAL H  1 2  ? -10.005 0.877   -4.051  1.00 33.37 ? 2  VAL H CG1 1 
ATOM   666 C  CG2 . VAL H  1 2  ? -10.230 0.020   -6.384  1.00 33.79 ? 2  VAL H CG2 1 
HETATM 667 C  CD1 . 4BF H  1 3  ? -16.013 4.783   -1.305  1.00 25.38 ? 3  4BF H CD1 1 
HETATM 668 C  CE1 . 4BF H  1 3  ? -16.622 5.546   -0.337  1.00 27.59 ? 3  4BF H CE1 1 
HETATM 669 C  CZ  . 4BF H  1 3  ? -16.909 4.997   0.911   1.00 25.87 ? 3  4BF H CZ  1 
HETATM 670 BR BR  . 4BF H  1 3  ? -17.752 6.053   2.195   0.80 26.70 ? 3  4BF H BR  1 
HETATM 671 C  CE2 . 4BF H  1 3  ? -16.564 3.688   1.194   1.00 23.59 ? 3  4BF H CE2 1 
HETATM 672 C  CD2 . 4BF H  1 3  ? -15.971 2.903   0.196   1.00 22.20 ? 3  4BF H CD2 1 
HETATM 673 C  CG  . 4BF H  1 3  ? -15.660 3.469   -1.043  1.00 21.90 ? 3  4BF H CG  1 
HETATM 674 C  CB  . 4BF H  1 3  ? -15.020 2.623   -2.130  1.00 23.35 ? 3  4BF H CB  1 
HETATM 675 C  CA  . 4BF H  1 3  ? -13.496 2.562   -2.038  1.00 23.55 ? 3  4BF H CA  1 
HETATM 676 N  N   . 4BF H  1 3  ? -13.028 1.742   -3.125  1.00 24.38 ? 3  4BF H N   1 
HETATM 677 C  C   . 4BF H  1 3  ? -13.056 1.866   -0.766  1.00 24.12 ? 3  4BF H C   1 
HETATM 678 O  O   . 4BF H  1 3  ? -13.348 0.682   -0.619  1.00 23.26 ? 3  4BF H O   1 
ATOM   679 N  N   . PHE H  1 4  ? -12.521 2.749   0.108   1.00 25.09 ? 4  PHE H N   1 
ATOM   680 C  CA  . PHE H  1 4  ? -12.221 2.219   1.464   1.00 23.12 ? 4  PHE H CA  1 
ATOM   681 C  C   . PHE H  1 4  ? -12.270 3.342   2.465   1.00 23.80 ? 4  PHE H C   1 
ATOM   682 O  O   . PHE H  1 4  ? -11.327 4.106   2.591   1.00 22.57 ? 4  PHE H O   1 
ATOM   683 C  CB  . PHE H  1 4  ? -10.852 1.514   1.503   1.00 23.06 ? 4  PHE H CB  1 
ATOM   684 C  CG  . PHE H  1 4  ? -10.577 0.836   2.804   1.00 24.28 ? 4  PHE H CG  1 
ATOM   685 C  CD1 . PHE H  1 4  ? -11.298 -0.302  3.177   1.00 26.06 ? 4  PHE H CD1 1 
ATOM   686 C  CD2 . PHE H  1 4  ? -9.685  1.379   3.705   1.00 27.57 ? 4  PHE H CD2 1 
ATOM   687 C  CE1 . PHE H  1 4  ? -11.088 -0.905  4.411   1.00 32.11 ? 4  PHE H CE1 1 
ATOM   688 C  CE2 . PHE H  1 4  ? -9.451  0.761   4.934   1.00 30.45 ? 4  PHE H CE2 1 
ATOM   689 C  CZ  . PHE H  1 4  ? -10.167 -0.371  5.289   1.00 34.46 ? 4  PHE H CZ  1 
ATOM   690 N  N   . ALA H  1 5  ? -13.425 3.478   3.128   1.00 22.39 ? 5  ALA H N   1 
ATOM   691 C  CA  . ALA H  1 5  ? -13.701 4.633   3.963   1.00 23.62 ? 5  ALA H CA  1 
ATOM   692 C  C   . ALA H  1 5  ? -14.903 4.363   4.873   1.00 23.33 ? 5  ALA H C   1 
ATOM   693 O  O   . ALA H  1 5  ? -15.783 3.556   4.539   1.00 23.29 ? 5  ALA H O   1 
ATOM   694 C  CB  . ALA H  1 5  ? -13.966 5.886   3.090   1.00 22.19 ? 5  ALA H CB  1 
HETATM 695 N  N   . ORN H  1 6  ? -17.728 1.875   8.260   1.00 30.50 ? 6  ORN H N   1 
HETATM 696 C  CA  . ORN H  1 6  ? -16.723 2.080   7.218   1.00 30.19 ? 6  ORN H CA  1 
HETATM 697 C  CB  . ORN H  1 6  ? -15.511 2.818   7.792   1.00 31.53 ? 6  ORN H CB  1 
HETATM 698 C  CG  . ORN H  1 6  ? -15.935 4.256   8.023   1.00 34.39 ? 6  ORN H CG  1 
HETATM 699 C  CD  . ORN H  1 6  ? -15.735 5.230   7.104   1.00 34.64 ? 6  ORN H CD  1 
HETATM 700 N  NE  . ORN H  1 6  ? -15.019 5.029   5.967   1.00 26.76 ? 6  ORN H NE  1 
HETATM 701 C  C   . ORN H  1 6  ? -16.309 0.785   6.590   1.00 29.92 ? 6  ORN H C   1 
HETATM 702 O  O   . ORN H  1 6  ? -16.319 -0.269  7.200   0.50 12.48 ? 6  ORN H O   1 
HETATM 703 N  N   . HAO H  1 7  ? -15.891 0.880   5.328   1.00 22.60 ? 7  HAO H N   1 
HETATM 704 N  N9  . HAO H  1 7  ? -15.469 -0.276  4.652   1.00 26.25 ? 7  HAO H N9  1 
HETATM 705 C  C10 . HAO H  1 7  ? -15.126 -0.153  3.379   1.00 25.50 ? 7  HAO H C10 1 
HETATM 706 O  O11 . HAO H  1 7  ? -15.137 0.960   2.808   1.00 24.31 ? 7  HAO H O11 1 
HETATM 707 C  CA  . HAO H  1 7  ? -14.666 -1.356  2.628   1.00 24.38 ? 7  HAO H CA  1 
HETATM 708 C  C13 . HAO H  1 7  ? -14.492 -1.235  1.273   1.00 21.21 ? 7  HAO H C13 1 
HETATM 709 C  C14 . HAO H  1 7  ? -14.378 -2.580  3.270   1.00 29.14 ? 7  HAO H C14 1 
HETATM 710 C  C15 . HAO H  1 7  ? -14.203 -3.958  5.293   1.00 34.32 ? 7  HAO H C15 1 
HETATM 711 O  O15 . HAO H  1 7  ? -14.585 -2.725  4.627   1.00 29.21 ? 7  HAO H O15 1 
HETATM 712 C  C17 . HAO H  1 7  ? -13.895 -3.651  2.513   1.00 27.60 ? 7  HAO H C17 1 
HETATM 713 C  C18 . HAO H  1 7  ? -13.709 -3.507  1.132   1.00 28.36 ? 7  HAO H C18 1 
HETATM 714 C  C19 . HAO H  1 7  ? -14.015 -2.285  0.513   1.00 24.94 ? 7  HAO H C19 1 
HETATM 715 N  N20 . HAO H  1 7  ? -13.811 -2.051  -0.865  1.00 26.17 ? 7  HAO H N20 1 
HETATM 716 C  C21 . HAO H  1 7  ? -13.687 -3.014  -1.768  1.00 25.71 ? 7  HAO H C21 1 
HETATM 717 O  O22 . HAO H  1 7  ? -13.759 -4.221  -1.512  1.00 29.56 ? 7  HAO H O22 1 
HETATM 718 C  C   . HAO H  1 7  ? -13.454 -2.560  -3.204  1.00 27.04 ? 7  HAO H C   1 
HETATM 719 O  O   . HAO H  1 7  ? -13.236 -1.155  -3.281  1.00 24.15 ? 7  HAO H O   1 
ATOM   720 N  N   . LEU H  1 8  ? -13.401 -3.450  -4.130  1.00 30.44 ? 8  LEU H N   1 
ATOM   721 C  CA  . LEU H  1 8  ? -13.092 -3.172  -5.563  1.00 30.28 ? 8  LEU H CA  1 
ATOM   722 C  C   . LEU H  1 8  ? -14.213 -3.735  -6.378  1.00 30.89 ? 8  LEU H C   1 
ATOM   723 O  O   . LEU H  1 8  ? -14.670 -4.852  -6.118  1.00 31.01 ? 8  LEU H O   1 
ATOM   724 C  CB  . LEU H  1 8  ? -11.754 -3.822  -5.958  1.00 29.56 ? 8  LEU H CB  1 
ATOM   725 C  CG  . LEU H  1 8  ? -11.456 -3.953  -7.468  1.00 35.04 ? 8  LEU H CG  1 
ATOM   726 C  CD1 . LEU H  1 8  ? -11.128 -2.617  -8.072  1.00 32.64 ? 8  LEU H CD1 1 
ATOM   727 C  CD2 . LEU H  1 8  ? -10.309 -4.960  -7.706  1.00 37.53 ? 8  LEU H CD2 1 
ATOM   728 N  N   . LYS H  1 9  ? -14.715 -2.952  -7.318  1.00 29.01 ? 9  LYS H N   1 
ATOM   729 C  CA  . LYS H  1 9  ? -15.611 -3.482  -8.342  1.00 32.05 ? 9  LYS H CA  1 
ATOM   730 C  C   . LYS H  1 9  ? -15.408 -2.776  -9.676  1.00 33.78 ? 9  LYS H C   1 
ATOM   731 O  O   . LYS H  1 9  ? -15.757 -1.590  -9.818  1.00 32.21 ? 9  LYS H O   1 
ATOM   732 C  CB  . LYS H  1 9  ? -17.070 -3.375  -7.916  1.00 33.41 ? 9  LYS H CB  1 
ATOM   733 C  CG  . LYS H  1 9  ? -17.998 -4.317  -8.740  1.00 39.47 ? 9  LYS H CG  1 
ATOM   734 C  CD  . LYS H  1 9  ? -19.363 -4.453  -8.140  1.00 44.55 ? 9  LYS H CD  1 
ATOM   735 C  CE  . LYS H  1 9  ? -20.014 -5.795  -8.519  1.00 47.65 ? 9  LYS H CE  1 
ATOM   736 N  NZ  . LYS H  1 9  ? -19.843 -6.107  -9.929  1.00 50.06 ? 9  LYS H NZ  1 
HETATM 737 N  N   . ORN H  1 10 ? -13.077 0.572   -13.132 1.00 28.51 ? 10 ORN H N   1 
HETATM 738 C  CA  . ORN H  1 10 ? -13.623 0.017   -11.920 1.00 33.91 ? 10 ORN H CA  1 
HETATM 739 C  CB  . ORN H  1 10 ? -12.810 -1.211  -11.451 1.00 35.03 ? 10 ORN H CB  1 
HETATM 740 C  CG  . ORN H  1 10 ? -13.180 -2.515  -12.189 1.00 38.59 ? 10 ORN H CG  1 
HETATM 741 C  CD  . ORN H  1 10 ? -14.601 -2.982  -11.921 1.00 39.97 ? 10 ORN H CD  1 
HETATM 742 N  NE  . ORN H  1 10 ? -14.733 -3.469  -10.539 1.00 35.53 ? 10 ORN H NE  1 
HETATM 743 C  C   . ORN H  1 10 ? -13.607 1.073   -10.812 1.00 31.57 ? 10 ORN H C   1 
HETATM 744 O  O   . ORN H  1 10 ? -13.018 2.147   -10.977 1.00 32.08 ? 10 ORN H O   1 
HETATM 745 CL CL  . CL  I  2 .  ? 3.526   -5.920  -8.516  1.00 39.87 ? 11 CL  A CL  1 
HETATM 746 CL CL  . CL  J  2 .  ? -2.491  -4.265  -6.733  1.00 31.10 ? 12 CL  A CL  1 
HETATM 747 C  C1  . GOL K  3 .  ? 1.289   -9.687  -1.478  1.00 55.26 ? 11 GOL B C1  1 
HETATM 748 O  O1  . GOL K  3 .  ? -0.063  -9.939  -1.291  1.00 59.55 ? 11 GOL B O1  1 
HETATM 749 C  C2  . GOL K  3 .  ? 1.871   -9.057  -0.215  1.00 46.42 ? 11 GOL B C2  1 
HETATM 750 O  O2  . GOL K  3 .  ? 1.011   -9.243  0.893   1.00 42.45 ? 11 GOL B O2  1 
HETATM 751 C  C3  . GOL K  3 .  ? 2.109   -7.587  -0.444  1.00 47.76 ? 11 GOL B C3  1 
HETATM 752 O  O3  . GOL K  3 .  ? 0.878   -6.927  -0.494  1.00 46.64 ? 11 GOL B O3  1 
HETATM 753 C  C1  . GOL L  3 .  ? -2.318  -6.273  -1.210  1.00 54.44 ? 11 GOL C C1  1 
HETATM 754 O  O1  . GOL L  3 .  ? -3.401  -7.097  -1.574  1.00 52.58 ? 11 GOL C O1  1 
HETATM 755 C  C2  . GOL L  3 .  ? -2.342  -5.962  0.287   1.00 45.26 ? 11 GOL C C2  1 
HETATM 756 O  O2  . GOL L  3 .  ? -2.757  -7.100  0.987   1.00 65.26 ? 11 GOL C O2  1 
HETATM 757 C  C3  . GOL L  3 .  ? -3.296  -4.801  0.580   1.00 54.33 ? 11 GOL C C3  1 
HETATM 758 O  O3  . GOL L  3 .  ? -3.672  -4.803  1.949   1.00 50.81 ? 11 GOL C O3  1 
HETATM 759 C  C1  . GOL M  3 .  ? -6.692  -1.693  -7.149  1.00 33.86 ? 11 GOL D C1  1 
HETATM 760 O  O1  . GOL M  3 .  ? -5.592  -2.358  -6.562  1.00 34.83 ? 11 GOL D O1  1 
HETATM 761 C  C2  . GOL M  3 .  ? -6.471  -1.561  -8.663  1.00 32.47 ? 11 GOL D C2  1 
HETATM 762 O  O2  . GOL M  3 .  ? -5.320  -0.814  -8.916  1.00 28.41 ? 11 GOL D O2  1 
HETATM 763 C  C3  . GOL M  3 .  ? -6.295  -2.916  -9.310  1.00 43.77 ? 11 GOL D C3  1 
HETATM 764 O  O3  . GOL M  3 .  ? -7.331  -3.751  -8.913  1.00 45.24 ? 11 GOL D O3  1 
HETATM 765 CL CL  . CL  N  2 .  ? -0.533  4.289   -11.323 1.00 53.99 ? 12 CL  D CL  1 
HETATM 766 CL CL  . CL  O  2 .  ? -1.450  9.162   -8.575  1.00 63.33 ? 13 CL  D CL  1 
HETATM 767 CL CL  . CL  P  2 .  ? 8.564   -10.121 -13.413 1.00 38.30 ? 11 CL  E CL  1 
HETATM 768 CL CL  . CL  Q  2 .  ? 15.679  3.388   -0.136  1.00 39.44 ? 12 CL  E CL  1 
HETATM 769 C  C1  . IPA R  4 .  ? 10.695  -16.323 -0.999  1.00 52.66 ? 13 IPA E C1  1 
HETATM 770 C  C2  . IPA R  4 .  ? 9.895   -17.119 -2.021  1.00 53.52 ? 13 IPA E C2  1 
HETATM 771 C  C3  . IPA R  4 .  ? 9.832   -16.375 -3.341  1.00 48.43 ? 13 IPA E C3  1 
HETATM 772 O  O2  . IPA R  4 .  ? 8.597   -17.306 -1.548  1.00 49.06 ? 13 IPA E O2  1 
HETATM 773 C  C1  . IPA S  4 .  ? -17.365 3.653   -13.013 1.00 57.34 ? 11 IPA H C1  1 
HETATM 774 C  C2  . IPA S  4 .  ? -16.536 2.489   -13.547 1.00 56.29 ? 11 IPA H C2  1 
HETATM 775 C  C3  . IPA S  4 .  ? -16.807 1.237   -12.729 1.00 54.59 ? 11 IPA H C3  1 
HETATM 776 O  O2  . IPA S  4 .  ? -15.171 2.817   -13.498 1.00 54.10 ? 11 IPA H O2  1 
HETATM 777 CL CL  . CL  T  2 .  ? -13.755 -6.318  -10.056 1.00 71.79 ? 12 CL  H CL  1 
HETATM 778 O  O   . HOH U  5 .  ? -0.044  -2.744  -9.764  1.00 32.18 ? 13 HOH A O   1 
HETATM 779 O  O   . HOH U  5 .  ? 6.622   4.334   -8.733  1.00 61.71 ? 14 HOH A O   1 
HETATM 780 O  O   . HOH U  5 .  ? 0.660   12.142  5.886   1.00 87.04 ? 15 HOH A O   1 
HETATM 781 O  O   . HOH U  5 .  ? -0.049  15.597  3.753   1.00 49.12 ? 27 HOH A O   1 
HETATM 782 O  O   . HOH U  5 .  ? 1.901   -1.869  -11.463 1.00 41.50 ? 46 HOH A O   1 
HETATM 783 O  O   . HOH U  5 .  ? 4.219   -3.548  -12.660 1.00 44.04 ? 47 HOH A O   1 
HETATM 784 O  O   . HOH U  5 .  ? -0.066  11.655  0.803   1.00 45.29 ? 48 HOH A O   1 
HETATM 785 O  O   . HOH U  5 .  ? 0.336   -6.925  -8.106  1.00 55.29 ? 53 HOH A O   1 
HETATM 786 O  O   . HOH V  5 .  ? 0.653   -10.046 8.934   1.00 36.94 ? 34 HOH B O   1 
HETATM 787 O  O   . HOH V  5 .  ? 17.238  -5.046  13.072  1.00 49.24 ? 42 HOH B O   1 
HETATM 788 O  O   . HOH V  5 .  ? 9.847   -4.234  5.722   1.00 34.18 ? 43 HOH B O   1 
HETATM 789 O  O   . HOH W  5 .  ? -11.144 -7.953  -4.519  1.00 38.25 ? 12 HOH C O   1 
HETATM 790 O  O   . HOH W  5 .  ? -0.459  9.864   7.846   1.00 84.25 ? 13 HOH C O   1 
HETATM 791 O  O   . HOH W  5 .  ? -7.411  -9.837  -0.952  1.00 56.58 ? 33 HOH C O   1 
HETATM 792 O  O   . HOH W  5 .  ? -3.851  -5.522  4.409   1.00 49.95 ? 37 HOH C O   1 
HETATM 793 O  O   . HOH W  5 .  ? -5.285  8.815   10.068  1.00 50.68 ? 38 HOH C O   1 
HETATM 794 O  O   . HOH X  5 .  ? -7.160  7.749   -2.599  1.00 28.73 ? 29 HOH D O   1 
HETATM 795 O  O   . HOH X  5 .  ? 3.997   10.132  -3.064  1.00 56.58 ? 30 HOH D O   1 
HETATM 796 O  O   . HOH X  5 .  ? -2.808  -2.327  -11.197 1.00 63.72 ? 31 HOH D O   1 
HETATM 797 O  O   . HOH X  5 .  ? -6.039  17.443  4.257   1.00 56.14 ? 49 HOH D O   1 
HETATM 798 O  O   . HOH Y  5 .  ? 10.997  -14.078 -15.621 1.00 38.77 ? 16 HOH E O   1 
HETATM 799 O  O   . HOH Y  5 .  ? 3.125   -12.537 -7.775  1.00 58.13 ? 17 HOH E O   1 
HETATM 800 O  O   . HOH Y  5 .  ? 8.364   -16.905 -5.099  1.00 53.95 ? 18 HOH E O   1 
HETATM 801 O  O   . HOH Y  5 .  ? 3.728   -15.147 -0.260  1.00 36.81 ? 40 HOH E O   1 
HETATM 802 O  O   . HOH Y  5 .  ? 16.326  2.511   -10.286 1.00 42.17 ? 45 HOH E O   1 
HETATM 803 O  O   . HOH Z  5 .  ? 5.209   -8.313  11.092  1.00 51.31 ? 35 HOH F O   1 
HETATM 804 O  O   . HOH Z  5 .  ? 7.556   -17.032 9.810   1.00 44.86 ? 36 HOH F O   1 
HETATM 805 O  O   . HOH Z  5 .  ? 19.283  -4.681  11.473  1.00 40.77 ? 41 HOH F O   1 
HETATM 806 O  O   . HOH Z  5 .  ? 14.969  3.550   5.031   1.00 45.39 ? 50 HOH F O   1 
HETATM 807 O  O   . HOH AA 5 .  ? -6.822  10.006  -16.155 1.00 43.34 ? 11 HOH G O   1 
HETATM 808 O  O   . HOH AA 5 .  ? -4.678  10.396  -11.992 1.00 31.55 ? 12 HOH G O   1 
HETATM 809 O  O   . HOH AA 5 .  ? -3.361  11.469  -9.877  1.00 35.18 ? 13 HOH G O   1 
HETATM 810 O  O   . HOH AA 5 .  ? -9.150  14.191  4.682   1.00 33.69 ? 24 HOH G O   1 
HETATM 811 O  O   . HOH AA 5 .  ? -13.236 12.516  4.404   1.00 33.43 ? 26 HOH G O   1 
HETATM 812 O  O   . HOH AA 5 .  ? -6.377  13.207  -6.981  1.00 38.55 ? 31 HOH G O   1 
HETATM 813 O  O   . HOH AA 5 .  ? -10.091 4.041   -19.278 1.00 53.80 ? 39 HOH G O   1 
HETATM 814 O  O   . HOH BA 5 .  ? -13.811 -6.519  -4.054  1.00 33.87 ? 13 HOH H O   1 
HETATM 815 O  O   . HOH BA 5 .  ? -21.627 -3.514  -10.924 1.00 37.26 ? 14 HOH H O   1 
HETATM 816 O  O   . HOH BA 5 .  ? -25.788 -4.498  -12.078 1.00 40.39 ? 15 HOH H O   1 
HETATM 817 O  O   . HOH BA 5 .  ? -18.397 -0.276  -11.353 1.00 53.41 ? 16 HOH H O   1 
HETATM 818 O  O   . HOH BA 5 .  ? -19.816 -0.284  8.105   1.00 28.26 ? 22 HOH H O   1 
HETATM 819 O  O   . HOH BA 5 .  ? -11.230 -4.950  6.929   1.00 48.08 ? 36 HOH H O   1 
HETATM 820 O  O   . HOH BA 5 .  ? -10.228 0.133   -13.681 1.00 41.75 ? 52 HOH H O   1 
# 
loop_
_atom_site_anisotrop.id 
_atom_site_anisotrop.type_symbol 
_atom_site_anisotrop.pdbx_label_atom_id 
_atom_site_anisotrop.pdbx_label_alt_id 
_atom_site_anisotrop.pdbx_label_comp_id 
_atom_site_anisotrop.pdbx_label_asym_id 
_atom_site_anisotrop.pdbx_label_seq_id 
_atom_site_anisotrop.pdbx_PDB_ins_code 
_atom_site_anisotrop.U[1][1] 
_atom_site_anisotrop.U[2][2] 
_atom_site_anisotrop.U[3][3] 
_atom_site_anisotrop.U[1][2] 
_atom_site_anisotrop.U[1][3] 
_atom_site_anisotrop.U[2][3] 
_atom_site_anisotrop.pdbx_auth_seq_id 
_atom_site_anisotrop.pdbx_auth_comp_id 
_atom_site_anisotrop.pdbx_auth_asym_id 
_atom_site_anisotrop.pdbx_auth_atom_id 
1   N  N   . LEU A  1  ? 0.5251 0.5322 0.5635 0.0331  -0.0588 -0.0228 1  LEU A N   
2   C  CA  . LEU A  1  ? 0.4901 0.5050 0.5169 0.0329  -0.0454 -0.0174 1  LEU A CA  
3   C  C   . LEU A  1  ? 0.4373 0.4630 0.4849 0.0306  -0.0373 -0.0078 1  LEU A C   
4   O  O   . LEU A  1  ? 0.4174 0.4446 0.4747 0.0295  -0.0341 -0.0070 1  LEU A O   
5   C  CB  . LEU A  1  ? 0.5011 0.5188 0.5088 0.0345  -0.0333 -0.0255 1  LEU A CB  
6   C  CG  . LEU A  1  ? 0.4924 0.5145 0.4860 0.0302  -0.0206 -0.0197 1  LEU A CG  
7   C  CD1 . LEU A  1  ? 0.4913 0.4980 0.4534 0.0267  -0.0251 -0.0168 1  LEU A CD1 
8   C  CD2 . LEU A  1  ? 0.4954 0.5312 0.4876 0.0294  -0.0066 -0.0284 1  LEU A CD2 
9   N  N   . VAL A  2  ? 0.4137 0.4438 0.4653 0.0309  -0.0362 -0.0016 2  VAL A N   
10  C  CA  . VAL A  2  ? 0.3832 0.4231 0.4474 0.0302  -0.0260 0.0045  2  VAL A CA  
11  C  C   . VAL A  2  ? 0.3599 0.3948 0.4039 0.0315  -0.0175 0.0052  2  VAL A C   
12  O  O   . VAL A  2  ? 0.3949 0.4197 0.4189 0.0318  -0.0207 0.0045  2  VAL A O   
13  C  CB  . VAL A  2  ? 0.3822 0.4331 0.4681 0.0325  -0.0297 0.0069  2  VAL A CB  
14  C  CG1 . VAL A  2  ? 0.3248 0.3867 0.4200 0.0330  -0.0162 0.0100  2  VAL A CG1 
15  C  CG2 . VAL A  2  ? 0.4014 0.4609 0.5122 0.0274  -0.0388 0.0060  2  VAL A CG2 
16  C  CD1 . 4BF A  3  ? 0.3670 0.4072 0.4107 0.0315  -0.0099 -0.0086 3  4BF A CD1 
17  C  CE1 . 4BF A  3  ? 0.4205 0.4564 0.4746 0.0341  -0.0167 -0.0110 3  4BF A CE1 
18  C  CZ  . 4BF A  3  ? 0.4482 0.4833 0.5049 0.0345  -0.0161 -0.0087 3  4BF A CZ  
19  BR BR  . 4BF A  3  ? 0.5073 0.5248 0.5698 0.0387  -0.0322 -0.0104 3  4BF A BR  
20  C  CE2 . 4BF A  3  ? 0.4129 0.4535 0.4640 0.0319  -0.0077 -0.0052 3  4BF A CE2 
21  C  CD2 . 4BF A  3  ? 0.4088 0.4533 0.4512 0.0289  -0.0003 -0.0033 3  4BF A CD2 
22  C  CG  . 4BF A  3  ? 0.3625 0.4054 0.4001 0.0288  -0.0020 -0.0042 3  4BF A CG  
23  C  CB  . 4BF A  3  ? 0.3545 0.3929 0.3766 0.0258  0.0008  -0.0008 3  4BF A CB  
24  C  CA  . 4BF A  3  ? 0.3448 0.3783 0.3712 0.0281  -0.0017 0.0063  3  4BF A CA  
25  N  N   . 4BF A  3  ? 0.3536 0.3909 0.3958 0.0301  -0.0081 0.0066  3  4BF A N   
26  C  C   . 4BF A  3  ? 0.3538 0.3884 0.3834 0.0280  0.0040  0.0091  3  4BF A C   
27  O  O   . 4BF A  3  ? 0.3399 0.3777 0.3793 0.0291  0.0052  0.0116  3  4BF A O   
28  N  N   . PHE A  4  ? 0.3460 0.3719 0.3621 0.0271  0.0056  0.0107  4  PHE A N   
29  C  CA  . PHE A  4  ? 0.3308 0.3519 0.3426 0.0273  0.0091  0.0118  4  PHE A CA  
30  C  C   . PHE A  4  ? 0.3246 0.3365 0.3216 0.0203  0.0093  0.0119  4  PHE A C   
31  O  O   . PHE A  4  ? 0.3553 0.3559 0.3380 0.0163  0.0068  0.0142  4  PHE A O   
32  C  CB  . PHE A  4  ? 0.3194 0.3367 0.3338 0.0349  0.0090  0.0125  4  PHE A CB  
33  C  CG  . PHE A  4  ? 0.3192 0.3323 0.3273 0.0369  0.0139  0.0113  4  PHE A CG  
34  C  CD1 . PHE A  4  ? 0.3237 0.3451 0.3361 0.0363  0.0201  0.0119  4  PHE A CD1 
35  C  CD2 . PHE A  4  ? 0.3252 0.3210 0.3175 0.0379  0.0110  0.0097  4  PHE A CD2 
36  C  CE1 . PHE A  4  ? 0.3137 0.3274 0.3117 0.0375  0.0248  0.0103  4  PHE A CE1 
37  C  CE2 . PHE A  4  ? 0.3237 0.3122 0.3057 0.0405  0.0140  0.0068  4  PHE A CE2 
38  C  CZ  . PHE A  4  ? 0.3580 0.3561 0.3413 0.0407  0.0215  0.0067  4  PHE A CZ  
39  N  N   . ALA A  5  ? 0.3114 0.3254 0.3099 0.0169  0.0106  0.0100  5  ALA A N   
40  C  CA  . ALA A  5  ? 0.3043 0.3109 0.2930 0.0074  0.0102  0.0100  5  ALA A CA  
41  C  C   . ALA A  5  ? 0.3305 0.3329 0.3195 0.0077  0.0067  0.0079  5  ALA A C   
42  O  O   . ALA A  5  ? 0.2896 0.3003 0.2880 0.0121  0.0049  0.0056  5  ALA A O   
43  C  CB  . ALA A  5  ? 0.3253 0.3498 0.3216 -0.0030 0.0156  0.0062  5  ALA A CB  
44  N  N   . ORN A  6  ? 0.3755 0.3263 0.3096 0.0233  -0.0073 0.0016  6  ORN A N   
45  C  CA  . ORN A  6  ? 0.3783 0.3494 0.3359 0.0216  -0.0020 0.0047  6  ORN A CA  
46  C  CB  . ORN A  6  ? 0.3768 0.3427 0.3335 0.0227  0.0014  0.0051  6  ORN A CB  
47  C  CG  . ORN A  6  ? 0.4212 0.3779 0.3751 0.0118  -0.0053 0.0048  6  ORN A CG  
48  C  CD  . ORN A  6  ? 0.4736 0.4416 0.4383 0.0016  -0.0034 0.0072  6  ORN A CD  
49  N  NE  . ORN A  6  ? 0.3818 0.3664 0.3572 0.0032  0.0029  0.0088  6  ORN A NE  
50  C  C   . ORN A  6  ? 0.3579 0.3387 0.3205 0.0254  0.0040  0.0081  6  ORN A C   
51  O  O   . ORN A  6  ? 0.2234 0.1965 0.1701 0.0278  0.0075  0.0094  6  ORN A O   
52  N  N   . HAO A  7  ? 0.3146 0.3111 0.2966 0.0243  0.0053  0.0095  7  HAO A N   
53  N  N9  . HAO A  7  ? 0.3125 0.3146 0.3000 0.0257  0.0084  0.0129  7  HAO A N9  
54  C  C10 . HAO A  7  ? 0.2766 0.2905 0.2802 0.0258  0.0094  0.0132  7  HAO A C10 
55  O  O11 . HAO A  7  ? 0.3103 0.3305 0.3208 0.0249  0.0089  0.0105  7  HAO A O11 
56  C  CA  . HAO A  7  ? 0.2946 0.3113 0.3042 0.0248  0.0107  0.0173  7  HAO A CA  
57  C  C13 . HAO A  7  ? 0.3007 0.3264 0.3257 0.0251  0.0087  0.0162  7  HAO A C13 
58  C  C14 . HAO A  7  ? 0.3433 0.3516 0.3393 0.0214  0.0141  0.0224  7  HAO A C14 
59  C  C15 . HAO A  7  ? 0.4230 0.4050 0.3722 0.0158  0.0190  0.0279  7  HAO A C15 
60  O  O15 . HAO A  7  ? 0.3449 0.3404 0.3188 0.0215  0.0149  0.0221  7  HAO A O15 
61  C  C17 . HAO A  7  ? 0.3632 0.3731 0.3646 0.0156  0.0158  0.0278  7  HAO A C17 
62  C  C18 . HAO A  7  ? 0.3701 0.3889 0.3918 0.0157  0.0116  0.0266  7  HAO A C18 
63  C  C19 . HAO A  7  ? 0.2963 0.3224 0.3283 0.0217  0.0075  0.0200  7  HAO A C19 
64  N  N20 . HAO A  7  ? 0.3098 0.3419 0.3556 0.0223  0.0030  0.0176  7  HAO A N20 
65  C  C21 . HAO A  7  ? 0.4127 0.4394 0.4645 0.0186  -0.0041 0.0193  7  HAO A C21 
66  O  O22 . HAO A  7  ? 0.4172 0.4302 0.4612 0.0140  -0.0084 0.0242  7  HAO A O22 
67  C  C   . HAO A  7  ? 0.4156 0.4469 0.4794 0.0196  -0.0104 0.0152  7  HAO A C   
68  O  O   . HAO A  7  ? 0.3611 0.4021 0.4265 0.0235  -0.0067 0.0127  7  HAO A O   
69  N  N   . LEU A  8  ? 0.4796 0.5023 0.5490 0.0164  -0.0201 0.0149  8  LEU A N   
70  C  CA  . LEU A  8  ? 0.5020 0.5244 0.5811 0.0161  -0.0298 0.0105  8  LEU A CA  
71  C  C   . LEU A  8  ? 0.5172 0.5224 0.5912 0.0206  -0.0429 0.0026  8  LEU A C   
72  O  O   . LEU A  8  ? 0.5207 0.5098 0.5913 0.0186  -0.0495 0.0056  8  LEU A O   
73  C  CB  . LEU A  8  ? 0.5227 0.5501 0.6185 0.0044  -0.0304 0.0182  8  LEU A CB  
74  C  CG  . LEU A  8  ? 0.5425 0.5667 0.6512 0.0012  -0.0447 0.0144  8  LEU A CG  
75  C  CD1 . LEU A  8  ? 0.5399 0.5737 0.6496 0.0100  -0.0479 0.0073  8  LEU A CD1 
76  C  CD2 . LEU A  8  ? 0.5655 0.5985 0.6963 -0.0150 -0.0438 0.0229  8  LEU A CD2 
77  N  N   . LYS A  9  ? 0.5195 0.5259 0.5896 0.0277  -0.0473 -0.0087 9  LYS A N   
78  C  CA  . LYS A  9  ? 0.5522 0.5439 0.6196 0.0348  -0.0600 -0.0209 9  LYS A CA  
79  C  C   . LYS A  9  ? 0.5565 0.5428 0.6199 0.0355  -0.0693 -0.0283 9  LYS A C   
80  O  O   . LYS A  9  ? 0.5362 0.5309 0.5869 0.0396  -0.0637 -0.0352 9  LYS A O   
81  C  CB  . LYS A  9  ? 0.5556 0.5575 0.6186 0.0458  -0.0534 -0.0336 9  LYS A CB  
82  C  CG  . LYS A  9  ? 0.6152 0.6056 0.6804 0.0578  -0.0661 -0.0509 9  LYS A CG  
83  C  CD  . LYS A  9  ? 0.6075 0.5797 0.6804 0.0610  -0.0797 -0.0483 9  LYS A CD  
84  C  CE  . LYS A  9  ? 0.6600 0.6090 0.7352 0.0731  -0.1004 -0.0640 9  LYS A CE  
85  N  NZ  . LYS A  9  ? 0.5611 0.5138 0.6487 0.0895  -0.1070 -0.0789 9  LYS A NZ  
86  N  N   . ORN A  10 ? 0.6715 0.6535 0.7308 0.0259  -0.1081 -0.0298 10 ORN A N   
87  C  CA  . ORN A  10 ? 0.6178 0.6064 0.6734 0.0285  -0.0896 -0.0280 10 ORN A CA  
88  C  CB  . ORN A  10 ? 0.5989 0.5933 0.6815 0.0199  -0.0864 -0.0179 10 ORN A CB  
89  C  CG  . ORN A  10 ? 0.6354 0.6082 0.7202 0.0169  -0.1003 -0.0220 10 ORN A CG  
90  C  CD  . ORN A  10 ? 0.6357 0.5965 0.7032 0.0287  -0.0983 -0.0333 10 ORN A CD  
91  N  NE  . ORN A  10 ? 0.5972 0.5680 0.6675 0.0293  -0.0840 -0.0260 10 ORN A NE  
92  C  C   . ORN A  10 ? 0.5779 0.5783 0.6218 0.0310  -0.0746 -0.0230 10 ORN A C   
93  O  O   . ORN A  10 ? 0.5661 0.5672 0.6069 0.0313  -0.0803 -0.0196 10 ORN A O   
94  N  N   . LEU B  1  ? 0.3617 0.4852 0.3669 0.0850  0.0323  0.0731  1  LEU B N   
95  C  CA  . LEU B  1  ? 0.3450 0.4493 0.3307 0.0870  0.0297  0.0621  1  LEU B CA  
96  C  C   . LEU B  1  ? 0.3384 0.4336 0.3154 0.0839  0.0297  0.0537  1  LEU B C   
97  O  O   . LEU B  1  ? 0.3468 0.4442 0.3206 0.0898  0.0321  0.0554  1  LEU B O   
98  C  CB  . LEU B  1  ? 0.3767 0.4803 0.3532 0.1019  0.0332  0.0613  1  LEU B CB  
99  C  CG  . LEU B  1  ? 0.4127 0.4930 0.3661 0.1038  0.0284  0.0515  1  LEU B CG  
100 C  CD1 . LEU B  1  ? 0.3911 0.4573 0.3395 0.0969  0.0193  0.0503  1  LEU B CD1 
101 C  CD2 . LEU B  1  ? 0.4369 0.5143 0.3775 0.1211  0.0320  0.0498  1  LEU B CD2 
102 N  N   . VAL B  2  ? 0.3220 0.4063 0.2951 0.0741  0.0265  0.0441  2  VAL B N   
103 C  CA  . VAL B  2  ? 0.3352 0.4135 0.3065 0.0718  0.0255  0.0325  2  VAL B CA  
104 C  C   . VAL B  2  ? 0.3779 0.4431 0.3318 0.0757  0.0252  0.0263  2  VAL B C   
105 O  O   . VAL B  2  ? 0.3601 0.4151 0.3016 0.0729  0.0246  0.0266  2  VAL B O   
106 C  CB  . VAL B  2  ? 0.3379 0.4153 0.3179 0.0579  0.0254  0.0225  2  VAL B CB  
107 C  CG1 . VAL B  2  ? 0.3271 0.4029 0.3126 0.0555  0.0249  0.0071  2  VAL B CG1 
108 C  CG2 . VAL B  2  ? 0.3407 0.4269 0.3361 0.0550  0.0228  0.0275  2  VAL B CG2 
109 C  CD1 . 4BF B  3  ? 0.4723 0.5341 0.3950 0.1136  0.0312  0.0408  3  4BF B CD1 
110 C  CE1 . 4BF B  3  ? 0.5059 0.5668 0.4206 0.1182  0.0335  0.0460  3  4BF B CE1 
111 C  CZ  . 4BF B  3  ? 0.5515 0.5921 0.4440 0.1242  0.0282  0.0411  3  4BF B CZ  
112 BR BR  . 4BF B  3  ? 0.6257 0.6540 0.4947 0.1275  0.0293  0.0493  3  4BF B BR  
113 C  CE2 . 4BF B  3  ? 0.5007 0.5259 0.3845 0.1257  0.0205  0.0309  3  4BF B CE2 
114 C  CD2 . 4BF B  3  ? 0.4941 0.5227 0.3876 0.1195  0.0198  0.0259  3  4BF B CD2 
115 C  CG  . 4BF B  3  ? 0.4418 0.4867 0.3521 0.1134  0.0252  0.0310  3  4BF B CG  
116 C  CB  . 4BF B  3  ? 0.4258 0.4663 0.3377 0.1044  0.0228  0.0262  3  4BF B CB  
117 C  CA  . 4BF B  3  ? 0.4248 0.4687 0.3523 0.0886  0.0208  0.0179  3  4BF B CA  
118 N  N   . 4BF B  3  ? 0.3629 0.4226 0.3096 0.0843  0.0232  0.0228  3  4BF B N   
119 C  C   . 4BF B  3  ? 0.4511 0.4881 0.3789 0.0895  0.0148  0.0084  3  4BF B C   
120 O  O   . 4BF B  3  ? 0.4460 0.4904 0.3896 0.0885  0.0117  0.0055  3  4BF B O   
121 N  N   . PHE B  4  ? 0.4867 0.5099 0.4025 0.0854  0.0118  0.0012  4  PHE B N   
122 C  CA  . PHE B  4  ? 0.4980 0.5108 0.4121 0.0864  0.0033  -0.0084 4  PHE B CA  
123 C  C   . PHE B  4  ? 0.5050 0.4944 0.3896 0.0920  -0.0016 -0.0078 4  PHE B C   
124 O  O   . PHE B  4  ? 0.4800 0.4606 0.3521 0.0856  0.0000  -0.0071 4  PHE B O   
125 C  CB  . PHE B  4  ? 0.4879 0.5112 0.4271 0.0695  0.0037  -0.0222 4  PHE B CB  
126 C  CG  . PHE B  4  ? 0.4739 0.4939 0.4252 0.0705  -0.0071 -0.0334 4  PHE B CG  
127 C  CD1 . PHE B  4  ? 0.4851 0.5121 0.4564 0.0775  -0.0155 -0.0373 4  PHE B CD1 
128 C  CD2 . PHE B  4  ? 0.5595 0.5669 0.5023 0.0636  -0.0117 -0.0401 4  PHE B CD2 
129 C  CE1 . PHE B  4  ? 0.4830 0.5047 0.4678 0.0796  -0.0301 -0.0484 4  PHE B CE1 
130 C  CE2 . PHE B  4  ? 0.5718 0.5766 0.5298 0.0642  -0.0246 -0.0508 4  PHE B CE2 
131 C  CZ  . PHE B  4  ? 0.5257 0.5383 0.5063 0.0729  -0.0343 -0.0554 4  PHE B CZ  
132 N  N   . ALA B  5  ? 0.5716 0.5463 0.4413 0.1040  -0.0095 -0.0083 5  ALA B N   
133 C  CA  . ALA B  5  ? 0.6636 0.6121 0.5017 0.1122  -0.0159 -0.0084 5  ALA B CA  
134 C  C   . ALA B  5  ? 0.7312 0.6629 0.5644 0.1127  -0.0297 -0.0164 5  ALA B C   
135 O  O   . ALA B  5  ? 0.7702 0.7001 0.6053 0.1200  -0.0351 -0.0164 5  ALA B O   
136 C  CB  . ALA B  5  ? 0.6656 0.6086 0.4813 0.1312  -0.0105 0.0005  5  ALA B CB  
137 N  N   . ORN B  6  ? 0.8414 0.7350 0.7111 0.1165  -0.0965 -0.0470 6  ORN B N   
138 C  CA  . ORN B  6  ? 0.8043 0.7168 0.6703 0.1155  -0.0739 -0.0377 6  ORN B CA  
139 C  CB  . ORN B  6  ? 0.7831 0.7111 0.6637 0.0997  -0.0632 -0.0420 6  ORN B CB  
140 C  CG  . ORN B  6  ? 0.8409 0.7406 0.6818 0.1035  -0.0660 -0.0379 6  ORN B CG  
141 C  CD  . ORN B  6  ? 0.9007 0.7977 0.7205 0.1054  -0.0543 -0.0302 6  ORN B CD  
142 N  NE  . ORN B  6  ? 0.8181 0.7378 0.6510 0.1031  -0.0392 -0.0247 6  ORN B NE  
143 C  C   . ORN B  6  ? 0.7388 0.6742 0.6313 0.1146  -0.0685 -0.0365 6  ORN B C   
144 O  O   . ORN B  6  ? 0.5146 0.4597 0.4397 0.1110  -0.0797 -0.0465 6  ORN B O   
145 N  N   . HAO B  7  ? 0.7270 0.6713 0.6075 0.1183  -0.0525 -0.0248 7  HAO B N   
146 N  N9  . HAO B  7  ? 0.6769 0.6402 0.5786 0.1163  -0.0479 -0.0221 7  HAO B N9  
147 C  C10 . HAO B  7  ? 0.6684 0.6489 0.5722 0.1137  -0.0313 -0.0135 7  HAO B C10 
148 O  O11 . HAO B  7  ? 0.5719 0.5526 0.4610 0.1142  -0.0210 -0.0084 7  HAO B O11 
149 C  CA  . HAO B  7  ? 0.6013 0.5991 0.5265 0.1104  -0.0284 -0.0105 7  HAO B CA  
150 C  C13 . HAO B  7  ? 0.5643 0.5777 0.4910 0.1076  -0.0138 -0.0006 7  HAO B C13 
151 C  C14 . HAO B  7  ? 0.6367 0.6331 0.5820 0.1101  -0.0431 -0.0186 7  HAO B C14 
152 C  C15 . HAO B  7  ? 0.6954 0.6634 0.6522 0.1183  -0.0818 -0.0343 7  HAO B C15 
153 O  O15 . HAO B  7  ? 0.6863 0.6673 0.6348 0.1133  -0.0611 -0.0293 7  HAO B O15 
154 C  C17 . HAO B  7  ? 0.5995 0.6080 0.5620 0.1074  -0.0426 -0.0161 7  HAO B C17 
155 C  C18 . HAO B  7  ? 0.5862 0.6092 0.5470 0.1034  -0.0270 -0.0052 7  HAO B C18 
156 C  C19 . HAO B  7  ? 0.5371 0.5634 0.4815 0.1035  -0.0128 0.0026  7  HAO B C19 
157 N  N20 . HAO B  7  ? 0.4549 0.4959 0.4026 0.0997  -0.0006 0.0124  7  HAO B N20 
158 C  C21 . HAO B  7  ? 0.5019 0.5449 0.4427 0.1020  0.0024  0.0249  7  HAO B C21 
159 O  O22 . HAO B  7  ? 0.5617 0.5910 0.4875 0.1065  -0.0038 0.0293  7  HAO B O22 
160 C  C   . HAO B  7  ? 0.4791 0.5399 0.4297 0.0970  0.0132  0.0343  7  HAO B C   
161 O  O   . HAO B  7  ? 0.4293 0.4966 0.3897 0.0908  0.0167  0.0281  7  HAO B O   
162 N  N   . LEU B  8  ? 0.4822 0.5483 0.4311 0.0965  0.0165  0.0462  8  LEU B N   
163 C  CA  . LEU B  8  ? 0.4533 0.5366 0.4164 0.0906  0.0232  0.0558  8  LEU B CA  
164 C  C   . LEU B  8  ? 0.4782 0.5694 0.4317 0.0958  0.0342  0.0681  8  LEU B C   
165 O  O   . LEU B  8  ? 0.4818 0.5636 0.4170 0.0980  0.0355  0.0731  8  LEU B O   
166 C  CB  . LEU B  8  ? 0.4326 0.5165 0.4089 0.0821  0.0151  0.0574  8  LEU B CB  
167 C  CG  . LEU B  8  ? 0.4096 0.5071 0.4023 0.0738  0.0174  0.0646  8  LEU B CG  
168 C  CD1 . LEU B  8  ? 0.3597 0.4595 0.3609 0.0695  0.0182  0.0555  8  LEU B CD1 
169 C  CD2 . LEU B  8  ? 0.4210 0.5132 0.4199 0.0669  0.0073  0.0673  8  LEU B CD2 
170 N  N   . LYS B  9  ? 0.4614 0.5683 0.4259 0.0976  0.0418  0.0719  9  LYS B N   
171 C  CA  . LYS B  9  ? 0.4504 0.5743 0.4182 0.1015  0.0540  0.0819  9  LYS B CA  
172 C  C   . LYS B  9  ? 0.4516 0.5963 0.4478 0.0940  0.0540  0.0894  9  LYS B C   
173 O  O   . LYS B  9  ? 0.4309 0.5817 0.4394 0.0971  0.0519  0.0868  9  LYS B O   
174 C  CB  . LYS B  9  ? 0.4869 0.6107 0.4440 0.1157  0.0616  0.0769  9  LYS B CB  
175 C  CG  . LYS B  9  ? 0.5064 0.6528 0.4720 0.1220  0.0773  0.0835  9  LYS B CG  
176 C  CD  . LYS B  9  ? 0.5146 0.6565 0.4652 0.1389  0.0843  0.0757  9  LYS B CD  
177 C  CE  . LYS B  9  ? 0.5513 0.7214 0.5162 0.1461  0.1031  0.0792  9  LYS B CE  
178 N  NZ  . LYS B  9  ? 0.4667 0.6308 0.4145 0.1648  0.1109  0.0697  9  LYS B NZ  
179 N  N   . ORN B  10 ? 0.3055 0.4469 0.3514 0.0592  0.0193  0.0931  10 ORN B N   
180 C  CA  . ORN B  10 ? 0.3436 0.4863 0.3778 0.0700  0.0284  0.0889  10 ORN B CA  
181 C  CB  . ORN B  10 ? 0.3755 0.5125 0.4006 0.0679  0.0294  0.0885  10 ORN B CB  
182 C  CG  . ORN B  10 ? 0.4389 0.5895 0.4720 0.0643  0.0338  0.1018  10 ORN B CG  
183 C  CD  . ORN B  10 ? 0.4184 0.5839 0.4499 0.0733  0.0479  0.1061  10 ORN B CD  
184 N  NE  . ORN B  10 ? 0.4325 0.5825 0.4382 0.0829  0.0516  0.0979  10 ORN B NE  
185 C  C   . ORN B  10 ? 0.3583 0.4836 0.3750 0.0735  0.0267  0.0768  10 ORN B C   
186 O  O   . ORN B  10 ? 0.3466 0.4582 0.3575 0.0649  0.0209  0.0708  10 ORN B O   
187 N  N   . LEU C  1  ? 0.4861 0.4862 0.4143 0.0405  -0.0160 -0.0090 1  LEU C N   
188 C  CA  . LEU C  1  ? 0.4298 0.4281 0.3685 0.0305  -0.0097 -0.0056 1  LEU C CA  
189 C  C   . LEU C  1  ? 0.4022 0.4074 0.3510 0.0429  -0.0024 0.0009  1  LEU C C   
190 O  O   . LEU C  1  ? 0.3864 0.4099 0.3466 0.0515  0.0035  0.0056  1  LEU C O   
191 C  CB  . LEU C  1  ? 0.4180 0.4387 0.3778 0.0183  -0.0040 -0.0056 1  LEU C CB  
192 C  CG  . LEU C  1  ? 0.3964 0.4147 0.3624 0.0093  0.0046  -0.0032 1  LEU C CG  
193 C  CD1 . LEU C  1  ? 0.4078 0.4002 0.3531 -0.0095 0.0019  -0.0060 1  LEU C CD1 
194 C  CD2 . LEU C  1  ? 0.3653 0.4123 0.3555 0.0083  0.0129  -0.0041 1  LEU C CD2 
195 N  N   . VAL C  2  ? 0.3894 0.3784 0.3322 0.0426  -0.0047 0.0016  2  VAL C N   
196 C  CA  . VAL C  2  ? 0.3536 0.3537 0.3120 0.0485  0.0003  0.0077  2  VAL C CA  
197 C  C   . VAL C  2  ? 0.3527 0.3474 0.3157 0.0347  0.0026  0.0104  2  VAL C C   
198 O  O   . VAL C  2  ? 0.3743 0.3476 0.3216 0.0230  -0.0015 0.0072  2  VAL C O   
199 C  CB  . VAL C  2  ? 0.3735 0.3644 0.3271 0.0601  -0.0065 0.0058  2  VAL C CB  
200 C  CG1 . VAL C  2  ? 0.3367 0.3494 0.3143 0.0638  -0.0018 0.0123  2  VAL C CG1 
201 C  CG2 . VAL C  2  ? 0.4246 0.4146 0.3659 0.0765  -0.0082 0.0000  2  VAL C CG2 
202 C  CD1 . 4BF C  3  ? 0.3722 0.4099 0.3665 0.0390  0.0191  0.0160  3  4BF C CD1 
203 C  CE1 . 4BF C  3  ? 0.4044 0.4512 0.4019 0.0489  0.0203  0.0206  3  4BF C CE1 
204 C  CZ  . 4BF C  3  ? 0.4596 0.5018 0.4598 0.0506  0.0237  0.0267  3  4BF C CZ  
205 BR BR  . 4BF C  3  ? 0.5113 0.5529 0.5036 0.0625  0.0228  0.0346  3  4BF C BR  
206 C  CE2 . 4BF C  3  ? 0.3572 0.3872 0.3581 0.0429  0.0261  0.0271  3  4BF C CE2 
207 C  CD2 . 4BF C  3  ? 0.4009 0.4243 0.3987 0.0337  0.0252  0.0222  3  4BF C CD2 
208 C  CG  . 4BF C  3  ? 0.3505 0.3769 0.3445 0.0315  0.0219  0.0172  3  4BF C CG  
209 C  CB  . 4BF C  3  ? 0.3615 0.3707 0.3431 0.0204  0.0191  0.0133  3  4BF C CB  
210 C  CA  . 4BF C  3  ? 0.3693 0.3674 0.3462 0.0232  0.0120  0.0168  3  4BF C CA  
211 N  N   . 4BF C  3  ? 0.3719 0.3793 0.3501 0.0342  0.0092  0.0161  3  4BF C N   
212 C  C   . 4BF C  3  ? 0.3699 0.3707 0.3567 0.0240  0.0135  0.0234  3  4BF C C   
213 O  O   . 4BF C  3  ? 0.3504 0.3663 0.3490 0.0305  0.0148  0.0286  3  4BF C O   
214 N  N   . PHE C  4  ? 0.3310 0.3117 0.3072 0.0148  0.0102  0.0228  4  PHE C N   
215 C  CA  . PHE C  4  ? 0.3194 0.2932 0.2986 0.0107  0.0080  0.0279  4  PHE C CA  
216 C  C   . PHE C  4  ? 0.3380 0.2869 0.2970 0.0018  0.0101  0.0242  4  PHE C C   
217 O  O   . PHE C  4  ? 0.3490 0.2808 0.2893 -0.0048 0.0084  0.0199  4  PHE C O   
218 C  CB  . PHE C  4  ? 0.3554 0.3305 0.3418 0.0109  -0.0036 0.0309  4  PHE C CB  
219 C  CG  . PHE C  4  ? 0.3254 0.3030 0.3229 0.0045  -0.0074 0.0372  4  PHE C CG  
220 C  CD1 . PHE C  4  ? 0.3715 0.3765 0.3920 0.0063  -0.0033 0.0437  4  PHE C CD1 
221 C  CD2 . PHE C  4  ? 0.3549 0.3057 0.3364 -0.0056 -0.0156 0.0370  4  PHE C CD2 
222 C  CE1 . PHE C  4  ? 0.3636 0.3703 0.3939 -0.0048 -0.0074 0.0504  4  PHE C CE1 
223 C  CE2 . PHE C  4  ? 0.3799 0.3294 0.3695 -0.0145 -0.0219 0.0426  4  PHE C CE2 
224 C  CZ  . PHE C  4  ? 0.3526 0.3307 0.3682 -0.0155 -0.0180 0.0497  4  PHE C CZ  
225 N  N   . ALA C  5  ? 0.3423 0.2848 0.2999 0.0017  0.0143  0.0256  5  ALA C N   
226 C  CA  . ALA C  5  ? 0.3890 0.3063 0.3240 -0.0035 0.0183  0.0202  5  ALA C CA  
227 C  C   . ALA C  5  ? 0.4234 0.3212 0.3511 -0.0043 0.0151  0.0233  5  ALA C C   
228 O  O   . ALA C  5  ? 0.3885 0.2949 0.3290 0.0007  0.0149  0.0290  5  ALA C O   
229 C  CB  . ALA C  5  ? 0.3783 0.3093 0.3148 0.0014  0.0322  0.0124  5  ALA C CB  
230 N  N   . ORN C  6  ? 0.5170 0.3560 0.4366 -0.0362 -0.0181 0.0503  6  ORN C N   
231 C  CA  . ORN C  6  ? 0.5056 0.3750 0.4393 -0.0236 -0.0083 0.0451  6  ORN C CA  
232 C  CB  . ORN C  6  ? 0.5335 0.3992 0.4610 -0.0277 -0.0155 0.0398  6  ORN C CB  
233 C  CG  . ORN C  6  ? 0.5835 0.4123 0.4750 -0.0266 -0.0119 0.0306  6  ORN C CG  
234 C  CD  . ORN C  6  ? 0.5979 0.4321 0.4817 -0.0188 0.0012  0.0226  6  ORN C CD  
235 N  NE  . ORN C  6  ? 0.4965 0.3637 0.4017 -0.0131 0.0078  0.0225  6  ORN C NE  
236 C  C   . ORN C  6  ? 0.4374 0.3461 0.4008 -0.0209 -0.0041 0.0522  6  ORN C C   
237 O  O   . ORN C  6  ? 0.3126 0.2335 0.2911 -0.0314 -0.0085 0.0607  6  ORN C O   
238 N  N   . HAO C  7  ? 0.4143 0.3438 0.3852 -0.0080 0.0051  0.0480  7  HAO C N   
239 N  N9  . HAO C  7  ? 0.4147 0.3759 0.4058 -0.0036 0.0097  0.0532  7  HAO C N9  
240 C  C10 . HAO C  7  ? 0.3880 0.3667 0.3841 0.0075  0.0152  0.0482  7  HAO C C10 
241 O  O11 . HAO C  7  ? 0.3721 0.3444 0.3596 0.0115  0.0168  0.0402  7  HAO C O11 
242 C  CA  . HAO C  7  ? 0.3097 0.3164 0.3196 0.0136  0.0202  0.0525  7  HAO C CA  
243 C  C13 . HAO C  7  ? 0.2943 0.3132 0.3046 0.0239  0.0228  0.0464  7  HAO C C13 
244 C  C14 . HAO C  7  ? 0.3520 0.3708 0.3714 0.0068  0.0229  0.0622  7  HAO C C14 
245 C  C15 . HAO C  7  ? 0.4656 0.4887 0.4985 -0.0208 0.0212  0.0790  7  HAO C C15 
246 O  O15 . HAO C  7  ? 0.3886 0.3927 0.4067 -0.0079 0.0182  0.0687  7  HAO C O15 
247 C  C17 . HAO C  7  ? 0.3924 0.4368 0.4198 0.0131  0.0308  0.0652  7  HAO C C17 
248 C  C18 . HAO C  7  ? 0.4179 0.4704 0.4413 0.0271  0.0328  0.0578  7  HAO C C18 
249 C  C19 . HAO C  7  ? 0.3441 0.3832 0.3596 0.0313  0.0275  0.0487  7  HAO C C19 
250 N  N20 . HAO C  7  ? 0.3589 0.4037 0.3695 0.0408  0.0271  0.0415  7  HAO C N20 
251 C  C21 . HAO C  7  ? 0.4506 0.5039 0.4549 0.0492  0.0311  0.0423  7  HAO C C21 
252 O  O22 . HAO C  7  ? 0.4601 0.5148 0.4596 0.0498  0.0361  0.0500  7  HAO C O22 
253 C  C   . HAO C  7  ? 0.4237 0.4777 0.4199 0.0568  0.0272  0.0336  7  HAO C C   
254 O  O   . HAO C  7  ? 0.3075 0.3528 0.3039 0.0530  0.0211  0.0273  7  HAO C O   
255 N  N   . LEU C  8  ? 0.4474 0.5036 0.4322 0.0645  0.0269  0.0316  8  LEU C N   
256 C  CA  . LEU C  8  ? 0.4702 0.5229 0.4421 0.0706  0.0212  0.0232  8  LEU C CA  
257 C  C   . LEU C  8  ? 0.4735 0.5257 0.4383 0.0723  0.0155  0.0213  8  LEU C C   
258 O  O   . LEU C  8  ? 0.4506 0.5045 0.4113 0.0768  0.0175  0.0276  8  LEU C O   
259 C  CB  . LEU C  8  ? 0.5246 0.5829 0.4863 0.0820  0.0266  0.0231  8  LEU C CB  
260 C  CG  . LEU C  8  ? 0.5910 0.6369 0.5323 0.0908  0.0197  0.0128  8  LEU C CG  
261 C  CD1 . LEU C  8  ? 0.6098 0.6426 0.5528 0.0887  0.0121  0.0063  8  LEU C CD1 
262 C  CD2 . LEU C  8  ? 0.6523 0.7054 0.5790 0.1056  0.0288  0.0123  8  LEU C CD2 
263 N  N   . LYS C  9  ? 0.4438 0.4931 0.4076 0.0673  0.0071  0.0129  9  LYS C N   
264 C  CA  . LYS C  9  ? 0.4610 0.5170 0.4237 0.0688  -0.0017 0.0092  9  LYS C CA  
265 C  C   . LYS C  9  ? 0.4757 0.5221 0.4221 0.0660  -0.0118 0.0007  9  LYS C C   
266 O  O   . LYS C  9  ? 0.4612 0.5029 0.4108 0.0531  -0.0156 -0.0050 9  LYS C O   
267 C  CB  . LYS C  9  ? 0.4456 0.5159 0.4314 0.0614  -0.0020 0.0067  9  LYS C CB  
268 C  CG  . LYS C  9  ? 0.4994 0.5873 0.4947 0.0639  -0.0129 0.0013  9  LYS C CG  
269 C  CD  . LYS C  9  ? 0.5492 0.6342 0.5334 0.0797  -0.0186 0.0069  9  LYS C CD  
270 C  CE  . LYS C  9  ? 0.5698 0.6727 0.5633 0.0843  -0.0350 0.0005  9  LYS C CE  
271 N  NZ  . LYS C  9  ? 0.5710 0.6623 0.5450 0.1007  -0.0433 0.0068  9  LYS C NZ  
272 N  N   . ORN C  10 ? 0.6061 0.5466 0.4582 0.0668  -0.0380 -0.0254 10 ORN C N   
273 C  CA  . ORN C  10 ? 0.5698 0.5457 0.4561 0.0612  -0.0279 -0.0171 10 ORN C CA  
274 C  CB  . ORN C  10 ? 0.5743 0.5691 0.4666 0.0788  -0.0164 -0.0110 10 ORN C CB  
275 C  CG  . ORN C  10 ? 0.6320 0.6298 0.5093 0.0858  -0.0207 -0.0118 10 ORN C CG  
276 C  CD  . ORN C  10 ? 0.6149 0.6319 0.5121 0.0763  -0.0261 -0.0091 10 ORN C CD  
277 N  NE  . ORN C  10 ? 0.5459 0.5817 0.4685 0.0763  -0.0149 -0.0003 10 ORN C NE  
278 C  C   . ORN C  10 ? 0.5577 0.5347 0.4608 0.0505  -0.0222 -0.0132 10 ORN C C   
279 O  O   . ORN C  10 ? 0.5215 0.4769 0.4124 0.0540  -0.0247 -0.0146 10 ORN C O   
280 N  N   . LEU D  1  ? 0.3321 0.3347 0.3381 0.0312  0.0209  0.0165  1  LEU D N   
281 C  CA  . LEU D  1  ? 0.3254 0.3170 0.3294 0.0237  0.0199  0.0168  1  LEU D CA  
282 C  C   . LEU D  1  ? 0.2931 0.2971 0.3103 0.0173  0.0184  0.0155  1  LEU D C   
283 O  O   . LEU D  1  ? 0.3115 0.3280 0.3384 0.0196  0.0158  0.0214  1  LEU D O   
284 C  CB  . LEU D  1  ? 0.2943 0.2883 0.3001 0.0302  0.0140  0.0223  1  LEU D CB  
285 C  CG  . LEU D  1  ? 0.3310 0.3165 0.3334 0.0260  0.0102  0.0223  1  LEU D CG  
286 C  CD1 . LEU D  1  ? 0.4015 0.3542 0.3742 0.0247  0.0153  0.0201  1  LEU D CD1 
287 C  CD2 . LEU D  1  ? 0.3401 0.3397 0.3538 0.0336  0.0003  0.0231  1  LEU D CD2 
288 N  N   . VAL D  2  ? 0.3099 0.3084 0.3257 0.0095  0.0216  0.0070  2  VAL D N   
289 C  CA  . VAL D  2  ? 0.2811 0.2902 0.3076 0.0070  0.0181  0.0033  2  VAL D CA  
290 C  C   . VAL D  2  ? 0.2982 0.2972 0.3197 0.0046  0.0170  0.0069  2  VAL D C   
291 O  O   . VAL D  2  ? 0.3187 0.3003 0.3242 0.0017  0.0222  0.0068  2  VAL D O   
292 C  CB  . VAL D  2  ? 0.2846 0.3032 0.3186 0.0013  0.0222  -0.0129 2  VAL D CB  
293 C  CG1 . VAL D  2  ? 0.2449 0.2753 0.2889 0.0032  0.0173  -0.0194 2  VAL D CG1 
294 C  CG2 . VAL D  2  ? 0.2771 0.3091 0.3164 0.0074  0.0188  -0.0211 2  VAL D CG2 
295 C  CD1 . 4BF D  3  ? 0.3622 0.3774 0.4140 0.0078  0.0021  0.0275  3  4BF D CD1 
296 C  CE1 . 4BF D  3  ? 0.3593 0.3758 0.4206 0.0033  0.0041  0.0335  3  4BF D CE1 
297 C  CZ  . 4BF D  3  ? 0.4275 0.4370 0.4976 -0.0033 -0.0007 0.0324  3  4BF D CZ  
298 BR BR  . 4BF D  3  ? 0.5766 0.5733 0.6526 -0.0145 0.0077  0.0420  3  4BF D BR  
299 C  CE2 . 4BF D  3  ? 0.4328 0.4388 0.5023 -0.0025 -0.0094 0.0243  3  4BF D CE2 
300 C  CD2 . 4BF D  3  ? 0.3997 0.4052 0.4557 0.0039  -0.0103 0.0196  3  4BF D CD2 
301 C  CG  . 4BF D  3  ? 0.3128 0.3203 0.3598 0.0074  -0.0035 0.0218  3  4BF D CG  
302 C  CB  . 4BF D  3  ? 0.3000 0.2964 0.3277 0.0100  -0.0002 0.0176  3  4BF D CB  
303 C  CA  . 4BF D  3  ? 0.3060 0.3011 0.3305 0.0061  0.0059  0.0112  3  4BF D CA  
304 N  N   . 4BF D  3  ? 0.2821 0.2858 0.3118 0.0069  0.0096  0.0109  3  4BF D N   
305 C  C   . 4BF D  3  ? 0.3343 0.3324 0.3673 0.0064  -0.0002 0.0077  3  4BF D C   
306 O  O   . 4BF D  3  ? 0.3247 0.3276 0.3642 0.0090  -0.0024 0.0075  3  4BF D O   
307 N  N   . PHE D  4  ? 0.3481 0.3388 0.3732 0.0062  -0.0023 0.0030  4  PHE D N   
308 C  CA  . PHE D  4  ? 0.3322 0.3208 0.3625 0.0082  -0.0106 -0.0017 4  PHE D CA  
309 C  C   . PHE D  4  ? 0.3685 0.3486 0.3901 0.0099  -0.0173 -0.0039 4  PHE D C   
310 O  O   . PHE D  4  ? 0.3424 0.3148 0.3444 0.0121  -0.0129 -0.0052 4  PHE D O   
311 C  CB  . PHE D  4  ? 0.3636 0.3590 0.3933 0.0106  -0.0066 -0.0134 4  PHE D CB  
312 C  CG  . PHE D  4  ? 0.3253 0.3158 0.3575 0.0171  -0.0165 -0.0198 4  PHE D CG  
313 C  CD1 . PHE D  4  ? 0.3723 0.3583 0.4092 0.0236  -0.0236 -0.0183 4  PHE D CD1 
314 C  CD2 . PHE D  4  ? 0.4164 0.4015 0.4399 0.0193  -0.0191 -0.0276 4  PHE D CD2 
315 C  CE1 . PHE D  4  ? 0.3919 0.3637 0.4249 0.0319  -0.0337 -0.0243 4  PHE D CE1 
316 C  CE2 . PHE D  4  ? 0.4550 0.4322 0.4793 0.0271  -0.0294 -0.0354 4  PHE D CE2 
317 C  CZ  . PHE D  4  ? 0.3901 0.3591 0.4196 0.0332  -0.0370 -0.0336 4  PHE D CZ  
318 N  N   . ALA D  5  ? 0.3859 0.3635 0.4191 0.0094  -0.0281 -0.0052 5  ALA D N   
319 C  CA  . ALA D  5  ? 0.4552 0.4287 0.4842 0.0125  -0.0390 -0.0118 5  ALA D CA  
320 C  C   . ALA D  5  ? 0.4732 0.4392 0.5141 0.0099  -0.0490 -0.0186 5  ALA D C   
321 O  O   . ALA D  5  ? 0.4596 0.4212 0.5156 0.0026  -0.0479 -0.0136 5  ALA D O   
322 C  CB  . ALA D  5  ? 0.4281 0.4123 0.4669 0.0129  -0.0439 -0.0094 5  ALA D CB  
323 N  N   . ORN D  6  ? 0.5576 0.4392 0.5963 0.0112  -0.0715 -0.0342 6  ORN D N   
324 C  CA  . ORN D  6  ? 0.5393 0.4507 0.5837 0.0090  -0.0616 -0.0260 6  ORN D CA  
325 C  CB  . ORN D  6  ? 0.5427 0.4725 0.5753 0.0192  -0.0603 -0.0346 6  ORN D CB  
326 C  CG  . ORN D  6  ? 0.6159 0.5484 0.6471 0.0188  -0.0690 -0.0432 6  ORN D CG  
327 C  CD  . ORN D  6  ? 0.6337 0.5803 0.6623 0.0184  -0.0672 -0.0403 6  ORN D CD  
328 N  NE  . ORN D  6  ? 0.5659 0.5234 0.5944 0.0161  -0.0556 -0.0291 6  ORN D NE  
329 C  C   . ORN D  6  ? 0.5073 0.4172 0.5469 0.0112  -0.0523 -0.0140 6  ORN D C   
330 O  O   . ORN D  6  ? 0.3048 0.1944 0.3313 0.0207  -0.0550 -0.0141 6  ORN D O   
331 N  N   . HAO D  7  ? 0.4842 0.4136 0.5312 0.0055  -0.0432 -0.0051 7  HAO D N   
332 N  N9  . HAO D  7  ? 0.3989 0.3293 0.4396 0.0094  -0.0359 0.0042  7  HAO D N9  
333 C  C10 . HAO D  7  ? 0.4284 0.3801 0.4737 0.0074  -0.0280 0.0092  7  HAO D C10 
334 O  O11 . HAO D  7  ? 0.3911 0.3575 0.4436 0.0029  -0.0267 0.0076  7  HAO D O11 
335 C  CA  . HAO D  7  ? 0.3921 0.3458 0.4289 0.0137  -0.0224 0.0153  7  HAO D CA  
336 C  C13 . HAO D  7  ? 0.3453 0.3183 0.3859 0.0120  -0.0151 0.0183  7  HAO D C13 
337 C  C14 . HAO D  7  ? 0.4606 0.3939 0.4809 0.0249  -0.0267 0.0163  7  HAO D C14 
338 C  C15 . HAO D  7  ? 0.5615 0.4318 0.5472 0.0409  -0.0390 0.0184  7  HAO D C15 
339 O  O15 . HAO D  7  ? 0.5234 0.4302 0.5352 0.0289  -0.0349 0.0127  7  HAO D O15 
340 C  C17 . HAO D  7  ? 0.4647 0.4009 0.4731 0.0351  -0.0246 0.0197  7  HAO D C17 
341 C  C18 . HAO D  7  ? 0.4121 0.3718 0.4283 0.0313  -0.0172 0.0215  7  HAO D C18 
342 C  C19 . HAO D  7  ? 0.3602 0.3366 0.3924 0.0195  -0.0120 0.0209  7  HAO D C19 
343 N  N20 . HAO D  7  ? 0.3546 0.3472 0.3898 0.0179  -0.0056 0.0220  7  HAO D N20 
344 C  C21 . HAO D  7  ? 0.3892 0.3813 0.4189 0.0192  0.0000  0.0311  7  HAO D C21 
345 O  O22 . HAO D  7  ? 0.3937 0.3694 0.4128 0.0202  0.0025  0.0408  7  HAO D O22 
346 C  C   . HAO D  7  ? 0.3633 0.3707 0.3951 0.0198  0.0052  0.0294  7  HAO D C   
347 O  O   . HAO D  7  ? 0.3115 0.3251 0.3479 0.0167  0.0048  0.0196  7  HAO D O   
348 N  N   . LEU D  8  ? 0.3505 0.3592 0.3749 0.0236  0.0105  0.0363  8  LEU D N   
349 C  CA  . LEU D  8  ? 0.3017 0.3218 0.3247 0.0273  0.0139  0.0325  8  LEU D CA  
350 C  C   . LEU D  8  ? 0.3520 0.3792 0.3799 0.0249  0.0220  0.0413  8  LEU D C   
351 O  O   . LEU D  8  ? 0.3446 0.3685 0.3687 0.0234  0.0291  0.0510  8  LEU D O   
352 C  CB  . LEU D  8  ? 0.3338 0.3546 0.3417 0.0394  0.0108  0.0272  8  LEU D CB  
353 C  CG  . LEU D  8  ? 0.3274 0.3577 0.3335 0.0435  0.0118  0.0179  8  LEU D CG  
354 C  CD1 . LEU D  8  ? 0.3049 0.3381 0.3233 0.0345  0.0108  0.0040  8  LEU D CD1 
355 C  CD2 . LEU D  8  ? 0.3702 0.4025 0.3587 0.0590  0.0060  0.0116  8  LEU D CD2 
356 N  N   . LYS D  9  ? 0.3233 0.3586 0.3586 0.0248  0.0220  0.0375  9  LYS D N   
357 C  CA  . LYS D  9  ? 0.3592 0.4100 0.4042 0.0263  0.0279  0.0407  9  LYS D CA  
358 C  C   . LYS D  9  ? 0.3708 0.4237 0.4059 0.0369  0.0284  0.0354  9  LYS D C   
359 O  O   . LYS D  9  ? 0.3504 0.3951 0.3816 0.0403  0.0233  0.0297  9  LYS D O   
360 C  CB  . LYS D  9  ? 0.3745 0.4340 0.4381 0.0219  0.0230  0.0380  9  LYS D CB  
361 C  CG  . LYS D  9  ? 0.4379 0.5004 0.5180 0.0094  0.0247  0.0416  9  LYS D CG  
362 C  CD  . LYS D  9  ? 0.4696 0.5376 0.5649 0.0069  0.0141  0.0339  9  LYS D CD  
363 C  CE  . LYS D  9  ? 0.5097 0.5796 0.6246 -0.0075 0.0153  0.0341  9  LYS D CE  
364 N  NZ  . LYS D  9  ? 0.4758 0.5718 0.6176 -0.0169 0.0265  0.0332  9  LYS D NZ  
365 N  N   . ORN D  10 ? 0.3366 0.3374 0.3260 0.0425  0.0234  -0.0048 10 ORN D N   
366 C  CA  . ORN D  10 ? 0.3330 0.3445 0.3316 0.0420  0.0231  0.0080  10 ORN D CA  
367 C  CB  . ORN D  10 ? 0.3781 0.4071 0.3820 0.0444  0.0223  0.0131  10 ORN D CB  
368 C  CG  . ORN D  10 ? 0.3891 0.4297 0.3869 0.0553  0.0270  0.0196  10 ORN D CG  
369 C  CD  . ORN D  10 ? 0.4288 0.4813 0.4393 0.0540  0.0325  0.0287  10 ORN D CD  
370 N  NE  . ORN D  10 ? 0.3769 0.4311 0.3996 0.0433  0.0331  0.0363  10 ORN D NE  
371 C  C   . ORN D  10 ? 0.3596 0.3593 0.3605 0.0305  0.0232  0.0080  10 ORN D C   
372 O  O   . ORN D  10 ? 0.3727 0.3639 0.3728 0.0212  0.0259  -0.0017 10 ORN D O   
373 N  N   . LEU E  1  ? 0.3708 0.3605 0.3827 0.0126  0.0161  0.0192  1  LEU E N   
374 C  CA  . LEU E  1  ? 0.3129 0.3075 0.3244 0.0174  0.0181  0.0200  1  LEU E CA  
375 C  C   . LEU E  1  ? 0.3138 0.3199 0.3333 0.0163  0.0213  0.0224  1  LEU E C   
376 O  O   . LEU E  1  ? 0.3007 0.3148 0.3267 0.0145  0.0201  0.0225  1  LEU E O   
377 C  CB  . LEU E  1  ? 0.3283 0.3270 0.3384 0.0228  0.0154  0.0163  1  LEU E CB  
378 C  CG  . LEU E  1  ? 0.3515 0.3396 0.3553 0.0269  0.0119  0.0127  1  LEU E CG  
379 C  CD1 . LEU E  1  ? 0.3920 0.3891 0.3970 0.0328  0.0113  0.0080  1  LEU E CD1 
380 C  CD2 . LEU E  1  ? 0.3815 0.3600 0.3806 0.0289  0.0109  0.0152  1  LEU E CD2 
381 N  N   . VAL E  2  ? 0.3063 0.3121 0.3247 0.0178  0.0245  0.0242  2  VAL E N   
382 C  CA  . VAL E  2  ? 0.3196 0.3329 0.3440 0.0190  0.0267  0.0257  2  VAL E CA  
383 C  C   . VAL E  2  ? 0.3177 0.3286 0.3374 0.0212  0.0259  0.0253  2  VAL E C   
384 O  O   . VAL E  2  ? 0.3222 0.3256 0.3343 0.0216  0.0258  0.0247  2  VAL E O   
385 C  CB  . VAL E  2  ? 0.3295 0.3430 0.3576 0.0182  0.0324  0.0272  2  VAL E CB  
386 C  CG1 . VAL E  2  ? 0.3692 0.3863 0.4023 0.0216  0.0342  0.0281  2  VAL E CG1 
387 C  CG2 . VAL E  2  ? 0.4045 0.4242 0.4409 0.0146  0.0331  0.0283  2  VAL E CG2 
388 C  CD1 . 4BF E  3  ? 0.3080 0.3364 0.3279 0.0214  0.0173  0.0252  3  4BF E CD1 
389 C  CE1 . 4BF E  3  ? 0.3166 0.3518 0.3395 0.0187  0.0156  0.0265  3  4BF E CE1 
390 C  CZ  . 4BF E  3  ? 0.2937 0.3330 0.3186 0.0146  0.0164  0.0298  3  4BF E CZ  
391 BR BR  . 4BF E  3  ? 0.2866 0.3364 0.3169 0.0080  0.0143  0.0326  3  4BF E BR  
392 C  CE2 . 4BF E  3  ? 0.2788 0.3150 0.3027 0.0145  0.0182  0.0319  3  4BF E CE2 
393 C  CD2 . 4BF E  3  ? 0.2791 0.3109 0.3021 0.0181  0.0193  0.0301  3  4BF E CD2 
394 C  CG  . 4BF E  3  ? 0.2921 0.3197 0.3130 0.0207  0.0193  0.0267  3  4BF E CG  
395 C  CB  . 4BF E  3  ? 0.2665 0.2899 0.2870 0.0223  0.0206  0.0255  3  4BF E CB  
396 C  CA  . 4BF E  3  ? 0.2850 0.3013 0.3055 0.0219  0.0232  0.0268  3  4BF E CA  
397 N  N   . 4BF E  3  ? 0.2975 0.3147 0.3210 0.0219  0.0245  0.0263  3  4BF E N   
398 C  C   . 4BF E  3  ? 0.3105 0.3280 0.3344 0.0217  0.0233  0.0296  3  4BF E C   
399 O  O   . 4BF E  3  ? 0.2859 0.3086 0.3151 0.0221  0.0227  0.0315  3  4BF E O   
400 N  N   . PHE E  4  ? 0.2863 0.2948 0.3063 0.0216  0.0244  0.0293  4  PHE E N   
401 C  CA  . PHE E  4  ? 0.2580 0.2630 0.2799 0.0213  0.0234  0.0321  4  PHE E CA  
402 C  C   . PHE E  4  ? 0.3062 0.3030 0.3217 0.0181  0.0213  0.0317  4  PHE E C   
403 O  O   . PHE E  4  ? 0.3140 0.2996 0.3231 0.0188  0.0226  0.0288  4  PHE E O   
404 C  CB  . PHE E  4  ? 0.2744 0.2748 0.3001 0.0258  0.0266  0.0319  4  PHE E CB  
405 C  CG  . PHE E  4  ? 0.2783 0.2728 0.3065 0.0275  0.0247  0.0351  4  PHE E CG  
406 C  CD1 . PHE E  4  ? 0.2919 0.2931 0.3249 0.0272  0.0211  0.0400  4  PHE E CD1 
407 C  CD2 . PHE E  4  ? 0.3730 0.3526 0.3958 0.0291  0.0257  0.0332  4  PHE E CD2 
408 C  CE1 . PHE E  4  ? 0.3829 0.3760 0.4166 0.0286  0.0181  0.0443  4  PHE E CE1 
409 C  CE2 . PHE E  4  ? 0.3785 0.3487 0.4024 0.0310  0.0231  0.0365  4  PHE E CE2 
410 C  CZ  . PHE E  4  ? 0.3909 0.3680 0.4208 0.0307  0.0190  0.0427  4  PHE E CZ  
411 N  N   . ALA E  5  ? 0.3095 0.3125 0.3262 0.0138  0.0184  0.0343  5  ALA E N   
412 C  CA  . ALA E  5  ? 0.3185 0.3172 0.3315 0.0086  0.0154  0.0343  5  ALA E CA  
413 C  C   . ALA E  5  ? 0.3378 0.3455 0.3546 0.0026  0.0134  0.0391  5  ALA E C   
414 O  O   . ALA E  5  ? 0.3120 0.3315 0.3325 0.0032  0.0149  0.0413  5  ALA E O   
415 C  CB  . ALA E  5  ? 0.2944 0.2973 0.3055 0.0088  0.0141  0.0307  5  ALA E CB  
416 N  N   . ORN E  6  ? 0.3621 0.3849 0.3778 -0.0182 0.0120  0.0637  6  ORN E N   
417 C  CA  . ORN E  6  ? 0.4233 0.4405 0.4408 -0.0093 0.0123  0.0564  6  ORN E CA  
418 C  CB  . ORN E  6  ? 0.4531 0.4507 0.4675 -0.0096 0.0097  0.0540  6  ORN E CB  
419 C  CG  . ORN E  6  ? 0.4492 0.4524 0.4654 -0.0159 0.0082  0.0517  6  ORN E CG  
420 C  CD  . ORN E  6  ? 0.4177 0.4240 0.4348 -0.0124 0.0082  0.0454  6  ORN E CD  
421 N  NE  . ORN E  6  ? 0.3620 0.3639 0.3769 -0.0039 0.0104  0.0407  6  ORN E NE  
422 C  C   . ORN E  6  ? 0.3913 0.4073 0.4082 -0.0021 0.0127  0.0565  6  ORN E C   
423 O  O   . ORN E  6  ? 0.2179 0.2303 0.2321 -0.0027 0.0107  0.0625  6  ORN E O   
424 N  N   . HAO E  7  ? 0.3006 0.3204 0.3204 0.0043  0.0145  0.0503  7  HAO E N   
425 N  N9  . HAO E  7  ? 0.3253 0.3462 0.3468 0.0097  0.0143  0.0502  7  HAO E N9  
426 C  C10 . HAO E  7  ? 0.3232 0.3478 0.3476 0.0139  0.0161  0.0449  7  HAO E C10 
427 O  O11 . HAO E  7  ? 0.2710 0.2962 0.2950 0.0141  0.0178  0.0405  7  HAO E O11 
428 C  CA  . HAO E  7  ? 0.2730 0.3010 0.3014 0.0179  0.0153  0.0448  7  HAO E CA  
429 C  C13 . HAO E  7  ? 0.2907 0.3220 0.3214 0.0199  0.0171  0.0399  7  HAO E C13 
430 C  C14 . HAO E  7  ? 0.3175 0.3444 0.3479 0.0192  0.0119  0.0502  7  HAO E C14 
431 C  C15 . HAO E  7  ? 0.4129 0.4292 0.4409 0.0191  0.0045  0.0628  7  HAO E C15 
432 O  O15 . HAO E  7  ? 0.3532 0.3733 0.3796 0.0166  0.0094  0.0563  7  HAO E O15 
433 C  C17 . HAO E  7  ? 0.2764 0.3091 0.3131 0.0223  0.0100  0.0500  7  HAO E C17 
434 C  C18 . HAO E  7  ? 0.3031 0.3410 0.3434 0.0230  0.0122  0.0446  7  HAO E C18 
435 C  C19 . HAO E  7  ? 0.2839 0.3196 0.3200 0.0217  0.0159  0.0398  7  HAO E C19 
436 N  N20 . HAO E  7  ? 0.2668 0.3037 0.3044 0.0218  0.0177  0.0354  7  HAO E N20 
437 C  C21 . HAO E  7  ? 0.2714 0.3137 0.3134 0.0212  0.0158  0.0346  7  HAO E C21 
438 O  O22 . HAO E  7  ? 0.2964 0.3449 0.3417 0.0207  0.0117  0.0372  7  HAO E O22 
439 C  C   . HAO E  7  ? 0.2752 0.3148 0.3171 0.0197  0.0180  0.0307  7  HAO E C   
440 O  O   . HAO E  7  ? 0.2704 0.3021 0.3067 0.0206  0.0214  0.0289  7  HAO E O   
441 N  N   . LEU E  8  ? 0.3127 0.3573 0.3591 0.0172  0.0152  0.0303  8  LEU E N   
442 C  CA  . LEU E  8  ? 0.3036 0.3443 0.3501 0.0139  0.0160  0.0277  8  LEU E CA  
443 C  C   . LEU E  8  ? 0.3120 0.3506 0.3514 0.0112  0.0110  0.0240  8  LEU E C   
444 O  O   . LEU E  8  ? 0.2954 0.3402 0.3347 0.0101  0.0063  0.0242  8  LEU E O   
445 C  CB  . LEU E  8  ? 0.2990 0.3478 0.3589 0.0116  0.0174  0.0302  8  LEU E CB  
446 C  CG  . LEU E  8  ? 0.3153 0.3624 0.3774 0.0053  0.0172  0.0291  8  LEU E CG  
447 C  CD1 . LEU E  8  ? 0.3408 0.3760 0.3943 0.0049  0.0227  0.0284  8  LEU E CD1 
448 C  CD2 . LEU E  8  ? 0.3518 0.4140 0.4321 0.0022  0.0178  0.0323  8  LEU E CD2 
449 N  N   . LYS E  9  ? 0.3222 0.3503 0.3541 0.0107  0.0116  0.0204  9  LYS E N   
450 C  CA  . LYS E  9  ? 0.3581 0.3803 0.3827 0.0085  0.0069  0.0156  9  LYS E CA  
451 C  C   . LYS E  9  ? 0.3691 0.3772 0.3898 0.0061  0.0070  0.0139  9  LYS E C   
452 O  O   . LYS E  9  ? 0.3195 0.3188 0.3343 0.0101  0.0090  0.0129  9  LYS E O   
453 C  CB  . LYS E  9  ? 0.3929 0.4148 0.4077 0.0136  0.0065  0.0115  9  LYS E CB  
454 C  CG  . LYS E  9  ? 0.4558 0.4722 0.4609 0.0125  0.0020  0.0050  9  LYS E CG  
455 C  CD  . LYS E  9  ? 0.4723 0.4976 0.4773 0.0082  -0.0028 0.0061  9  LYS E CD  
456 C  CE  . LYS E  9  ? 0.5703 0.5883 0.5623 0.0066  -0.0077 -0.0014 9  LYS E CE  
457 N  NZ  . LYS E  9  ? 0.5731 0.6004 0.5613 0.0030  -0.0130 -0.0001 9  LYS E NZ  
458 N  N   . ORN E  10 ? 0.3698 0.3298 0.3738 -0.0047 0.0139  0.0238  10 ORN E N   
459 C  CA  . ORN E  10 ? 0.4101 0.3851 0.4204 0.0010  0.0137  0.0206  10 ORN E CA  
460 C  CB  . ORN E  10 ? 0.4109 0.4039 0.4350 -0.0035 0.0158  0.0228  10 ORN E CB  
461 C  CG  . ORN E  10 ? 0.4717 0.4663 0.5002 -0.0102 0.0101  0.0209  10 ORN E CG  
462 C  CD  . ORN E  10 ? 0.4688 0.4605 0.4900 -0.0061 0.0041  0.0147  10 ORN E CD  
463 N  NE  . ORN E  10 ? 0.4258 0.4327 0.4514 -0.0010 0.0049  0.0150  10 ORN E NE  
464 C  C   . ORN E  10 ? 0.4024 0.3813 0.4108 0.0078  0.0166  0.0215  10 ORN E C   
465 O  O   . ORN E  10 ? 0.3779 0.3499 0.3806 0.0077  0.0193  0.0246  10 ORN E O   
466 N  N   . LEU F  1  ? 0.4726 0.4535 0.4436 -0.0055 0.0052  0.0638  1  LEU F N   
467 C  CA  . LEU F  1  ? 0.4271 0.4073 0.3948 -0.0024 0.0085  0.0554  1  LEU F CA  
468 C  C   . LEU F  1  ? 0.3875 0.3737 0.3654 0.0102  0.0174  0.0472  1  LEU F C   
469 O  O   . LEU F  1  ? 0.3627 0.3678 0.3535 0.0177  0.0167  0.0500  1  LEU F O   
470 C  CB  . LEU F  1  ? 0.4153 0.4209 0.3971 -0.0017 0.0023  0.0620  1  LEU F CB  
471 C  CG  . LEU F  1  ? 0.4446 0.4452 0.4224 -0.0023 0.0000  0.0574  1  LEU F CG  
472 C  CD1 . LEU F  1  ? 0.4460 0.4175 0.3997 -0.0188 -0.0086 0.0597  1  LEU F CD1 
473 C  CD2 . LEU F  1  ? 0.4752 0.5038 0.4771 0.0046  -0.0033 0.0631  1  LEU F CD2 
474 N  N   . VAL F  2  ? 0.3788 0.3472 0.3495 0.0106  0.0252  0.0383  2  VAL F N   
475 C  CA  . VAL F  2  ? 0.3473 0.3240 0.3337 0.0203  0.0316  0.0331  2  VAL F CA  
476 C  C   . VAL F  2  ? 0.3293 0.3104 0.3126 0.0196  0.0308  0.0292  2  VAL F C   
477 O  O   . VAL F  2  ? 0.3661 0.3313 0.3306 0.0107  0.0310  0.0276  2  VAL F O   
478 C  CB  . VAL F  2  ? 0.3458 0.3021 0.3360 0.0224  0.0451  0.0273  2  VAL F CB  
479 C  CG1 . VAL F  2  ? 0.3931 0.3632 0.4101 0.0312  0.0498  0.0256  2  VAL F CG1 
480 C  CG2 . VAL F  2  ? 0.3874 0.3339 0.3826 0.0238  0.0444  0.0314  2  VAL F CG2 
481 C  CD1 . 4BF F  3  ? 0.3447 0.3801 0.3449 0.0329  0.0162  0.0396  3  4BF F CD1 
482 C  CE1 . 4BF F  3  ? 0.3899 0.4365 0.3895 0.0374  0.0171  0.0423  3  4BF F CE1 
483 C  CZ  . 4BF F  3  ? 0.4388 0.4876 0.4330 0.0439  0.0168  0.0369  3  4BF F CZ  
484 BR BR  . 4BF F  3  ? 0.4368 0.4911 0.4140 0.0453  0.0182  0.0405  3  4BF F BR  
485 C  CE2 . 4BF F  3  ? 0.4064 0.4483 0.4013 0.0465  0.0145  0.0296  3  4BF F CE2 
486 C  CD2 . 4BF F  3  ? 0.3327 0.3672 0.3329 0.0423  0.0140  0.0284  3  4BF F CD2 
487 C  CG  . 4BF F  3  ? 0.3321 0.3621 0.3319 0.0353  0.0154  0.0330  3  4BF F CG  
488 C  CB  . 4BF F  3  ? 0.3141 0.3284 0.3072 0.0273  0.0150  0.0315  3  4BF F CB  
489 C  CA  . 4BF F  3  ? 0.3331 0.3345 0.3251 0.0257  0.0224  0.0267  3  4BF F CA  
490 N  N   . 4BF F  3  ? 0.3241 0.3235 0.3201 0.0267  0.0265  0.0289  3  4BF F N   
491 C  C   . 4BF F  3  ? 0.3675 0.3760 0.3708 0.0316  0.0210  0.0233  3  4BF F C   
492 O  O   . 4BF F  3  ? 0.3207 0.3352 0.3359 0.0360  0.0206  0.0243  3  4BF F O   
493 N  N   . PHE F  4  ? 0.3344 0.3340 0.3333 0.0271  0.0220  0.0205  4  PHE F N   
494 C  CA  . PHE F  4  ? 0.3231 0.3257 0.3324 0.0291  0.0190  0.0184  4  PHE F CA  
495 C  C   . PHE F  4  ? 0.3300 0.3256 0.3299 0.0257  0.0124  0.0174  4  PHE F C   
496 O  O   . PHE F  4  ? 0.3277 0.3114 0.3148 0.0175  0.0139  0.0188  4  PHE F O   
497 C  CB  . PHE F  4  ? 0.3070 0.3065 0.3295 0.0260  0.0302  0.0186  4  PHE F CB  
498 C  CG  . PHE F  4  ? 0.3416 0.3473 0.3821 0.0257  0.0254  0.0199  4  PHE F CG  
499 C  CD1 . PHE F  4  ? 0.3252 0.3418 0.3837 0.0304  0.0154  0.0233  4  PHE F CD1 
500 C  CD2 . PHE F  4  ? 0.3309 0.3296 0.3690 0.0182  0.0291  0.0198  4  PHE F CD2 
501 C  CE1 . PHE F  4  ? 0.3802 0.4010 0.4562 0.0272  0.0070  0.0268  4  PHE F CE1 
502 C  CE2 . PHE F  4  ? 0.3912 0.3960 0.4486 0.0158  0.0228  0.0232  4  PHE F CE2 
503 C  CZ  . PHE F  4  ? 0.3605 0.3766 0.4384 0.0201  0.0111  0.0267  4  PHE F CZ  
504 N  N   . ALA F  5  ? 0.3025 0.3010 0.3055 0.0312  0.0033  0.0153  5  ALA F N   
505 C  CA  . ALA F  5  ? 0.3255 0.3145 0.3233 0.0297  -0.0046 0.0144  5  ALA F CA  
506 C  C   . ALA F  5  ? 0.3185 0.3029 0.3194 0.0314  -0.0125 0.0112  5  ALA F C   
507 O  O   . ALA F  5  ? 0.3177 0.3052 0.3180 0.0371  -0.0157 0.0083  5  ALA F O   
508 C  CB  . ALA F  5  ? 0.2991 0.2913 0.2965 0.0367  -0.0083 0.0150  5  ALA F CB  
509 N  N   . ORN F  6  ? 0.3926 0.3656 0.4184 0.0161  -0.0518 0.0167  6  ORN F N   
510 C  CA  . ORN F  6  ? 0.3940 0.3752 0.4139 0.0239  -0.0363 0.0137  6  ORN F CA  
511 C  CB  . ORN F  6  ? 0.3927 0.3789 0.4225 0.0187  -0.0228 0.0172  6  ORN F CB  
512 C  CG  . ORN F  6  ? 0.4079 0.3783 0.4236 0.0157  -0.0285 0.0151  6  ORN F CG  
513 C  CD  . ORN F  6  ? 0.4144 0.3793 0.4172 0.0198  -0.0265 0.0128  6  ORN F CD  
514 N  NE  . ORN F  6  ? 0.3371 0.3110 0.3376 0.0246  -0.0178 0.0125  6  ORN F NE  
515 C  C   . ORN F  6  ? 0.3946 0.3879 0.4210 0.0274  -0.0337 0.0166  6  ORN F C   
516 O  O   . ORN F  6  ? 0.2119 0.2088 0.2515 0.0233  -0.0439 0.0226  6  ORN F O   
517 N  N   . HAO F  7  ? 0.3843 0.3830 0.4020 0.0336  -0.0229 0.0143  7  HAO F N   
518 N  N9  . HAO F  7  ? 0.3680 0.3755 0.3895 0.0362  -0.0212 0.0179  7  HAO F N9  
519 C  C10 . HAO F  7  ? 0.3550 0.3677 0.3703 0.0402  -0.0112 0.0173  7  HAO F C10 
520 O  O11 . HAO F  7  ? 0.3715 0.3829 0.3802 0.0414  -0.0044 0.0147  7  HAO F O11 
521 C  CA  . HAO F  7  ? 0.3843 0.4039 0.4032 0.0413  -0.0114 0.0228  7  HAO F CA  
522 C  C13 . HAO F  7  ? 0.3303 0.3546 0.3486 0.0429  -0.0015 0.0243  7  HAO F C13 
523 C  C14 . HAO F  7  ? 0.3654 0.3842 0.3887 0.0386  -0.0246 0.0282  7  HAO F C14 
524 C  C15 . HAO F  7  ? 0.4174 0.4240 0.4418 0.0278  -0.0577 0.0362  7  HAO F C15 
525 O  O15 . HAO F  7  ? 0.4283 0.4391 0.4506 0.0340  -0.0384 0.0281  7  HAO F O15 
526 C  C17 . HAO F  7  ? 0.4001 0.4233 0.4273 0.0386  -0.0270 0.0356  7  HAO F C17 
527 C  C18 . HAO F  7  ? 0.3713 0.3993 0.3981 0.0414  -0.0152 0.0364  7  HAO F C18 
528 C  C19 . HAO F  7  ? 0.3670 0.3951 0.3883 0.0431  -0.0027 0.0304  7  HAO F C19 
529 N  N20 . HAO F  7  ? 0.3356 0.3651 0.3559 0.0428  0.0059  0.0326  7  HAO F N20 
530 C  C21 . HAO F  7  ? 0.4385 0.4709 0.4523 0.0422  0.0044  0.0382  7  HAO F C21 
531 O  O22 . HAO F  7  ? 0.3666 0.4004 0.3703 0.0418  -0.0030 0.0421  7  HAO F O22 
532 C  C   . HAO F  7  ? 0.3809 0.4106 0.3951 0.0396  0.0115  0.0408  7  HAO F C   
533 O  O   . HAO F  7  ? 0.3298 0.3493 0.3490 0.0377  0.0189  0.0361  7  HAO F O   
534 N  N   . LEU F  8  ? 0.3993 0.4309 0.4100 0.0377  0.0088  0.0480  8  LEU F N   
535 C  CA  . LEU F  8  ? 0.3939 0.4197 0.4024 0.0329  0.0129  0.0511  8  LEU F CA  
536 C  C   . LEU F  8  ? 0.4009 0.4373 0.4004 0.0294  0.0109  0.0594  8  LEU F C   
537 O  O   . LEU F  8  ? 0.3980 0.4418 0.3899 0.0306  0.0081  0.0627  8  LEU F O   
538 C  CB  . LEU F  8  ? 0.4203 0.4307 0.4405 0.0330  0.0143  0.0528  8  LEU F CB  
539 C  CG  . LEU F  8  ? 0.4812 0.4914 0.5093 0.0332  0.0058  0.0628  8  LEU F CG  
540 C  CD1 . LEU F  8  ? 0.5383 0.5288 0.5790 0.0339  0.0096  0.0638  8  LEU F CD1 
541 C  CD2 . LEU F  8  ? 0.5384 0.5563 0.5778 0.0370  -0.0030 0.0654  8  LEU F CD2 
542 N  N   . LYS F  9  ? 0.4059 0.4419 0.4040 0.0232  0.0122  0.0636  9  LYS F N   
543 C  CA  . LYS F  9  ? 0.4319 0.4803 0.4280 0.0176  0.0116  0.0746  9  LYS F CA  
544 C  C   . LYS F  9  ? 0.4521 0.4885 0.4486 0.0073  0.0070  0.0815  9  LYS F C   
545 O  O   . LYS F  9  ? 0.3815 0.4100 0.3769 0.0026  0.0054  0.0792  9  LYS F O   
546 C  CB  . LYS F  9  ? 0.4505 0.5200 0.4506 0.0206  0.0180  0.0750  9  LYS F CB  
547 C  CG  . LYS F  9  ? 0.4939 0.5817 0.4947 0.0166  0.0235  0.0867  9  LYS F CG  
548 C  CD  . LYS F  9  ? 0.6138 0.7216 0.6205 0.0244  0.0364  0.0843  9  LYS F CD  
549 C  CE  . LYS F  9  ? 0.6709 0.7703 0.6568 0.0335  0.0410  0.0720  9  LYS F CE  
550 N  NZ  . LYS F  9  ? 0.7229 0.8341 0.7110 0.0429  0.0566  0.0666  9  LYS F NZ  
551 N  N   . ORN F  10 ? 0.5379 0.4538 0.4777 -0.0286 -0.0062 0.0740  10 ORN F N   
552 C  CA  . ORN F  10 ? 0.5458 0.4997 0.5073 -0.0169 -0.0017 0.0743  10 ORN F CA  
553 C  CB  . ORN F  10 ? 0.5360 0.4969 0.5117 -0.0044 0.0040  0.0723  10 ORN F CB  
554 C  CG  . ORN F  10 ? 0.5938 0.5659 0.5765 -0.0078 -0.0033 0.0861  10 ORN F CG  
555 C  CD  . ORN F  10 ? 0.5608 0.5685 0.5508 -0.0088 -0.0037 0.0950  10 ORN F CD  
556 N  NE  . ORN F  10 ? 0.4897 0.5141 0.4839 0.0029  0.0025  0.0879  10 ORN F NE  
557 C  C   . ORN F  10 ? 0.5011 0.4523 0.4562 -0.0137 0.0038  0.0637  10 ORN F C   
558 O  O   . ORN F  10 ? 0.5276 0.4477 0.4605 -0.0196 0.0070  0.0558  10 ORN F O   
559 N  N   . LEU G  1  ? 0.4380 0.4314 0.3800 -0.0074 0.0230  0.0320  1  LEU G N   
560 C  CA  . LEU G  1  ? 0.3958 0.3843 0.3379 -0.0085 0.0216  0.0286  1  LEU G CA  
561 C  C   . LEU G  1  ? 0.3551 0.3648 0.3215 -0.0036 0.0166  0.0314  1  LEU G C   
562 O  O   . LEU G  1  ? 0.3282 0.3422 0.3099 0.0043  0.0160  0.0348  1  LEU G O   
563 C  CB  . LEU G  1  ? 0.4331 0.4025 0.3704 0.0024  0.0255  0.0276  1  LEU G CB  
564 C  CG  . LEU G  1  ? 0.4590 0.4145 0.3854 0.0022  0.0262  0.0240  1  LEU G CG  
565 C  CD1 . LEU G  1  ? 0.4912 0.4186 0.3812 -0.0094 0.0316  0.0199  1  LEU G CD1 
566 C  CD2 . LEU G  1  ? 0.5080 0.4590 0.4383 0.0178  0.0284  0.0252  1  LEU G CD2 
567 N  N   . VAL G  2  ? 0.3212 0.3420 0.2873 -0.0089 0.0140  0.0304  2  VAL G N   
568 C  CA  . VAL G  2  ? 0.3012 0.3354 0.2836 -0.0008 0.0110  0.0327  2  VAL G CA  
569 C  C   . VAL G  2  ? 0.2980 0.3213 0.2782 0.0002  0.0106  0.0287  2  VAL G C   
570 O  O   . VAL G  2  ? 0.3273 0.3424 0.2923 -0.0084 0.0125  0.0255  2  VAL G O   
571 C  CB  . VAL G  2  ? 0.3060 0.3700 0.2905 -0.0027 0.0091  0.0371  2  VAL G CB  
572 C  CG1 . VAL G  2  ? 0.3297 0.4017 0.3242 0.0108  0.0082  0.0404  2  VAL G CG1 
573 C  CG2 . VAL G  2  ? 0.3547 0.4318 0.3391 -0.0021 0.0094  0.0419  2  VAL G CG2 
574 C  CD1 . 4BF G  3  ? 0.3490 0.3519 0.3471 0.0164  0.0119  0.0285  3  4BF G CD1 
575 C  CE1 . 4BF G  3  ? 0.3809 0.3898 0.3903 0.0168  0.0118  0.0316  3  4BF G CE1 
576 C  CZ  . 4BF G  3  ? 0.3733 0.3849 0.3928 0.0157  0.0087  0.0306  3  4BF G CZ  
577 BR BR  . 4BF G  3  ? 0.3582 0.3764 0.3888 0.0089  0.0097  0.0348  3  4BF G BR  
578 C  CE2 . 4BF G  3  ? 0.3376 0.3460 0.3558 0.0172  0.0054  0.0264  3  4BF G CE2 
579 C  CD2 . 4BF G  3  ? 0.3014 0.3052 0.3104 0.0201  0.0058  0.0242  3  4BF G CD2 
580 C  CG  . 4BF G  3  ? 0.3028 0.3036 0.3014 0.0183  0.0093  0.0253  3  4BF G CG  
581 C  CB  . 4BF G  3  ? 0.3093 0.3036 0.2943 0.0159  0.0104  0.0228  3  4BF G CB  
582 C  CA  . 4BF G  3  ? 0.2927 0.2991 0.2802 0.0119  0.0087  0.0243  3  4BF G CA  
583 N  N   . 4BF G  3  ? 0.2970 0.3137 0.2879 0.0096  0.0091  0.0282  3  4BF G N   
584 C  C   . 4BF G  3  ? 0.3088 0.3183 0.3046 0.0187  0.0057  0.0240  3  4BF G C   
585 O  O   . 4BF G  3  ? 0.3163 0.3246 0.3186 0.0227  0.0047  0.0258  3  4BF G O   
586 N  N   . PHE G  4  ? 0.3171 0.3221 0.3076 0.0200  0.0053  0.0209  4  PHE G N   
587 C  CA  . PHE G  4  ? 0.2963 0.3001 0.2892 0.0269  0.0029  0.0195  4  PHE G CA  
588 C  C   . PHE G  4  ? 0.3056 0.3018 0.2918 0.0287  0.0026  0.0158  4  PHE G C   
589 O  O   . PHE G  4  ? 0.3186 0.3130 0.2947 0.0247  0.0057  0.0158  4  PHE G O   
590 C  CB  . PHE G  4  ? 0.3121 0.3308 0.3041 0.0304  0.0041  0.0234  4  PHE G CB  
591 C  CG  . PHE G  4  ? 0.3361 0.3490 0.3253 0.0411  0.0034  0.0226  4  PHE G CG  
592 C  CD1 . PHE G  4  ? 0.3942 0.3925 0.3805 0.0483  0.0032  0.0231  4  PHE G CD1 
593 C  CD2 . PHE G  4  ? 0.3528 0.3699 0.3368 0.0436  0.0039  0.0215  4  PHE G CD2 
594 C  CE1 . PHE G  4  ? 0.3654 0.3497 0.3411 0.0585  0.0037  0.0216  4  PHE G CE1 
595 C  CE2 . PHE G  4  ? 0.3614 0.3708 0.3393 0.0553  0.0038  0.0207  4  PHE G CE2 
596 C  CZ  . PHE G  4  ? 0.3974 0.3884 0.3693 0.0630  0.0038  0.0204  4  PHE G CZ  
597 N  N   . ALA G  5  ? 0.3046 0.2954 0.2937 0.0334  -0.0008 0.0126  5  ALA G N   
598 C  CA  . ALA G  5  ? 0.2972 0.2840 0.2798 0.0376  -0.0016 0.0097  5  ALA G CA  
599 C  C   . ALA G  5  ? 0.3007 0.2849 0.2835 0.0415  -0.0060 0.0059  5  ALA G C   
600 O  O   . ALA G  5  ? 0.3001 0.2816 0.2871 0.0383  -0.0091 0.0044  5  ALA G O   
601 C  CB  . ALA G  5  ? 0.3042 0.2924 0.2866 0.0396  -0.0011 0.0100  5  ALA G CB  
602 N  N   . ORN G  6  ? 0.3964 0.3225 0.3402 0.0511  -0.0117 -0.0063 6  ORN G N   
603 C  CA  . ORN G  6  ? 0.3714 0.3188 0.3336 0.0469  -0.0106 -0.0013 6  ORN G CA  
604 C  CB  . ORN G  6  ? 0.3333 0.2964 0.2991 0.0540  -0.0067 0.0033  6  ORN G CB  
605 C  CG  . ORN G  6  ? 0.3771 0.3441 0.3403 0.0555  -0.0087 0.0001  6  ORN G CG  
606 C  CD  . ORN G  6  ? 0.3782 0.3537 0.3463 0.0523  -0.0087 0.0007  6  ORN G CD  
607 N  NE  . ORN G  6  ? 0.3229 0.3038 0.2980 0.0469  -0.0065 0.0040  6  ORN G NE  
608 C  C   . ORN G  6  ? 0.4089 0.3495 0.3728 0.0435  -0.0078 0.0025  6  ORN G C   
609 O  O   . ORN G  6  ? 0.2221 0.1404 0.1709 0.0475  -0.0051 0.0030  6  ORN G O   
610 N  N   . HAO G  7  ? 0.3397 0.2963 0.3180 0.0374  -0.0076 0.0056  7  HAO G N   
611 N  N9  . HAO G  7  ? 0.3281 0.2808 0.3084 0.0343  -0.0050 0.0096  7  HAO G N9  
612 C  C10 . HAO G  7  ? 0.3473 0.3150 0.3396 0.0303  -0.0039 0.0131  7  HAO G C10 
613 O  O11 . HAO G  7  ? 0.3169 0.2981 0.3150 0.0297  -0.0043 0.0129  7  HAO G O11 
614 C  CA  . HAO G  7  ? 0.3365 0.3001 0.3297 0.0281  -0.0007 0.0179  7  HAO G CA  
615 C  C13 . HAO G  7  ? 0.2881 0.2669 0.2898 0.0265  0.0011  0.0219  7  HAO G C13 
616 C  C14 . HAO G  7  ? 0.3724 0.3116 0.3523 0.0282  0.0014  0.0183  7  HAO G C14 
617 C  C15 . HAO G  7  ? 0.4730 0.3528 0.4134 0.0289  0.0044  0.0133  7  HAO G C15 
618 O  O15 . HAO G  7  ? 0.4426 0.3595 0.4070 0.0286  0.0002  0.0131  7  HAO G O15 
619 C  C17 . HAO G  7  ? 0.3703 0.3033 0.3484 0.0277  0.0056  0.0239  7  HAO G C17 
620 C  C18 . HAO G  7  ? 0.4045 0.3599 0.3959 0.0271  0.0065  0.0285  7  HAO G C18 
621 C  C19 . HAO G  7  ? 0.3630 0.3399 0.3653 0.0255  0.0041  0.0268  7  HAO G C19 
622 N  N20 . HAO G  7  ? 0.3210 0.3131 0.3290 0.0240  0.0058  0.0303  7  HAO G N20 
623 C  C21 . HAO G  7  ? 0.3859 0.3782 0.3964 0.0210  0.0082  0.0340  7  HAO G C21 
624 O  O22 . HAO G  7  ? 0.3391 0.3194 0.3485 0.0174  0.0093  0.0352  7  HAO G O22 
625 C  C   . HAO G  7  ? 0.3688 0.3750 0.3800 0.0201  0.0098  0.0369  7  HAO G C   
626 O  O   . HAO G  7  ? 0.3084 0.3243 0.3154 0.0199  0.0089  0.0351  7  HAO G O   
627 N  N   . LEU G  8  ? 0.3783 0.3849 0.3915 0.0182  0.0123  0.0405  8  LEU G N   
628 C  CA  . LEU G  8  ? 0.3626 0.3792 0.3723 0.0162  0.0138  0.0418  8  LEU G CA  
629 C  C   . LEU G  8  ? 0.3654 0.3810 0.3781 0.0144  0.0167  0.0442  8  LEU G C   
630 O  O   . LEU G  8  ? 0.3658 0.3774 0.3845 0.0130  0.0179  0.0467  8  LEU G O   
631 C  CB  . LEU G  8  ? 0.3751 0.4041 0.3801 0.0193  0.0142  0.0465  8  LEU G CB  
632 C  CG  . LEU G  8  ? 0.4421 0.4690 0.4463 0.0252  0.0173  0.0535  8  LEU G CG  
633 C  CD1 . LEU G  8  ? 0.5041 0.5534 0.5028 0.0292  0.0172  0.0585  8  LEU G CD1 
634 C  CD2 . LEU G  8  ? 0.5069 0.5156 0.5086 0.0318  0.0188  0.0552  8  LEU G CD2 
635 N  N   . LYS G  9  ? 0.3628 0.3801 0.3679 0.0132  0.0187  0.0434  9  LYS G N   
636 C  CA  . LYS G  9  ? 0.3727 0.3911 0.3779 0.0146  0.0229  0.0466  9  LYS G CA  
637 C  C   . LYS G  9  ? 0.3751 0.3896 0.3634 0.0136  0.0257  0.0463  9  LYS G C   
638 O  O   . LYS G  9  ? 0.3599 0.3641 0.3324 0.0114  0.0261  0.0415  9  LYS G O   
639 C  CB  . LYS G  9  ? 0.3819 0.4032 0.3918 0.0179  0.0240  0.0455  9  LYS G CB  
640 C  CG  . LYS G  9  ? 0.4483 0.4805 0.4626 0.0211  0.0290  0.0510  9  LYS G CG  
641 C  CD  . LYS G  9  ? 0.5231 0.5706 0.5442 0.0265  0.0297  0.0518  9  LYS G CD  
642 C  CE  . LYS G  9  ? 0.5060 0.5650 0.5438 0.0175  0.0241  0.0504  9  LYS G CE  
643 N  NZ  . LYS G  9  ? 0.5357 0.6208 0.5820 0.0213  0.0237  0.0518  9  LYS G NZ  
644 N  N   . ORN G  10 ? 0.4788 0.4835 0.3859 -0.0264 0.0243  0.0334  10 ORN G N   
645 C  CA  . ORN G  10 ? 0.4674 0.4728 0.3982 -0.0131 0.0242  0.0360  10 ORN G CA  
646 C  CB  . ORN G  10 ? 0.4781 0.5081 0.4345 -0.0054 0.0209  0.0426  10 ORN G CB  
647 C  CG  . ORN G  10 ? 0.5290 0.5602 0.4911 0.0023  0.0240  0.0485  10 ORN G CG  
648 C  CD  . ORN G  10 ? 0.5089 0.5265 0.4765 0.0093  0.0284  0.0493  10 ORN G CD  
649 N  NE  . ORN G  10 ? 0.4081 0.4283 0.3943 0.0127  0.0264  0.0500  10 ORN G NE  
650 C  C   . ORN G  10 ? 0.4595 0.4596 0.3887 -0.0179 0.0224  0.0317  10 ORN G C   
651 O  O   . ORN G  10 ? 0.4998 0.5048 0.4160 -0.0320 0.0206  0.0285  10 ORN G O   
652 N  N   . LEU H  1  ? 0.4158 0.4088 0.3798 -0.0120 0.0032  0.0113  1  LEU H N   
653 C  CA  . LEU H  1  ? 0.3664 0.3650 0.3422 -0.0041 0.0029  0.0163  1  LEU H CA  
654 C  C   . LEU H  1  ? 0.3495 0.3482 0.3356 -0.0015 0.0099  0.0146  1  LEU H C   
655 O  O   . LEU H  1  ? 0.3499 0.3468 0.3395 -0.0034 0.0134  0.0120  1  LEU H O   
656 C  CB  . LEU H  1  ? 0.3628 0.3734 0.3496 -0.0011 -0.0040 0.0199  1  LEU H CB  
657 C  CG  . LEU H  1  ? 0.3920 0.4090 0.3723 -0.0012 -0.0138 0.0231  1  LEU H CG  
658 C  CD1 . LEU H  1  ? 0.4074 0.4427 0.4061 0.0021  -0.0196 0.0255  1  LEU H CD1 
659 C  CD2 . LEU H  1  ? 0.4473 0.4541 0.4147 0.0045  -0.0141 0.0289  1  LEU H CD2 
660 N  N   . VAL H  2  ? 0.3384 0.3387 0.3277 0.0027  0.0124  0.0160  2  VAL H N   
661 C  CA  . VAL H  2  ? 0.3329 0.3383 0.3320 0.0070  0.0158  0.0164  2  VAL H CA  
662 C  C   . VAL H  2  ? 0.3452 0.3555 0.3482 0.0102  0.0138  0.0191  2  VAL H C   
663 O  O   . VAL H  2  ? 0.3109 0.3186 0.3090 0.0092  0.0134  0.0193  2  VAL H O   
664 C  CB  . VAL H  2  ? 0.3446 0.3520 0.3446 0.0078  0.0209  0.0135  2  VAL H CB  
665 C  CG1 . VAL H  2  ? 0.4134 0.4314 0.4230 0.0139  0.0211  0.0153  2  VAL H CG1 
666 C  CG2 . VAL H  2  ? 0.4287 0.4292 0.4258 0.0060  0.0258  0.0105  2  VAL H CG2 
667 C  CD1 . 4BF H  3  ? 0.3108 0.3251 0.3285 0.0205  0.0152  0.0273  3  4BF H CD1 
668 C  CE1 . 4BF H  3  ? 0.3387 0.3508 0.3587 0.0234  0.0200  0.0278  3  4BF H CE1 
669 C  CZ  . 4BF H  3  ? 0.3153 0.3297 0.3378 0.0231  0.0241  0.0272  3  4BF H CZ  
670 BR BR  . 4BF H  3  ? 0.3274 0.3363 0.3506 0.0259  0.0334  0.0265  3  4BF H BR  
671 C  CE2 . 4BF H  3  ? 0.2856 0.3030 0.3075 0.0213  0.0232  0.0273  3  4BF H CE2 
672 C  CD2 . 4BF H  3  ? 0.2678 0.2866 0.2890 0.0196  0.0189  0.0271  3  4BF H CD2 
673 C  CG  . 4BF H  3  ? 0.2651 0.2828 0.2842 0.0185  0.0151  0.0263  3  4BF H CG  
674 C  CB  . 4BF H  3  ? 0.2847 0.3017 0.3007 0.0158  0.0127  0.0249  3  4BF H CB  
675 C  CA  . 4BF H  3  ? 0.2891 0.3056 0.2999 0.0154  0.0142  0.0229  3  4BF H CA  
676 N  N   . 4BF H  3  ? 0.3010 0.3151 0.3102 0.0134  0.0141  0.0212  3  4BF H N   
677 C  C   . 4BF H  3  ? 0.2947 0.3147 0.3067 0.0186  0.0160  0.0242  3  4BF H C   
678 O  O   . 4BF H  3  ? 0.2843 0.3014 0.2981 0.0202  0.0179  0.0261  3  4BF H O   
679 N  N   . PHE H  4  ? 0.3066 0.3309 0.3154 0.0185  0.0161  0.0229  4  PHE H N   
680 C  CA  . PHE H  4  ? 0.2812 0.3099 0.2873 0.0220  0.0164  0.0251  4  PHE H CA  
681 C  C   . PHE H  4  ? 0.2913 0.3214 0.2914 0.0193  0.0173  0.0226  4  PHE H C   
682 O  O   . PHE H  4  ? 0.2745 0.3113 0.2717 0.0155  0.0160  0.0182  4  PHE H O   
683 C  CB  . PHE H  4  ? 0.2767 0.3149 0.2843 0.0256  0.0141  0.0257  4  PHE H CB  
684 C  CG  . PHE H  4  ? 0.2924 0.3351 0.2950 0.0318  0.0129  0.0304  4  PHE H CG  
685 C  CD1 . PHE H  4  ? 0.3199 0.3510 0.3191 0.0366  0.0167  0.0363  4  PHE H CD1 
686 C  CD2 . PHE H  4  ? 0.3305 0.3879 0.3292 0.0315  0.0084  0.0288  4  PHE H CD2 
687 C  CE1 . PHE H  4  ? 0.3997 0.4308 0.3893 0.0432  0.0164  0.0424  4  PHE H CE1 
688 C  CE2 . PHE H  4  ? 0.3682 0.4304 0.3583 0.0380  0.0057  0.0345  4  PHE H CE2 
689 C  CZ  . PHE H  4  ? 0.4259 0.4731 0.4101 0.0447  0.0100  0.0422  4  PHE H CZ  
690 N  N   . ALA H  5  ? 0.2763 0.2996 0.2746 0.0199  0.0210  0.0242  5  ALA H N   
691 C  CA  . ALA H  5  ? 0.2955 0.3149 0.2871 0.0167  0.0249  0.0209  5  ALA H CA  
692 C  C   . ALA H  5  ? 0.2942 0.3074 0.2847 0.0184  0.0307  0.0232  5  ALA H C   
693 O  O   . ALA H  5  ? 0.2913 0.3031 0.2903 0.0209  0.0322  0.0266  5  ALA H O   
694 C  CB  . ALA H  5  ? 0.2787 0.2912 0.2728 0.0144  0.0274  0.0181  5  ALA H CB  
695 N  N   . ORN H  6  ? 0.3984 0.3885 0.3718 0.0206  0.0555  0.0334  6  ORN H N   
696 C  CA  . ORN H  6  ? 0.3896 0.3886 0.3688 0.0220  0.0450  0.0325  6  ORN H CA  
697 C  CB  . ORN H  6  ? 0.4098 0.4136 0.3745 0.0210  0.0396  0.0300  6  ORN H CB  
698 C  CG  . ORN H  6  ? 0.4474 0.4476 0.4113 0.0165  0.0450  0.0236  6  ORN H CG  
699 C  CD  . ORN H  6  ? 0.4473 0.4491 0.4196 0.0150  0.0431  0.0197  6  ORN H CD  
700 N  NE  . ORN H  6  ? 0.3424 0.3515 0.3227 0.0160  0.0356  0.0205  6  ORN H NE  
701 C  C   . ORN H  6  ? 0.3853 0.3842 0.3672 0.0251  0.0414  0.0369  6  ORN H C   
702 O  O   . ORN H  6  ? 0.1702 0.1608 0.1429 0.0276  0.0452  0.0419  6  ORN H O   
703 N  N   . HAO H  7  ? 0.2868 0.2922 0.2795 0.0251  0.0354  0.0351  7  HAO H N   
704 N  N9  . HAO H  7  ? 0.3331 0.3362 0.3281 0.0274  0.0338  0.0378  7  HAO H N9  
705 C  C10 . HAO H  7  ? 0.3191 0.3270 0.3226 0.0261  0.0293  0.0352  7  HAO H C10 
706 O  O11 . HAO H  7  ? 0.3005 0.3143 0.3088 0.0238  0.0259  0.0315  7  HAO H O11 
707 C  CA  . HAO H  7  ? 0.3062 0.3091 0.3110 0.0278  0.0300  0.0366  7  HAO H CA  
708 C  C13 . HAO H  7  ? 0.2630 0.2687 0.2743 0.0247  0.0269  0.0328  7  HAO H C13 
709 C  C14 . HAO H  7  ? 0.3727 0.3652 0.3693 0.0330  0.0349  0.0420  7  HAO H C14 
710 C  C15 . HAO H  7  ? 0.4522 0.4259 0.4257 0.0436  0.0434  0.0545  7  HAO H C15 
711 O  O15 . HAO H  7  ? 0.3789 0.3662 0.3646 0.0361  0.0382  0.0467  7  HAO H O15 
712 C  C17 . HAO H  7  ? 0.3556 0.3400 0.3530 0.0353  0.0378  0.0428  7  HAO H C17 
713 C  C18 . HAO H  7  ? 0.3616 0.3495 0.3664 0.0309  0.0354  0.0374  7  HAO H C18 
714 C  C19 . HAO H  7  ? 0.3124 0.3115 0.3233 0.0254  0.0293  0.0327  7  HAO H C19 
715 N  N20 . HAO H  7  ? 0.3265 0.3275 0.3400 0.0210  0.0266  0.0281  7  HAO H N20 
716 C  C21 . HAO H  7  ? 0.3240 0.3163 0.3362 0.0185  0.0306  0.0257  7  HAO H C21 
717 O  O22 . HAO H  7  ? 0.3781 0.3578 0.3874 0.0199  0.0379  0.0272  7  HAO H O22 
718 C  C   . HAO H  7  ? 0.3406 0.3351 0.3515 0.0130  0.0273  0.0207  7  HAO H C   
719 O  O   . HAO H  7  ? 0.3006 0.3048 0.3121 0.0134  0.0211  0.0208  7  HAO H O   
720 N  N   . LEU H  8  ? 0.3882 0.3731 0.3951 0.0086  0.0318  0.0169  8  LEU H N   
721 C  CA  . LEU H  8  ? 0.3887 0.3722 0.3895 0.0026  0.0302  0.0118  8  LEU H CA  
722 C  C   . LEU H  8  ? 0.3991 0.3785 0.3957 -0.0079 0.0299  0.0068  8  LEU H C   
723 O  O   . LEU H  8  ? 0.4038 0.3736 0.4007 -0.0113 0.0367  0.0048  8  LEU H O   
724 C  CB  . LEU H  8  ? 0.3832 0.3585 0.3814 0.0065  0.0382  0.0102  8  LEU H CB  
725 C  CG  . LEU H  8  ? 0.4587 0.4258 0.4468 -0.0013 0.0414  0.0035  8  LEU H CG  
726 C  CD1 . LEU H  8  ? 0.4269 0.4022 0.4108 -0.0034 0.0353  0.0032  8  LEU H CD1 
727 C  CD2 . LEU H  8  ? 0.4940 0.4498 0.4822 0.0036  0.0536  0.0015  8  LEU H CD2 
728 N  N   . LYS H  9  ? 0.3744 0.3613 0.3664 -0.0135 0.0218  0.0048  9  LYS H N   
729 C  CA  . LYS H  9  ? 0.4151 0.4020 0.4007 -0.0251 0.0194  -0.0014 9  LYS H CA  
730 C  C   . LYS H  9  ? 0.4414 0.4292 0.4128 -0.0290 0.0131  -0.0030 9  LYS H C   
731 O  O   . LYS H  9  ? 0.4181 0.4162 0.3894 -0.0251 0.0039  0.0019  9  LYS H O   
732 C  CB  . LYS H  9  ? 0.4232 0.4254 0.4205 -0.0284 0.0132  -0.0010 9  LYS H CB  
733 C  CG  . LYS H  9  ? 0.5004 0.5047 0.4943 -0.0434 0.0129  -0.0098 9  LYS H CG  
734 C  CD  . LYS H  9  ? 0.5535 0.5748 0.5643 -0.0477 0.0100  -0.0109 9  LYS H CD  
735 C  CE  . LYS H  9  ? 0.5950 0.6115 0.6038 -0.0645 0.0169  -0.0218 9  LYS H CE  
736 N  NZ  . LYS H  9  ? 0.6325 0.6454 0.6239 -0.0756 0.0138  -0.0296 9  LYS H NZ  
737 N  N   . ORN H  10 ? 0.4027 0.3669 0.3134 -0.0295 0.0087  0.0022  10 ORN H N   
738 C  CA  . ORN H  10 ? 0.4599 0.4355 0.3930 -0.0255 0.0074  0.0029  10 ORN H CA  
739 C  CB  . ORN H  10 ? 0.4736 0.4424 0.4148 -0.0260 0.0192  -0.0026 10 ORN H CB  
740 C  CG  . ORN H  10 ? 0.5246 0.4848 0.4566 -0.0362 0.0233  -0.0106 10 ORN H CG  
741 C  CD  . ORN H  10 ? 0.5362 0.5071 0.4752 -0.0413 0.0159  -0.0117 10 ORN H CD  
742 N  NE  . ORN H  10 ? 0.4727 0.4464 0.4308 -0.0349 0.0203  -0.0090 10 ORN H NE  
743 C  C   . ORN H  10 ? 0.4234 0.4061 0.3698 -0.0159 0.0052  0.0097  10 ORN H C   
744 O  O   . ORN H  10 ? 0.4341 0.4112 0.3733 -0.0132 0.0067  0.0126  10 ORN H O   
747 C  C1  . GOL K  .  ? 0.9260 0.5873 0.5862 -0.2430 0.1597  -0.0109 11 GOL B C1  
748 O  O1  . GOL K  .  ? 0.9265 0.6264 0.7094 -0.2449 0.1619  -0.0078 11 GOL B O1  
749 C  C2  . GOL K  .  ? 0.8060 0.4777 0.4800 -0.1173 0.1481  -0.0165 11 GOL B C2  
750 O  O2  . GOL K  .  ? 0.8108 0.3497 0.4525 -0.0252 0.1916  0.0383  11 GOL B O2  
751 C  C3  . GOL K  .  ? 0.8503 0.4969 0.4672 -0.1984 0.1270  -0.0200 11 GOL B C3  
752 O  O3  . GOL K  .  ? 0.8896 0.4181 0.4643 -0.1525 0.0610  0.0831  11 GOL B O3  
759 C  C1  . GOL M  .  ? 0.4550 0.3899 0.4415 0.0223  0.0648  0.0317  11 GOL D C1  
760 O  O1  . GOL M  .  ? 0.4667 0.3897 0.4670 0.0102  0.0395  0.0674  11 GOL D O1  
761 C  C2  . GOL M  .  ? 0.4075 0.3995 0.4266 -0.0077 0.0403  0.0000  11 GOL D C2  
762 O  O2  . GOL M  .  ? 0.3467 0.3559 0.3766 0.0029  0.0270  0.0346  11 GOL D O2  
763 C  C3  . GOL M  .  ? 0.6178 0.4825 0.5626 -0.0251 0.0777  -0.0302 11 GOL D C3  
764 O  O3  . GOL M  .  ? 0.6240 0.4712 0.6235 -0.0874 0.0379  -0.0228 11 GOL D O3  
778 O  O   . HOH U  .  ? 0.4642 0.3783 0.3800 0.0281  0.0043  -0.0010 13 HOH A O   
779 O  O   . HOH U  .  ? 0.8067 0.7875 0.7501 -0.0129 0.0343  0.0493  14 HOH A O   
780 O  O   . HOH U  .  ? 1.0770 1.0800 1.1499 0.0952  -0.0729 -0.1094 15 HOH A O   
781 O  O   . HOH U  .  ? 0.6160 0.5635 0.6866 0.0193  0.0265  -0.0695 27 HOH A O   
782 O  O   . HOH U  .  ? 0.5074 0.5732 0.4961 0.0896  0.0380  0.0135  46 HOH A O   
783 O  O   . HOH U  .  ? 0.5284 0.6296 0.5153 0.1259  0.0456  0.0004  47 HOH A O   
784 O  O   . HOH U  .  ? 0.5509 0.5248 0.6451 0.0821  -0.0945 -0.0593 48 HOH A O   
785 O  O   . HOH U  .  ? 0.7628 0.6709 0.6668 0.0215  -0.0196 -0.0067 53 HOH A O   
786 O  O   . HOH V  .  ? 0.4420 0.5526 0.4089 0.0701  0.0381  0.1040  34 HOH B O   
787 O  O   . HOH V  .  ? 0.6481 0.6168 0.6060 0.0061  -0.1109 0.0530  42 HOH B O   
788 O  O   . HOH V  .  ? 0.4127 0.4790 0.4068 0.0729  0.0074  -0.0129 43 HOH B O   
789 O  O   . HOH W  .  ? 0.5323 0.4314 0.4894 0.0068  -0.0034 0.0126  12 HOH C O   
790 O  O   . HOH W  .  ? 1.1467 1.0592 0.9952 0.0156  -0.0520 -0.0284 13 HOH C O   
791 O  O   . HOH W  .  ? 0.7989 0.6356 0.7151 -0.0192 -0.0033 0.0600  33 HOH C O   
792 O  O   . HOH W  .  ? 0.5423 0.7368 0.6187 0.0941  0.0442  0.0997  37 HOH C O   
793 O  O   . HOH W  .  ? 0.7111 0.6540 0.5604 0.1106  -0.0218 -0.0259 38 HOH C O   
794 O  O   . HOH X  .  ? 0.3403 0.3649 0.3861 0.0213  -0.0050 -0.0141 29 HOH D O   
795 O  O   . HOH X  .  ? 0.6415 0.7057 0.8025 -0.0441 0.0150  0.0258  30 HOH D O   
796 O  O   . HOH X  .  ? 0.8087 0.8277 0.7846 0.0643  0.0192  -0.0175 31 HOH D O   
797 O  O   . HOH X  .  ? 0.7498 0.6237 0.7593 0.0459  -0.0794 -0.0536 49 HOH D O   
798 O  O   . HOH Y  .  ? 0.5383 0.4708 0.4637 0.0621  -0.0269 -0.0586 16 HOH E O   
799 O  O   . HOH Y  .  ? 0.7071 0.7450 0.7563 -0.0098 -0.0027 0.0201  17 HOH E O   
800 O  O   . HOH Y  .  ? 0.7025 0.6528 0.6944 0.0098  0.0001  0.0044  18 HOH E O   
801 O  O   . HOH Y  .  ? 0.4657 0.4456 0.4871 -0.0209 0.0273  0.0346  40 HOH E O   
802 O  O   . HOH Y  .  ? 0.5143 0.5654 0.5226 -0.0221 0.0174  0.0722  45 HOH E O   
803 O  O   . HOH Z  .  ? 0.6712 0.7011 0.5772 0.0980  0.0037  0.0617  35 HOH F O   
804 O  O   . HOH Z  .  ? 0.5612 0.5950 0.5480 0.0087  -0.0044 0.0979  36 HOH F O   
805 O  O   . HOH Z  .  ? 0.4974 0.4967 0.5550 0.0041  -0.1179 0.0675  41 HOH F O   
806 O  O   . HOH Z  .  ? 0.5902 0.5956 0.5388 0.0094  0.0007  -0.0632 50 HOH F O   
807 O  O   . HOH AA .  ? 0.5681 0.5462 0.5324 0.0521  0.0466  0.0659  11 HOH G O   
808 O  O   . HOH AA .  ? 0.4270 0.3661 0.4055 0.0359  0.0433  0.0473  12 HOH G O   
809 O  O   . HOH AA .  ? 0.4716 0.3973 0.4677 0.0298  0.0442  0.0383  13 HOH G O   
810 O  O   . HOH AA .  ? 0.4373 0.3940 0.4486 0.0236  0.0242  -0.0455 24 HOH G O   
811 O  O   . HOH AA .  ? 0.4438 0.4030 0.4233 0.0234  0.0235  -0.0256 26 HOH G O   
812 O  O   . HOH AA .  ? 0.5452 0.4358 0.4835 0.0769  -0.0315 0.0321  31 HOH G O   
813 O  O   . HOH AA .  ? 0.7096 0.7206 0.6138 -0.0156 0.0286  0.0414  39 HOH G O   
814 O  O   . HOH BA .  ? 0.4750 0.3819 0.4296 0.0046  -0.0009 0.0172  13 HOH H O   
815 O  O   . HOH BA .  ? 0.5028 0.4583 0.4545 0.0113  -0.0058 -0.0049 14 HOH H O   
816 O  O   . HOH BA .  ? 0.5290 0.5060 0.4995 0.0089  -0.0116 -0.0154 15 HOH H O   
817 O  O   . HOH BA .  ? 0.6752 0.7101 0.6438 -0.0295 -0.0255 0.0065  16 HOH H O   
818 O  O   . HOH BA .  ? 0.3812 0.3798 0.3126 0.0191  0.0173  0.0528  22 HOH H O   
819 O  O   . HOH BA .  ? 0.5602 0.6613 0.6053 0.0002  0.0576  0.0865  36 HOH H O   
820 O  O   . HOH BA .  ? 0.6093 0.5210 0.4557 -0.0313 0.0367  0.0183  52 HOH H O   
# 
loop_
_pdbx_poly_seq_scheme.asym_id 
_pdbx_poly_seq_scheme.entity_id 
_pdbx_poly_seq_scheme.seq_id 
_pdbx_poly_seq_scheme.mon_id 
_pdbx_poly_seq_scheme.ndb_seq_num 
_pdbx_poly_seq_scheme.pdb_seq_num 
_pdbx_poly_seq_scheme.auth_seq_num 
_pdbx_poly_seq_scheme.pdb_mon_id 
_pdbx_poly_seq_scheme.auth_mon_id 
_pdbx_poly_seq_scheme.pdb_strand_id 
_pdbx_poly_seq_scheme.pdb_ins_code 
_pdbx_poly_seq_scheme.hetero 
A 1 1  LEU 1  1  1  LEU LEU A . n 
A 1 2  VAL 2  2  2  VAL VAL A . n 
A 1 3  4BF 3  3  3  4BF 4BF A . n 
A 1 4  PHE 4  4  4  PHE PHE A . n 
A 1 5  ALA 5  5  5  ALA ALA A . n 
A 1 6  ORN 6  6  6  ORN ORN A . n 
A 1 7  HAO 7  7  7  HAO HAO A . n 
A 1 8  LEU 8  8  8  LEU LEU A . n 
A 1 9  LYS 9  9  9  LYS LYS A . n 
A 1 10 ORN 10 10 10 ORN ORN A . n 
B 1 1  LEU 1  1  1  LEU LEU B . n 
B 1 2  VAL 2  2  2  VAL VAL B . n 
B 1 3  4BF 3  3  3  4BF 4BF B . n 
B 1 4  PHE 4  4  4  PHE PHE B . n 
B 1 5  ALA 5  5  5  ALA ALA B . n 
B 1 6  ORN 6  6  6  ORN ORN B . n 
B 1 7  HAO 7  7  7  HAO HAO B . n 
B 1 8  LEU 8  8  8  LEU LEU B . n 
B 1 9  LYS 9  9  9  LYS LYS B . n 
B 1 10 ORN 10 10 10 ORN ORN B . n 
C 1 1  LEU 1  1  1  LEU LEU C . n 
C 1 2  VAL 2  2  2  VAL VAL C . n 
C 1 3  4BF 3  3  3  4BF 4BF C . n 
C 1 4  PHE 4  4  4  PHE PHE C . n 
C 1 5  ALA 5  5  5  ALA ALA C . n 
C 1 6  ORN 6  6  6  ORN ORN C . n 
C 1 7  HAO 7  7  7  HAO HAO C . n 
C 1 8  LEU 8  8  8  LEU LEU C . n 
C 1 9  LYS 9  9  9  LYS LYS C . n 
C 1 10 ORN 10 10 10 ORN ORN C . n 
D 1 1  LEU 1  1  1  LEU LEU D . n 
D 1 2  VAL 2  2  2  VAL VAL D . n 
D 1 3  4BF 3  3  3  4BF 4BF D . n 
D 1 4  PHE 4  4  4  PHE PHE D . n 
D 1 5  ALA 5  5  5  ALA ALA D . n 
D 1 6  ORN 6  6  6  ORN ORN D . n 
D 1 7  HAO 7  7  7  HAO HAO D . n 
D 1 8  LEU 8  8  8  LEU LEU D . n 
D 1 9  LYS 9  9  9  LYS LYS D . n 
D 1 10 ORN 10 10 10 ORN ORN D . n 
E 1 1  LEU 1  1  1  LEU LEU E . n 
E 1 2  VAL 2  2  2  VAL VAL E . n 
E 1 3  4BF 3  3  3  4BF 4BF E . n 
E 1 4  PHE 4  4  4  PHE PHE E . n 
E 1 5  ALA 5  5  5  ALA ALA E . n 
E 1 6  ORN 6  6  6  ORN ORN E . n 
E 1 7  HAO 7  7  7  HAO HAO E . n 
E 1 8  LEU 8  8  8  LEU LEU E . n 
E 1 9  LYS 9  9  9  LYS LYS E . n 
E 1 10 ORN 10 10 10 ORN ORN E . n 
F 1 1  LEU 1  1  1  LEU LEU F . n 
F 1 2  VAL 2  2  2  VAL VAL F . n 
F 1 3  4BF 3  3  3  4BF 4BF F . n 
F 1 4  PHE 4  4  4  PHE PHE F . n 
F 1 5  ALA 5  5  5  ALA ALA F . n 
F 1 6  ORN 6  6  6  ORN ORN F . n 
F 1 7  HAO 7  7  7  HAO HAO F . n 
F 1 8  LEU 8  8  8  LEU LEU F . n 
F 1 9  LYS 9  9  9  LYS LYS F . n 
F 1 10 ORN 10 10 10 ORN ORN F . n 
G 1 1  LEU 1  1  1  LEU LEU G . n 
G 1 2  VAL 2  2  2  VAL VAL G . n 
G 1 3  4BF 3  3  3  4BF 4BF G . n 
G 1 4  PHE 4  4  4  PHE PHE G . n 
G 1 5  ALA 5  5  5  ALA ALA G . n 
G 1 6  ORN 6  6  6  ORN ORN G . n 
G 1 7  HAO 7  7  7  HAO HAO G . n 
G 1 8  LEU 8  8  8  LEU LEU G . n 
G 1 9  LYS 9  9  9  LYS LYS G . n 
G 1 10 ORN 10 10 10 ORN ORN G . n 
H 1 1  LEU 1  1  1  LEU LEU H . n 
H 1 2  VAL 2  2  2  VAL VAL H . n 
H 1 3  4BF 3  3  3  4BF 4BF H . n 
H 1 4  PHE 4  4  4  PHE PHE H . n 
H 1 5  ALA 5  5  5  ALA ALA H . n 
H 1 6  ORN 6  6  6  ORN ORN H . n 
H 1 7  HAO 7  7  7  HAO HAO H . n 
H 1 8  LEU 8  8  8  LEU LEU H . n 
H 1 9  LYS 9  9  9  LYS LYS H . n 
H 1 10 ORN 10 10 10 ORN ORN H . n 
# 
loop_
_pdbx_nonpoly_scheme.asym_id 
_pdbx_nonpoly_scheme.entity_id 
_pdbx_nonpoly_scheme.mon_id 
_pdbx_nonpoly_scheme.ndb_seq_num 
_pdbx_nonpoly_scheme.pdb_seq_num 
_pdbx_nonpoly_scheme.auth_seq_num 
_pdbx_nonpoly_scheme.pdb_mon_id 
_pdbx_nonpoly_scheme.auth_mon_id 
_pdbx_nonpoly_scheme.pdb_strand_id 
_pdbx_nonpoly_scheme.pdb_ins_code 
I  2 CL  1 11 1  CL  CL  A . 
J  2 CL  1 12 1  CL  CL  A . 
K  3 GOL 1 11 1  GOL GOL B . 
L  3 GOL 1 11 1  GOL GOL C . 
M  3 GOL 1 11 1  GOL GOL D . 
N  2 CL  1 12 1  CL  CL  D . 
O  2 CL  1 13 1  CL  CL  D . 
P  2 CL  1 11 1  CL  CL  E . 
Q  2 CL  1 12 1  CL  CL  E . 
R  4 IPA 1 13 1  IPA IPA E . 
S  4 IPA 1 11 1  IPA IPA H . 
T  2 CL  1 12 1  CL  CL  H . 
U  5 HOH 1 13 13 HOH HOH A . 
U  5 HOH 2 14 2  HOH HOH A . 
U  5 HOH 3 15 6  HOH HOH A . 
U  5 HOH 4 27 27 HOH HOH A . 
U  5 HOH 5 46 46 HOH HOH A . 
U  5 HOH 6 47 47 HOH HOH A . 
U  5 HOH 7 48 48 HOH HOH A . 
U  5 HOH 8 53 53 HOH HOH A . 
V  5 HOH 1 34 34 HOH HOH B . 
V  5 HOH 2 42 42 HOH HOH B . 
V  5 HOH 3 43 43 HOH HOH B . 
W  5 HOH 1 12 1  HOH HOH C . 
W  5 HOH 2 13 5  HOH HOH C . 
W  5 HOH 3 33 33 HOH HOH C . 
W  5 HOH 4 37 37 HOH HOH C . 
W  5 HOH 5 38 38 HOH HOH C . 
X  5 HOH 1 29 29 HOH HOH D . 
X  5 HOH 2 30 30 HOH HOH D . 
X  5 HOH 3 31 1  HOH HOH D . 
X  5 HOH 4 49 49 HOH HOH D . 
Y  5 HOH 1 16 16 HOH HOH E . 
Y  5 HOH 2 17 7  HOH HOH E . 
Y  5 HOH 3 18 1  HOH HOH E . 
Y  5 HOH 4 40 40 HOH HOH E . 
Y  5 HOH 5 45 45 HOH HOH E . 
Z  5 HOH 1 35 35 HOH HOH F . 
Z  5 HOH 2 36 8  HOH HOH F . 
Z  5 HOH 3 41 41 HOH HOH F . 
Z  5 HOH 4 50 50 HOH HOH F . 
AA 5 HOH 1 11 8  HOH HOH G . 
AA 5 HOH 2 12 9  HOH HOH G . 
AA 5 HOH 3 13 10 HOH HOH G . 
AA 5 HOH 4 24 24 HOH HOH G . 
AA 5 HOH 5 26 26 HOH HOH G . 
AA 5 HOH 6 31 31 HOH HOH G . 
AA 5 HOH 7 39 39 HOH HOH G . 
BA 5 HOH 1 13 2  HOH HOH H . 
BA 5 HOH 2 14 4  HOH HOH H . 
BA 5 HOH 3 15 5  HOH HOH H . 
BA 5 HOH 4 16 2  HOH HOH H . 
BA 5 HOH 5 22 22 HOH HOH H . 
BA 5 HOH 6 36 36 HOH HOH H . 
BA 5 HOH 7 52 52 HOH HOH H . 
# 
loop_
_pdbx_struct_mod_residue.id 
_pdbx_struct_mod_residue.label_asym_id 
_pdbx_struct_mod_residue.label_comp_id 
_pdbx_struct_mod_residue.label_seq_id 
_pdbx_struct_mod_residue.auth_asym_id 
_pdbx_struct_mod_residue.auth_comp_id 
_pdbx_struct_mod_residue.auth_seq_id 
_pdbx_struct_mod_residue.PDB_ins_code 
_pdbx_struct_mod_residue.parent_comp_id 
_pdbx_struct_mod_residue.details 
1  A 4BF 3  A 4BF 3  ? TYR 4-BROMO-L-PHENYLALANINE 
2  A ORN 6  A ORN 6  ? ALA L-ORNITHINE             
3  A ORN 10 A ORN 10 ? ALA L-ORNITHINE             
4  B 4BF 3  B 4BF 3  ? TYR 4-BROMO-L-PHENYLALANINE 
5  B ORN 6  B ORN 6  ? ALA L-ORNITHINE             
6  B ORN 10 B ORN 10 ? ALA L-ORNITHINE             
7  C 4BF 3  C 4BF 3  ? TYR 4-BROMO-L-PHENYLALANINE 
8  C ORN 6  C ORN 6  ? ALA L-ORNITHINE             
9  C ORN 10 C ORN 10 ? ALA L-ORNITHINE             
10 D 4BF 3  D 4BF 3  ? TYR 4-BROMO-L-PHENYLALANINE 
11 D ORN 6  D ORN 6  ? ALA L-ORNITHINE             
12 D ORN 10 D ORN 10 ? ALA L-ORNITHINE             
13 E 4BF 3  E 4BF 3  ? TYR 4-BROMO-L-PHENYLALANINE 
14 E ORN 6  E ORN 6  ? ALA L-ORNITHINE             
15 E ORN 10 E ORN 10 ? ALA L-ORNITHINE             
16 F 4BF 3  F 4BF 3  ? TYR 4-BROMO-L-PHENYLALANINE 
17 F ORN 6  F ORN 6  ? ALA L-ORNITHINE             
18 F ORN 10 F ORN 10 ? ALA L-ORNITHINE             
19 G 4BF 3  G 4BF 3  ? TYR 4-BROMO-L-PHENYLALANINE 
20 G ORN 6  G ORN 6  ? ALA L-ORNITHINE             
21 G ORN 10 G ORN 10 ? ALA L-ORNITHINE             
22 H 4BF 3  H 4BF 3  ? TYR 4-BROMO-L-PHENYLALANINE 
23 H ORN 6  H ORN 6  ? ALA L-ORNITHINE             
24 H ORN 10 H ORN 10 ? ALA L-ORNITHINE             
# 
loop_
_pdbx_struct_assembly.id 
_pdbx_struct_assembly.details 
_pdbx_struct_assembly.method_details 
_pdbx_struct_assembly.oligomeric_details 
_pdbx_struct_assembly.oligomeric_count 
1 author_defined_assembly ? tetrameric 4 
2 author_defined_assembly ? tetrameric 4 
3 author_defined_assembly ? tetrameric 4 
# 
loop_
_pdbx_struct_assembly_gen.assembly_id 
_pdbx_struct_assembly_gen.oper_expression 
_pdbx_struct_assembly_gen.asym_id_list 
1 1 A,B,C,D,I,J,K,L,M,N,O,U,V,W,X 
2 1 A,B,E,F,I,J,K,P,Q,R,U,V,Y,Z   
3 1 C,D,G,H,L,M,N,O,S,T,W,X,AA,BA 
# 
_pdbx_struct_oper_list.id                   1 
_pdbx_struct_oper_list.type                 'identity operation' 
_pdbx_struct_oper_list.name                 1_555 
_pdbx_struct_oper_list.symmetry_operation   x,y,z 
_pdbx_struct_oper_list.matrix[1][1]         1.0000000000 
_pdbx_struct_oper_list.matrix[1][2]         0.0000000000 
_pdbx_struct_oper_list.matrix[1][3]         0.0000000000 
_pdbx_struct_oper_list.vector[1]            0.0000000000 
_pdbx_struct_oper_list.matrix[2][1]         0.0000000000 
_pdbx_struct_oper_list.matrix[2][2]         1.0000000000 
_pdbx_struct_oper_list.matrix[2][3]         0.0000000000 
_pdbx_struct_oper_list.vector[2]            0.0000000000 
_pdbx_struct_oper_list.matrix[3][1]         0.0000000000 
_pdbx_struct_oper_list.matrix[3][2]         0.0000000000 
_pdbx_struct_oper_list.matrix[3][3]         1.0000000000 
_pdbx_struct_oper_list.vector[3]            0.0000000000 
# 
loop_
_pdbx_audit_revision_history.ordinal 
_pdbx_audit_revision_history.data_content_type 
_pdbx_audit_revision_history.major_revision 
_pdbx_audit_revision_history.minor_revision 
_pdbx_audit_revision_history.revision_date 
1 'Structure model' 1 0 2011-06-08 
2 'Structure model' 1 1 2011-07-13 
3 'Structure model' 2 0 2023-11-15 
# 
_pdbx_audit_revision_details.ordinal             1 
_pdbx_audit_revision_details.revision_ordinal    1 
_pdbx_audit_revision_details.data_content_type   'Structure model' 
_pdbx_audit_revision_details.provider            repository 
_pdbx_audit_revision_details.type                'Initial release' 
_pdbx_audit_revision_details.description         ? 
_pdbx_audit_revision_details.details             ? 
# 
loop_
_pdbx_audit_revision_group.ordinal 
_pdbx_audit_revision_group.revision_ordinal 
_pdbx_audit_revision_group.data_content_type 
_pdbx_audit_revision_group.group 
1 2 'Structure model' 'Version format compliance' 
2 3 'Structure model' Advisory                    
3 3 'Structure model' 'Atomic model'              
4 3 'Structure model' 'Data collection'           
5 3 'Structure model' 'Database references'       
6 3 'Structure model' 'Derived calculations'      
# 
loop_
_pdbx_audit_revision_category.ordinal 
_pdbx_audit_revision_category.revision_ordinal 
_pdbx_audit_revision_category.data_content_type 
_pdbx_audit_revision_category.category 
1  3 'Structure model' atom_site                      
2  3 'Structure model' atom_site_anisotrop            
3  3 'Structure model' chem_comp_atom                 
4  3 'Structure model' chem_comp_bond                 
5  3 'Structure model' database_2                     
6  3 'Structure model' pdbx_validate_main_chain_plane 
7  3 'Structure model' pdbx_validate_polymer_linkage  
8  3 'Structure model' pdbx_validate_rmsd_angle       
9  3 'Structure model' struct_conn                    
10 3 'Structure model' struct_site                    
# 
loop_
_pdbx_audit_revision_item.ordinal 
_pdbx_audit_revision_item.revision_ordinal 
_pdbx_audit_revision_item.data_content_type 
_pdbx_audit_revision_item.item 
1  3 'Structure model' '_atom_site.auth_atom_id'                 
2  3 'Structure model' '_atom_site.label_atom_id'                
3  3 'Structure model' '_atom_site_anisotrop.pdbx_auth_atom_id'  
4  3 'Structure model' '_atom_site_anisotrop.pdbx_label_atom_id' 
5  3 'Structure model' '_database_2.pdbx_DOI'                    
6  3 'Structure model' '_database_2.pdbx_database_accession'     
7  3 'Structure model' '_struct_conn.pdbx_dist_value'            
8  3 'Structure model' '_struct_conn.pdbx_leaving_atom_flag'     
9  3 'Structure model' '_struct_conn.ptnr1_auth_asym_id'         
10 3 'Structure model' '_struct_conn.ptnr1_auth_comp_id'         
11 3 'Structure model' '_struct_conn.ptnr1_auth_seq_id'          
12 3 'Structure model' '_struct_conn.ptnr1_label_asym_id'        
13 3 'Structure model' '_struct_conn.ptnr1_label_atom_id'        
14 3 'Structure model' '_struct_conn.ptnr1_label_comp_id'        
15 3 'Structure model' '_struct_conn.ptnr1_label_seq_id'         
16 3 'Structure model' '_struct_conn.ptnr2_auth_asym_id'         
17 3 'Structure model' '_struct_conn.ptnr2_auth_comp_id'         
18 3 'Structure model' '_struct_conn.ptnr2_auth_seq_id'          
19 3 'Structure model' '_struct_conn.ptnr2_label_asym_id'        
20 3 'Structure model' '_struct_conn.ptnr2_label_atom_id'        
21 3 'Structure model' '_struct_conn.ptnr2_label_comp_id'        
22 3 'Structure model' '_struct_conn.ptnr2_label_seq_id'         
23 3 'Structure model' '_struct_site.pdbx_auth_asym_id'          
24 3 'Structure model' '_struct_site.pdbx_auth_comp_id'          
25 3 'Structure model' '_struct_site.pdbx_auth_seq_id'           
# 
loop_
_pdbx_refine_tls.pdbx_refine_id 
_pdbx_refine_tls.id 
_pdbx_refine_tls.details 
_pdbx_refine_tls.method 
_pdbx_refine_tls.origin_x 
_pdbx_refine_tls.origin_y 
_pdbx_refine_tls.origin_z 
_pdbx_refine_tls.T[1][1] 
_pdbx_refine_tls.T[2][2] 
_pdbx_refine_tls.T[3][3] 
_pdbx_refine_tls.T[1][2] 
_pdbx_refine_tls.T[1][3] 
_pdbx_refine_tls.T[2][3] 
_pdbx_refine_tls.L[1][1] 
_pdbx_refine_tls.L[2][2] 
_pdbx_refine_tls.L[3][3] 
_pdbx_refine_tls.L[1][2] 
_pdbx_refine_tls.L[1][3] 
_pdbx_refine_tls.L[2][3] 
_pdbx_refine_tls.S[1][1] 
_pdbx_refine_tls.S[1][2] 
_pdbx_refine_tls.S[1][3] 
_pdbx_refine_tls.S[2][1] 
_pdbx_refine_tls.S[2][2] 
_pdbx_refine_tls.S[2][3] 
_pdbx_refine_tls.S[3][1] 
_pdbx_refine_tls.S[3][2] 
_pdbx_refine_tls.S[3][3] 
'X-RAY DIFFRACTION' 1  ? refined 5.0458   3.5111  0.8316  0.0172 0.0562 0.0663 0.0280  -0.0047 0.0056 2.5364  4.8132   4.0556   0.5895  1.9721   1.3101   -0.1112 -0.0810 0.2158  0.0574  -0.0470 -0.1415 -0.0468 0.0105  0.1582  
'X-RAY DIFFRACTION' 2  ? refined 6.0091   -2.7443 7.7690  0.0868 0.1385 0.0153 0.1042  0.0207  0.0286 0.9328  4.2230   2.6634   0.7558  1.5658   0.9670   -0.1314 -0.1408 -0.1075 0.3361  0.3015  -0.0620 -0.2038 -0.1888 -0.1702 
'X-RAY DIFFRACTION' 3  ? refined -4.4581  0.3870  4.0405  0.0319 0.0628 0.0278 0.0401  0.0201  0.0243 1.4382  4.2498   5.3241   0.1580  1.2441   0.5362   -0.1969 -0.2421 -0.0728 -0.0275 0.2000  0.0592  -0.0672 0.0008  -0.0032 
'X-RAY DIFFRACTION' 4  ? refined -2.7297  7.0320  -2.5604 0.0156 0.0220 0.0614 0.0079  0.0002  0.0229 2.4214  4.2415   5.2691   -1.5973 -0.1966  2.7415   -0.0268 0.0756  0.2141  -0.0022 -0.1279 -0.1574 -0.1148 0.0628  0.1547  
'X-RAY DIFFRACTION' 5  ? refined 9.6292   -5.9260 -4.6104 0.0200 0.0492 0.0491 0.0214  0.0211  0.0282 1.4811  1.9169   2.1505   0.2518  0.4222   -0.1307  -0.0012 0.1289  0.0331  0.0255  0.0258  0.1128  0.0095  -0.0145 -0.0245 
'X-RAY DIFFRACTION' 6  ? refined 10.2207  -9.3631 4.6438  0.0366 0.0597 0.0423 0.0364  0.0181  0.0317 2.1959  5.6201   2.4404   1.6035  0.6498   -1.5766  -0.1046 -0.1845 -0.1014 -0.0546 0.1086  -0.1797 0.0724  -0.1054 -0.0040 
'X-RAY DIFFRACTION' 7  ? refined -9.6095  7.5690  -7.1038 0.0341 0.0422 0.0396 0.0174  0.0074  0.0285 0.9803  0.9184   5.8604   -0.3306 -1.0912  -0.7753  -0.0529 0.0886  0.1501  -0.0015 0.0494  -0.0943 0.0049  -0.1217 0.0035  
'X-RAY DIFFRACTION' 8  ? refined -14.2096 0.1013  -2.5217 0.0169 0.0286 0.0320 0.0139  0.0168  0.0230 1.7148  2.3866   2.9219   0.3868  -1.4771  0.3466   -0.1121 0.0121  -0.1155 -0.0512 0.0653  0.0864  0.1059  -0.0215 0.0468  
'X-RAY DIFFRACTION' 9  ? refined -6.2388  -1.6033 -7.9625 0.1713 0.1467 0.1868 0.0033  0.0442  0.0160 20.5759 111.5659 61.3949  -2.3528 -12.4486 -76.8322 -0.7109 0.2749  -1.1834 0.7615  -0.0221 0.0509  -0.1061 -0.1626 0.7330  
'X-RAY DIFFRACTION' 10 ? refined -7.3251  1.8499  -4.9023 0.0951 0.0074 0.0203 0.0163  0.0137  0.0107 1.6651  0.1301   0.2328   -0.4861 -0.0834  0.0124   0.0569  0.0175  0.0303  -0.0080 0.0010  -0.0048 0.0314  -0.0262 -0.0579 
'X-RAY DIFFRACTION' 11 ? refined 1.3526   -8.8821 -0.1463 0.6008 0.2471 0.2838 -0.1204 0.1422  0.0192 23.4306 108.0429 105.8236 -2.7747 -32.6221 76.9156  -2.6788 0.9903  -0.4819 0.0020  2.8122  0.9481  0.5130  1.0319  -0.1334  
# 
loop_
_pdbx_refine_tls_group.pdbx_refine_id 
_pdbx_refine_tls_group.id 
_pdbx_refine_tls_group.refine_tls_id 
_pdbx_refine_tls_group.beg_auth_asym_id 
_pdbx_refine_tls_group.beg_auth_seq_id 
_pdbx_refine_tls_group.end_auth_asym_id 
_pdbx_refine_tls_group.end_auth_seq_id 
_pdbx_refine_tls_group.selection_details 
_pdbx_refine_tls_group.beg_label_asym_id 
_pdbx_refine_tls_group.beg_label_seq_id 
_pdbx_refine_tls_group.end_label_asym_id 
_pdbx_refine_tls_group.end_label_seq_id 
_pdbx_refine_tls_group.selection 
'X-RAY DIFFRACTION' 1  1  A 1  A 9  ? . . . . ? 
'X-RAY DIFFRACTION' 2  2  B 1  B 9  ? . . . . ? 
'X-RAY DIFFRACTION' 3  3  C 1  C 9  ? . . . . ? 
'X-RAY DIFFRACTION' 4  4  D 1  D 9  ? . . . . ? 
'X-RAY DIFFRACTION' 5  5  E 1  E 9  ? . . . . ? 
'X-RAY DIFFRACTION' 6  6  F 1  F 9  ? . . . . ? 
'X-RAY DIFFRACTION' 7  7  G 1  G 9  ? . . . . ? 
'X-RAY DIFFRACTION' 8  8  H 1  H 9  ? . . . . ? 
'X-RAY DIFFRACTION' 9  9  D 11 D 11 ? . . . . ? 
'X-RAY DIFFRACTION' 10 10 G 11 G 26 ? . . . . ? 
'X-RAY DIFFRACTION' 11 11 B 11 B 11 ? . . . . ? 
# 
loop_
_software.pdbx_ordinal 
_software.name 
_software.version 
_software.date 
_software.type 
_software.contact_author 
_software.contact_author_email 
_software.classification 
_software.location 
_software.language 
_software.citation_id 
1 SCALEPACK   .        ?               program 'Zbyszek Otwinowski' hkl@hkl-xray.com         'data scaling'    
http://www.hkl-xray.com/                     ?          ? 
2 REFMAC      5.5.0109 ?               program 'Garib N. Murshudov' garib@ysbl.york.ac.uk    refinement        
http://www.ccp4.ac.uk/dist/html/refmac5.html Fortran_77 ? 
3 PDB_EXTRACT 3.10     'June 10, 2010' package PDB                  deposit@deposit.rcsb.org 'data extraction' 
http://sw-tools.pdb.org/apps/PDB_EXTRACT/    C++        ? 
4 DENZO       .        ?               ?       ?                    ?                        'data reduction'  ? ?          ? 
# 
loop_
_pdbx_validate_rmsd_angle.id 
_pdbx_validate_rmsd_angle.PDB_model_num 
_pdbx_validate_rmsd_angle.auth_atom_id_1 
_pdbx_validate_rmsd_angle.auth_asym_id_1 
_pdbx_validate_rmsd_angle.auth_comp_id_1 
_pdbx_validate_rmsd_angle.auth_seq_id_1 
_pdbx_validate_rmsd_angle.PDB_ins_code_1 
_pdbx_validate_rmsd_angle.label_alt_id_1 
_pdbx_validate_rmsd_angle.auth_atom_id_2 
_pdbx_validate_rmsd_angle.auth_asym_id_2 
_pdbx_validate_rmsd_angle.auth_comp_id_2 
_pdbx_validate_rmsd_angle.auth_seq_id_2 
_pdbx_validate_rmsd_angle.PDB_ins_code_2 
_pdbx_validate_rmsd_angle.label_alt_id_2 
_pdbx_validate_rmsd_angle.auth_atom_id_3 
_pdbx_validate_rmsd_angle.auth_asym_id_3 
_pdbx_validate_rmsd_angle.auth_comp_id_3 
_pdbx_validate_rmsd_angle.auth_seq_id_3 
_pdbx_validate_rmsd_angle.PDB_ins_code_3 
_pdbx_validate_rmsd_angle.label_alt_id_3 
_pdbx_validate_rmsd_angle.angle_value 
_pdbx_validate_rmsd_angle.angle_target_value 
_pdbx_validate_rmsd_angle.angle_deviation 
_pdbx_validate_rmsd_angle.angle_standard_deviation 
_pdbx_validate_rmsd_angle.linker_flag 
1  1 O  A VAL 2 ? ? C A VAL 2 ? ? N  A 4BF 3 ? ? 112.52 122.70 -10.18 1.60 Y 
2  1 CA A HAO 7 ? ? C A HAO 7 ? ? N  A LEU 8 ? ? 149.42 117.20 32.22  2.20 Y 
3  1 CA B HAO 7 ? ? C B HAO 7 ? ? N  B LEU 8 ? ? 140.03 117.20 22.83  2.20 Y 
4  1 CA C HAO 7 ? ? C C HAO 7 ? ? N  C LEU 8 ? ? 151.44 117.20 34.24  2.20 Y 
5  1 C  D ORN 6 ? ? N D HAO 7 ? ? CA D HAO 7 ? ? 136.91 121.70 15.21  2.50 Y 
6  1 CA D HAO 7 ? ? C D HAO 7 ? ? N  D LEU 8 ? ? 138.70 117.20 21.50  2.20 Y 
7  1 C  E ORN 6 ? ? N E HAO 7 ? ? CA E HAO 7 ? ? 138.28 121.70 16.58  2.50 Y 
8  1 CA E HAO 7 ? ? C E HAO 7 ? ? N  E LEU 8 ? ? 140.51 117.20 23.31  2.20 Y 
9  1 O  E HAO 7 ? ? C E HAO 7 ? ? N  E LEU 8 ? ? 136.32 122.70 13.62  1.60 Y 
10 1 C  F ORN 6 ? ? N F HAO 7 ? ? CA F HAO 7 ? ? 137.00 121.70 15.30  2.50 Y 
11 1 CA F HAO 7 ? ? C F HAO 7 ? ? N  F LEU 8 ? ? 143.01 117.20 25.81  2.20 Y 
12 1 CA G HAO 7 ? ? C G HAO 7 ? ? N  G LEU 8 ? ? 142.83 117.20 25.63  2.20 Y 
13 1 C  H ORN 6 ? ? N H HAO 7 ? ? CA H HAO 7 ? ? 138.52 121.70 16.82  2.50 Y 
14 1 CA H HAO 7 ? ? C H HAO 7 ? ? N  H LEU 8 ? ? 146.79 117.20 29.59  2.20 Y 
# 
loop_
_pdbx_validate_main_chain_plane.id 
_pdbx_validate_main_chain_plane.PDB_model_num 
_pdbx_validate_main_chain_plane.auth_comp_id 
_pdbx_validate_main_chain_plane.auth_asym_id 
_pdbx_validate_main_chain_plane.auth_seq_id 
_pdbx_validate_main_chain_plane.PDB_ins_code 
_pdbx_validate_main_chain_plane.label_alt_id 
_pdbx_validate_main_chain_plane.improper_torsion_angle 
1 1 4BF A 3 ? ? 19.94  
2 1 4BF B 3 ? ? 12.60  
3 1 4BF C 3 ? ? 13.61  
4 1 HAO C 7 ? ? -12.91 
5 1 4BF E 3 ? ? 14.36  
6 1 4BF F 3 ? ? 17.32  
7 1 HAO F 7 ? ? 14.48  
# 
loop_
_chem_comp_atom.comp_id 
_chem_comp_atom.atom_id 
_chem_comp_atom.type_symbol 
_chem_comp_atom.pdbx_aromatic_flag 
_chem_comp_atom.pdbx_stereo_config 
_chem_comp_atom.pdbx_ordinal 
4BF CD1  C  Y N 1   
4BF CE1  C  Y N 2   
4BF CZ   C  Y N 3   
4BF BR   BR N N 4   
4BF CE2  C  Y N 5   
4BF CD2  C  Y N 6   
4BF CG   C  Y N 7   
4BF CB   C  N N 8   
4BF CA   C  N S 9   
4BF N    N  N N 10  
4BF C    C  N N 11  
4BF OXT  O  N N 12  
4BF O    O  N N 13  
4BF HD1  H  N N 14  
4BF HE1  H  N N 15  
4BF HE2  H  N N 16  
4BF HD2  H  N N 17  
4BF HB3  H  N N 18  
4BF HB2  H  N N 19  
4BF HA   H  N N 20  
4BF H    H  N N 21  
4BF H2   H  N N 22  
4BF HXT  H  N N 23  
ALA N    N  N N 24  
ALA CA   C  N S 25  
ALA C    C  N N 26  
ALA O    O  N N 27  
ALA CB   C  N N 28  
ALA OXT  O  N N 29  
ALA H    H  N N 30  
ALA H2   H  N N 31  
ALA HA   H  N N 32  
ALA HB1  H  N N 33  
ALA HB2  H  N N 34  
ALA HB3  H  N N 35  
ALA HXT  H  N N 36  
CL  CL   CL N N 37  
GOL C1   C  N N 38  
GOL O1   O  N N 39  
GOL C2   C  N N 40  
GOL O2   O  N N 41  
GOL C3   C  N N 42  
GOL O3   O  N N 43  
GOL H11  H  N N 44  
GOL H12  H  N N 45  
GOL HO1  H  N N 46  
GOL H2   H  N N 47  
GOL HO2  H  N N 48  
GOL H31  H  N N 49  
GOL H32  H  N N 50  
GOL HO3  H  N N 51  
HAO N    N  N N 52  
HAO N9   N  N N 53  
HAO C10  C  N N 54  
HAO O11  O  N N 55  
HAO CA   C  Y N 56  
HAO C13  C  Y N 57  
HAO C14  C  Y N 58  
HAO C15  C  N N 59  
HAO O15  O  N N 60  
HAO C17  C  Y N 61  
HAO C18  C  Y N 62  
HAO C19  C  Y N 63  
HAO N20  N  N N 64  
HAO C21  C  N N 65  
HAO O22  O  N N 66  
HAO C    C  N N 67  
HAO O    O  N N 68  
HAO H    H  N N 69  
HAO H13  H  N N 70  
HAO H15  H  N N 71  
HAO H15A H  N N 72  
HAO H15B H  N N 73  
HAO H17  H  N N 74  
HAO H18  H  N N 75  
HAO HN20 H  N N 76  
HAO OXT  O  N N 77  
HAO H2   H  N N 78  
HAO H10  H  N N 79  
HAO HXT  H  N N 80  
HOH O    O  N N 81  
HOH H1   H  N N 82  
HOH H2   H  N N 83  
IPA C1   C  N N 84  
IPA C2   C  N N 85  
IPA C3   C  N N 86  
IPA O2   O  N N 87  
IPA H11  H  N N 88  
IPA H12  H  N N 89  
IPA H13  H  N N 90  
IPA H2   H  N N 91  
IPA H31  H  N N 92  
IPA H32  H  N N 93  
IPA H33  H  N N 94  
IPA HO2  H  N N 95  
LEU N    N  N N 96  
LEU CA   C  N S 97  
LEU C    C  N N 98  
LEU O    O  N N 99  
LEU CB   C  N N 100 
LEU CG   C  N N 101 
LEU CD1  C  N N 102 
LEU CD2  C  N N 103 
LEU OXT  O  N N 104 
LEU H    H  N N 105 
LEU H2   H  N N 106 
LEU HA   H  N N 107 
LEU HB2  H  N N 108 
LEU HB3  H  N N 109 
LEU HG   H  N N 110 
LEU HD11 H  N N 111 
LEU HD12 H  N N 112 
LEU HD13 H  N N 113 
LEU HD21 H  N N 114 
LEU HD22 H  N N 115 
LEU HD23 H  N N 116 
LEU HXT  H  N N 117 
LYS N    N  N N 118 
LYS CA   C  N S 119 
LYS C    C  N N 120 
LYS O    O  N N 121 
LYS CB   C  N N 122 
LYS CG   C  N N 123 
LYS CD   C  N N 124 
LYS CE   C  N N 125 
LYS NZ   N  N N 126 
LYS OXT  O  N N 127 
LYS H    H  N N 128 
LYS H2   H  N N 129 
LYS HA   H  N N 130 
LYS HB2  H  N N 131 
LYS HB3  H  N N 132 
LYS HG2  H  N N 133 
LYS HG3  H  N N 134 
LYS HD2  H  N N 135 
LYS HD3  H  N N 136 
LYS HE2  H  N N 137 
LYS HE3  H  N N 138 
LYS HZ1  H  N N 139 
LYS HZ2  H  N N 140 
LYS HZ3  H  N N 141 
LYS HXT  H  N N 142 
ORN N    N  N N 143 
ORN CA   C  N S 144 
ORN CB   C  N N 145 
ORN CG   C  N N 146 
ORN CD   C  N N 147 
ORN NE   N  N N 148 
ORN C    C  N N 149 
ORN O    O  N N 150 
ORN OXT  O  N N 151 
ORN H    H  N N 152 
ORN H2   H  N N 153 
ORN HA   H  N N 154 
ORN HB2  H  N N 155 
ORN HB3  H  N N 156 
ORN HG2  H  N N 157 
ORN HG3  H  N N 158 
ORN HD2  H  N N 159 
ORN HD3  H  N N 160 
ORN HE1  H  N N 161 
ORN HE2  H  N N 162 
ORN HXT  H  N N 163 
PHE N    N  N N 164 
PHE CA   C  N S 165 
PHE C    C  N N 166 
PHE O    O  N N 167 
PHE CB   C  N N 168 
PHE CG   C  Y N 169 
PHE CD1  C  Y N 170 
PHE CD2  C  Y N 171 
PHE CE1  C  Y N 172 
PHE CE2  C  Y N 173 
PHE CZ   C  Y N 174 
PHE OXT  O  N N 175 
PHE H    H  N N 176 
PHE H2   H  N N 177 
PHE HA   H  N N 178 
PHE HB2  H  N N 179 
PHE HB3  H  N N 180 
PHE HD1  H  N N 181 
PHE HD2  H  N N 182 
PHE HE1  H  N N 183 
PHE HE2  H  N N 184 
PHE HZ   H  N N 185 
PHE HXT  H  N N 186 
VAL N    N  N N 187 
VAL CA   C  N S 188 
VAL C    C  N N 189 
VAL O    O  N N 190 
VAL CB   C  N N 191 
VAL CG1  C  N N 192 
VAL CG2  C  N N 193 
VAL OXT  O  N N 194 
VAL H    H  N N 195 
VAL H2   H  N N 196 
VAL HA   H  N N 197 
VAL HB   H  N N 198 
VAL HG11 H  N N 199 
VAL HG12 H  N N 200 
VAL HG13 H  N N 201 
VAL HG21 H  N N 202 
VAL HG22 H  N N 203 
VAL HG23 H  N N 204 
VAL HXT  H  N N 205 
# 
loop_
_chem_comp_bond.comp_id 
_chem_comp_bond.atom_id_1 
_chem_comp_bond.atom_id_2 
_chem_comp_bond.value_order 
_chem_comp_bond.pdbx_aromatic_flag 
_chem_comp_bond.pdbx_stereo_config 
_chem_comp_bond.pdbx_ordinal 
4BF CD1 CE1  doub Y N 1   
4BF CD1 CG   sing Y N 2   
4BF CD1 HD1  sing N N 3   
4BF CE1 CZ   sing Y N 4   
4BF CE1 HE1  sing N N 5   
4BF CZ  BR   sing N N 6   
4BF CZ  CE2  doub Y N 7   
4BF CE2 CD2  sing Y N 8   
4BF CE2 HE2  sing N N 9   
4BF CD2 CG   doub Y N 10  
4BF CD2 HD2  sing N N 11  
4BF CG  CB   sing N N 12  
4BF CB  CA   sing N N 13  
4BF CB  HB3  sing N N 14  
4BF CB  HB2  sing N N 15  
4BF CA  N    sing N N 16  
4BF CA  C    sing N N 17  
4BF CA  HA   sing N N 18  
4BF N   H    sing N N 19  
4BF N   H2   sing N N 20  
4BF C   OXT  sing N N 21  
4BF C   O    doub N N 22  
4BF OXT HXT  sing N N 23  
ALA N   CA   sing N N 24  
ALA N   H    sing N N 25  
ALA N   H2   sing N N 26  
ALA CA  C    sing N N 27  
ALA CA  CB   sing N N 28  
ALA CA  HA   sing N N 29  
ALA C   O    doub N N 30  
ALA C   OXT  sing N N 31  
ALA CB  HB1  sing N N 32  
ALA CB  HB2  sing N N 33  
ALA CB  HB3  sing N N 34  
ALA OXT HXT  sing N N 35  
GOL C1  O1   sing N N 36  
GOL C1  C2   sing N N 37  
GOL C1  H11  sing N N 38  
GOL C1  H12  sing N N 39  
GOL O1  HO1  sing N N 40  
GOL C2  O2   sing N N 41  
GOL C2  C3   sing N N 42  
GOL C2  H2   sing N N 43  
GOL O2  HO2  sing N N 44  
GOL C3  O3   sing N N 45  
GOL C3  H31  sing N N 46  
GOL C3  H32  sing N N 47  
GOL O3  HO3  sing N N 48  
HAO N   N9   sing N N 49  
HAO N   H    sing N N 50  
HAO C10 N9   sing N N 51  
HAO C10 CA   sing N N 52  
HAO O11 C10  doub N N 53  
HAO CA  C14  sing Y N 54  
HAO C13 CA   doub Y N 55  
HAO C13 C19  sing Y N 56  
HAO C13 H13  sing N N 57  
HAO C14 C17  doub Y N 58  
HAO C14 O15  sing N N 59  
HAO C15 H15  sing N N 60  
HAO C15 H15A sing N N 61  
HAO C15 H15B sing N N 62  
HAO O15 C15  sing N N 63  
HAO C17 H17  sing N N 64  
HAO C18 C17  sing Y N 65  
HAO C18 H18  sing N N 66  
HAO C19 C18  doub Y N 67  
HAO N20 C19  sing N N 68  
HAO N20 HN20 sing N N 69  
HAO C21 N20  sing N N 70  
HAO C21 O22  doub N N 71  
HAO C   C21  sing N N 72  
HAO C   OXT  sing N N 73  
HAO O   C    doub N N 74  
HAO N   H2   sing N N 75  
HAO N9  H10  sing N N 76  
HAO OXT HXT  sing N N 77  
HOH O   H1   sing N N 78  
HOH O   H2   sing N N 79  
IPA C1  C2   sing N N 80  
IPA C1  H11  sing N N 81  
IPA C1  H12  sing N N 82  
IPA C1  H13  sing N N 83  
IPA C2  C3   sing N N 84  
IPA C2  O2   sing N N 85  
IPA C2  H2   sing N N 86  
IPA C3  H31  sing N N 87  
IPA C3  H32  sing N N 88  
IPA C3  H33  sing N N 89  
IPA O2  HO2  sing N N 90  
LEU N   CA   sing N N 91  
LEU N   H    sing N N 92  
LEU N   H2   sing N N 93  
LEU CA  C    sing N N 94  
LEU CA  CB   sing N N 95  
LEU CA  HA   sing N N 96  
LEU C   O    doub N N 97  
LEU C   OXT  sing N N 98  
LEU CB  CG   sing N N 99  
LEU CB  HB2  sing N N 100 
LEU CB  HB3  sing N N 101 
LEU CG  CD1  sing N N 102 
LEU CG  CD2  sing N N 103 
LEU CG  HG   sing N N 104 
LEU CD1 HD11 sing N N 105 
LEU CD1 HD12 sing N N 106 
LEU CD1 HD13 sing N N 107 
LEU CD2 HD21 sing N N 108 
LEU CD2 HD22 sing N N 109 
LEU CD2 HD23 sing N N 110 
LEU OXT HXT  sing N N 111 
LYS N   CA   sing N N 112 
LYS N   H    sing N N 113 
LYS N   H2   sing N N 114 
LYS CA  C    sing N N 115 
LYS CA  CB   sing N N 116 
LYS CA  HA   sing N N 117 
LYS C   O    doub N N 118 
LYS C   OXT  sing N N 119 
LYS CB  CG   sing N N 120 
LYS CB  HB2  sing N N 121 
LYS CB  HB3  sing N N 122 
LYS CG  CD   sing N N 123 
LYS CG  HG2  sing N N 124 
LYS CG  HG3  sing N N 125 
LYS CD  CE   sing N N 126 
LYS CD  HD2  sing N N 127 
LYS CD  HD3  sing N N 128 
LYS CE  NZ   sing N N 129 
LYS CE  HE2  sing N N 130 
LYS CE  HE3  sing N N 131 
LYS NZ  HZ1  sing N N 132 
LYS NZ  HZ2  sing N N 133 
LYS NZ  HZ3  sing N N 134 
LYS OXT HXT  sing N N 135 
ORN N   CA   sing N N 136 
ORN N   H    sing N N 137 
ORN N   H2   sing N N 138 
ORN CA  CB   sing N N 139 
ORN CA  C    sing N N 140 
ORN CA  HA   sing N N 141 
ORN CB  CG   sing N N 142 
ORN CB  HB2  sing N N 143 
ORN CB  HB3  sing N N 144 
ORN CG  CD   sing N N 145 
ORN CG  HG2  sing N N 146 
ORN CG  HG3  sing N N 147 
ORN CD  NE   sing N N 148 
ORN CD  HD2  sing N N 149 
ORN CD  HD3  sing N N 150 
ORN NE  HE1  sing N N 151 
ORN NE  HE2  sing N N 152 
ORN C   O    doub N N 153 
ORN C   OXT  sing N N 154 
ORN OXT HXT  sing N N 155 
PHE N   CA   sing N N 156 
PHE N   H    sing N N 157 
PHE N   H2   sing N N 158 
PHE CA  C    sing N N 159 
PHE CA  CB   sing N N 160 
PHE CA  HA   sing N N 161 
PHE C   O    doub N N 162 
PHE C   OXT  sing N N 163 
PHE CB  CG   sing N N 164 
PHE CB  HB2  sing N N 165 
PHE CB  HB3  sing N N 166 
PHE CG  CD1  doub Y N 167 
PHE CG  CD2  sing Y N 168 
PHE CD1 CE1  sing Y N 169 
PHE CD1 HD1  sing N N 170 
PHE CD2 CE2  doub Y N 171 
PHE CD2 HD2  sing N N 172 
PHE CE1 CZ   doub Y N 173 
PHE CE1 HE1  sing N N 174 
PHE CE2 CZ   sing Y N 175 
PHE CE2 HE2  sing N N 176 
PHE CZ  HZ   sing N N 177 
PHE OXT HXT  sing N N 178 
VAL N   CA   sing N N 179 
VAL N   H    sing N N 180 
VAL N   H2   sing N N 181 
VAL CA  C    sing N N 182 
VAL CA  CB   sing N N 183 
VAL CA  HA   sing N N 184 
VAL C   O    doub N N 185 
VAL C   OXT  sing N N 186 
VAL CB  CG1  sing N N 187 
VAL CB  CG2  sing N N 188 
VAL CB  HB   sing N N 189 
VAL CG1 HG11 sing N N 190 
VAL CG1 HG12 sing N N 191 
VAL CG1 HG13 sing N N 192 
VAL CG2 HG21 sing N N 193 
VAL CG2 HG22 sing N N 194 
VAL CG2 HG23 sing N N 195 
VAL OXT HXT  sing N N 196 
# 
loop_
_pdbx_entity_nonpoly.entity_id 
_pdbx_entity_nonpoly.name 
_pdbx_entity_nonpoly.comp_id 
2 'CHLORIDE ION'      CL  
3 GLYCEROL            GOL 
4 'ISOPROPYL ALCOHOL' IPA 
5 water               HOH 
# 
